data_1QQH
# 
_entry.id   1QQH 
# 
_audit_conform.dict_name       mmcif_pdbx.dic 
_audit_conform.dict_version    5.386 
_audit_conform.dict_location   http://mmcif.pdb.org/dictionaries/ascii/mmcif_pdbx.dic 
# 
loop_
_database_2.database_id 
_database_2.database_code 
_database_2.pdbx_database_accession 
_database_2.pdbx_DOI 
PDB   1QQH         pdb_00001qqh 10.2210/pdb1qqh/pdb 
RCSB  RCSB009147   ?            ?                   
WWPDB D_1000009147 ?            ?                   
# 
loop_
_pdbx_audit_revision_history.ordinal 
_pdbx_audit_revision_history.data_content_type 
_pdbx_audit_revision_history.major_revision 
_pdbx_audit_revision_history.minor_revision 
_pdbx_audit_revision_history.revision_date 
1 'Structure model' 1 0 1999-06-21 
2 'Structure model' 1 1 2008-04-27 
3 'Structure model' 1 2 2011-07-13 
4 'Structure model' 1 3 2018-03-14 
5 'Structure model' 1 4 2024-02-14 
# 
_pdbx_audit_revision_details.ordinal             1 
_pdbx_audit_revision_details.revision_ordinal    1 
_pdbx_audit_revision_details.data_content_type   'Structure model' 
_pdbx_audit_revision_details.provider            repository 
_pdbx_audit_revision_details.type                'Initial release' 
_pdbx_audit_revision_details.description         ? 
_pdbx_audit_revision_details.details             ? 
# 
loop_
_pdbx_audit_revision_group.ordinal 
_pdbx_audit_revision_group.revision_ordinal 
_pdbx_audit_revision_group.data_content_type 
_pdbx_audit_revision_group.group 
1 2 'Structure model' 'Version format compliance' 
2 3 'Structure model' 'Version format compliance' 
3 4 'Structure model' 'Database references'       
4 5 'Structure model' 'Data collection'           
5 5 'Structure model' 'Database references'       
# 
loop_
_pdbx_audit_revision_category.ordinal 
_pdbx_audit_revision_category.revision_ordinal 
_pdbx_audit_revision_category.data_content_type 
_pdbx_audit_revision_category.category 
1 4 'Structure model' struct_ref_seq_dif 
2 5 'Structure model' chem_comp_atom     
3 5 'Structure model' chem_comp_bond     
4 5 'Structure model' database_2         
5 5 'Structure model' struct_ref_seq_dif 
# 
loop_
_pdbx_audit_revision_item.ordinal 
_pdbx_audit_revision_item.revision_ordinal 
_pdbx_audit_revision_item.data_content_type 
_pdbx_audit_revision_item.item 
1 4 'Structure model' '_struct_ref_seq_dif.details'         
2 5 'Structure model' '_database_2.pdbx_DOI'                
3 5 'Structure model' '_database_2.pdbx_database_accession' 
4 5 'Structure model' '_struct_ref_seq_dif.details'         
# 
_pdbx_database_status.status_code                     REL 
_pdbx_database_status.entry_id                        1QQH 
_pdbx_database_status.recvd_initial_deposition_date   1999-06-05 
_pdbx_database_status.deposit_site                    RCSB 
_pdbx_database_status.process_site                    RCSB 
_pdbx_database_status.status_code_sf                  REL 
_pdbx_database_status.SG_entry                        . 
_pdbx_database_status.pdb_format_compatible           Y 
_pdbx_database_status.status_code_mr                  ? 
_pdbx_database_status.status_code_cs                  ? 
_pdbx_database_status.methods_development_category    ? 
_pdbx_database_status.status_code_nmr_data            ? 
# 
loop_
_audit_author.name 
_audit_author.pdbx_ordinal 
'Harris, S.F.'  1 
'Botchan, M.R.' 2 
# 
_citation.id                        primary 
_citation.title                     'Crystal structure of the human papillomavirus type 18 E2 activation domain.' 
_citation.journal_abbrev            Science 
_citation.journal_volume            284 
_citation.page_first                1673 
_citation.page_last                 1677 
_citation.year                      1999 
_citation.journal_id_ASTM           SCIEAS 
_citation.country                   US 
_citation.journal_id_ISSN           0036-8075 
_citation.journal_id_CSD            0038 
_citation.book_publisher            ? 
_citation.pdbx_database_id_PubMed   10356398 
_citation.pdbx_database_id_DOI      10.1126/science.284.5420.1673 
# 
loop_
_citation_author.citation_id 
_citation_author.name 
_citation_author.ordinal 
_citation_author.identifier_ORCID 
primary 'Harris, S.F.'  1 ? 
primary 'Botchan, M.R.' 2 ? 
# 
loop_
_entity.id 
_entity.type 
_entity.src_method 
_entity.pdbx_description 
_entity.formula_weight 
_entity.pdbx_number_of_molecules 
_entity.pdbx_ec 
_entity.pdbx_mutation 
_entity.pdbx_fragment 
_entity.details 
1 polymer man 'PAPILLOMAVIRUS TRANSCRIPTION FACTOR E2' 16481.137 1   ? R90A 'AMINO ACIDS 70-213 OF N-TERMINAL ACTIVATION DOMAIN' ? 
2 water   nat water                                    18.015    142 ? ?    ?                                                    ? 
# 
_entity_keywords.entity_id   1 
_entity_keywords.text        'CONSISTENT WITH VARIANT GENBANK HPU89349' 
# 
_entity_poly.entity_id                      1 
_entity_poly.type                           'polypeptide(L)' 
_entity_poly.nstd_linkage                   no 
_entity_poly.nstd_monomer                   no 
_entity_poly.pdbx_seq_one_letter_code       
;KSKAHKAIELQMALQGLAQSAYKTEDWTLQDTCEELWNTEPTHCFKKGGQTVQVYFDGNKDNCMTYVAWDSVYYMTDAGT
WDKTATCVSHRGLYYVKEGYNTFYIEFKSECEKYGNTGTWEVHFGNNVIDCNDSMCSTSDDTVS
;
_entity_poly.pdbx_seq_one_letter_code_can   
;KSKAHKAIELQMALQGLAQSAYKTEDWTLQDTCEELWNTEPTHCFKKGGQTVQVYFDGNKDNCMTYVAWDSVYYMTDAGT
WDKTATCVSHRGLYYVKEGYNTFYIEFKSECEKYGNTGTWEVHFGNNVIDCNDSMCSTSDDTVS
;
_entity_poly.pdbx_strand_id                 A 
_entity_poly.pdbx_target_identifier         ? 
# 
_pdbx_entity_nonpoly.entity_id   2 
_pdbx_entity_nonpoly.name        water 
_pdbx_entity_nonpoly.comp_id     HOH 
# 
loop_
_entity_poly_seq.entity_id 
_entity_poly_seq.num 
_entity_poly_seq.mon_id 
_entity_poly_seq.hetero 
1 1   LYS n 
1 2   SER n 
1 3   LYS n 
1 4   ALA n 
1 5   HIS n 
1 6   LYS n 
1 7   ALA n 
1 8   ILE n 
1 9   GLU n 
1 10  LEU n 
1 11  GLN n 
1 12  MET n 
1 13  ALA n 
1 14  LEU n 
1 15  GLN n 
1 16  GLY n 
1 17  LEU n 
1 18  ALA n 
1 19  GLN n 
1 20  SER n 
1 21  ALA n 
1 22  TYR n 
1 23  LYS n 
1 24  THR n 
1 25  GLU n 
1 26  ASP n 
1 27  TRP n 
1 28  THR n 
1 29  LEU n 
1 30  GLN n 
1 31  ASP n 
1 32  THR n 
1 33  CYS n 
1 34  GLU n 
1 35  GLU n 
1 36  LEU n 
1 37  TRP n 
1 38  ASN n 
1 39  THR n 
1 40  GLU n 
1 41  PRO n 
1 42  THR n 
1 43  HIS n 
1 44  CYS n 
1 45  PHE n 
1 46  LYS n 
1 47  LYS n 
1 48  GLY n 
1 49  GLY n 
1 50  GLN n 
1 51  THR n 
1 52  VAL n 
1 53  GLN n 
1 54  VAL n 
1 55  TYR n 
1 56  PHE n 
1 57  ASP n 
1 58  GLY n 
1 59  ASN n 
1 60  LYS n 
1 61  ASP n 
1 62  ASN n 
1 63  CYS n 
1 64  MET n 
1 65  THR n 
1 66  TYR n 
1 67  VAL n 
1 68  ALA n 
1 69  TRP n 
1 70  ASP n 
1 71  SER n 
1 72  VAL n 
1 73  TYR n 
1 74  TYR n 
1 75  MET n 
1 76  THR n 
1 77  ASP n 
1 78  ALA n 
1 79  GLY n 
1 80  THR n 
1 81  TRP n 
1 82  ASP n 
1 83  LYS n 
1 84  THR n 
1 85  ALA n 
1 86  THR n 
1 87  CYS n 
1 88  VAL n 
1 89  SER n 
1 90  HIS n 
1 91  ARG n 
1 92  GLY n 
1 93  LEU n 
1 94  TYR n 
1 95  TYR n 
1 96  VAL n 
1 97  LYS n 
1 98  GLU n 
1 99  GLY n 
1 100 TYR n 
1 101 ASN n 
1 102 THR n 
1 103 PHE n 
1 104 TYR n 
1 105 ILE n 
1 106 GLU n 
1 107 PHE n 
1 108 LYS n 
1 109 SER n 
1 110 GLU n 
1 111 CYS n 
1 112 GLU n 
1 113 LYS n 
1 114 TYR n 
1 115 GLY n 
1 116 ASN n 
1 117 THR n 
1 118 GLY n 
1 119 THR n 
1 120 TRP n 
1 121 GLU n 
1 122 VAL n 
1 123 HIS n 
1 124 PHE n 
1 125 GLY n 
1 126 ASN n 
1 127 ASN n 
1 128 VAL n 
1 129 ILE n 
1 130 ASP n 
1 131 CYS n 
1 132 ASN n 
1 133 ASP n 
1 134 SER n 
1 135 MET n 
1 136 CYS n 
1 137 SER n 
1 138 THR n 
1 139 SER n 
1 140 ASP n 
1 141 ASP n 
1 142 THR n 
1 143 VAL n 
1 144 SER n 
# 
_entity_src_gen.entity_id                          1 
_entity_src_gen.pdbx_src_id                        1 
_entity_src_gen.pdbx_alt_source_flag               sample 
_entity_src_gen.pdbx_seq_type                      ? 
_entity_src_gen.pdbx_beg_seq_num                   ? 
_entity_src_gen.pdbx_end_seq_num                   ? 
_entity_src_gen.gene_src_common_name               ? 
_entity_src_gen.gene_src_genus                     Alphapapillomavirus 
_entity_src_gen.pdbx_gene_src_gene                 ? 
_entity_src_gen.gene_src_species                   'Human papillomavirus - 18' 
_entity_src_gen.gene_src_strain                    ? 
_entity_src_gen.gene_src_tissue                    ? 
_entity_src_gen.gene_src_tissue_fraction           ? 
_entity_src_gen.gene_src_details                   ? 
_entity_src_gen.pdbx_gene_src_fragment             ? 
_entity_src_gen.pdbx_gene_src_scientific_name      'Human papillomavirus type 18' 
_entity_src_gen.pdbx_gene_src_ncbi_taxonomy_id     333761 
_entity_src_gen.pdbx_gene_src_variant              ? 
_entity_src_gen.pdbx_gene_src_cell_line            ? 
_entity_src_gen.pdbx_gene_src_atcc                 ? 
_entity_src_gen.pdbx_gene_src_organ                ? 
_entity_src_gen.pdbx_gene_src_organelle            ? 
_entity_src_gen.pdbx_gene_src_cell                 ? 
_entity_src_gen.pdbx_gene_src_cellular_location    ? 
_entity_src_gen.host_org_common_name               ? 
_entity_src_gen.pdbx_host_org_scientific_name      'Escherichia coli' 
_entity_src_gen.pdbx_host_org_ncbi_taxonomy_id     562 
_entity_src_gen.host_org_genus                     Escherichia 
_entity_src_gen.pdbx_host_org_gene                 ? 
_entity_src_gen.pdbx_host_org_organ                ? 
_entity_src_gen.host_org_species                   ? 
_entity_src_gen.pdbx_host_org_tissue               ? 
_entity_src_gen.pdbx_host_org_tissue_fraction      ? 
_entity_src_gen.pdbx_host_org_strain               ? 
_entity_src_gen.pdbx_host_org_variant              ? 
_entity_src_gen.pdbx_host_org_cell_line            ? 
_entity_src_gen.pdbx_host_org_atcc                 ? 
_entity_src_gen.pdbx_host_org_culture_collection   ? 
_entity_src_gen.pdbx_host_org_cell                 ? 
_entity_src_gen.pdbx_host_org_organelle            ? 
_entity_src_gen.pdbx_host_org_cellular_location    ? 
_entity_src_gen.pdbx_host_org_vector_type          PLASMID 
_entity_src_gen.pdbx_host_org_vector               ? 
_entity_src_gen.host_org_details                   ? 
_entity_src_gen.expression_system_id               ? 
_entity_src_gen.plasmid_name                       'PGEX-2TK (GST FUSION)' 
_entity_src_gen.plasmid_details                    ? 
_entity_src_gen.pdbx_description                   ? 
# 
loop_
_chem_comp.id 
_chem_comp.type 
_chem_comp.mon_nstd_flag 
_chem_comp.name 
_chem_comp.pdbx_synonyms 
_chem_comp.formula 
_chem_comp.formula_weight 
ALA 'L-peptide linking' y ALANINE         ? 'C3 H7 N O2'     89.093  
ARG 'L-peptide linking' y ARGININE        ? 'C6 H15 N4 O2 1' 175.209 
ASN 'L-peptide linking' y ASPARAGINE      ? 'C4 H8 N2 O3'    132.118 
ASP 'L-peptide linking' y 'ASPARTIC ACID' ? 'C4 H7 N O4'     133.103 
CYS 'L-peptide linking' y CYSTEINE        ? 'C3 H7 N O2 S'   121.158 
GLN 'L-peptide linking' y GLUTAMINE       ? 'C5 H10 N2 O3'   146.144 
GLU 'L-peptide linking' y 'GLUTAMIC ACID' ? 'C5 H9 N O4'     147.129 
GLY 'peptide linking'   y GLYCINE         ? 'C2 H5 N O2'     75.067  
HIS 'L-peptide linking' y HISTIDINE       ? 'C6 H10 N3 O2 1' 156.162 
HOH non-polymer         . WATER           ? 'H2 O'           18.015  
ILE 'L-peptide linking' y ISOLEUCINE      ? 'C6 H13 N O2'    131.173 
LEU 'L-peptide linking' y LEUCINE         ? 'C6 H13 N O2'    131.173 
LYS 'L-peptide linking' y LYSINE          ? 'C6 H15 N2 O2 1' 147.195 
MET 'L-peptide linking' y METHIONINE      ? 'C5 H11 N O2 S'  149.211 
PHE 'L-peptide linking' y PHENYLALANINE   ? 'C9 H11 N O2'    165.189 
PRO 'L-peptide linking' y PROLINE         ? 'C5 H9 N O2'     115.130 
SER 'L-peptide linking' y SERINE          ? 'C3 H7 N O3'     105.093 
THR 'L-peptide linking' y THREONINE       ? 'C4 H9 N O3'     119.119 
TRP 'L-peptide linking' y TRYPTOPHAN      ? 'C11 H12 N2 O2'  204.225 
TYR 'L-peptide linking' y TYROSINE        ? 'C9 H11 N O3'    181.189 
VAL 'L-peptide linking' y VALINE          ? 'C5 H11 N O2'    117.146 
# 
loop_
_pdbx_poly_seq_scheme.asym_id 
_pdbx_poly_seq_scheme.entity_id 
_pdbx_poly_seq_scheme.seq_id 
_pdbx_poly_seq_scheme.mon_id 
_pdbx_poly_seq_scheme.ndb_seq_num 
_pdbx_poly_seq_scheme.pdb_seq_num 
_pdbx_poly_seq_scheme.auth_seq_num 
_pdbx_poly_seq_scheme.pdb_mon_id 
_pdbx_poly_seq_scheme.auth_mon_id 
_pdbx_poly_seq_scheme.pdb_strand_id 
_pdbx_poly_seq_scheme.pdb_ins_code 
_pdbx_poly_seq_scheme.hetero 
A 1 1   LYS 1   66  66  LYS LYS A . n 
A 1 2   SER 2   67  67  SER SER A . n 
A 1 3   LYS 3   68  68  LYS LYS A . n 
A 1 4   ALA 4   69  69  ALA ALA A . n 
A 1 5   HIS 5   70  70  HIS HIS A . n 
A 1 6   LYS 6   71  71  LYS LYS A . n 
A 1 7   ALA 7   72  72  ALA ALA A . n 
A 1 8   ILE 8   73  73  ILE ILE A . n 
A 1 9   GLU 9   74  74  GLU GLU A . n 
A 1 10  LEU 10  75  75  LEU LEU A . n 
A 1 11  GLN 11  76  76  GLN GLN A . n 
A 1 12  MET 12  77  77  MET MET A . n 
A 1 13  ALA 13  78  78  ALA ALA A . n 
A 1 14  LEU 14  79  79  LEU LEU A . n 
A 1 15  GLN 15  80  80  GLN GLN A . n 
A 1 16  GLY 16  81  81  GLY GLY A . n 
A 1 17  LEU 17  82  82  LEU LEU A . n 
A 1 18  ALA 18  83  83  ALA ALA A . n 
A 1 19  GLN 19  84  84  GLN GLN A . n 
A 1 20  SER 20  85  85  SER SER A . n 
A 1 21  ALA 21  86  86  ALA ALA A . n 
A 1 22  TYR 22  87  87  TYR TYR A . n 
A 1 23  LYS 23  88  88  LYS LYS A . n 
A 1 24  THR 24  89  89  THR THR A . n 
A 1 25  GLU 25  90  90  GLU GLU A . n 
A 1 26  ASP 26  91  91  ASP ASP A . n 
A 1 27  TRP 27  92  92  TRP TRP A . n 
A 1 28  THR 28  93  93  THR THR A . n 
A 1 29  LEU 29  94  94  LEU LEU A . n 
A 1 30  GLN 30  95  95  GLN GLN A . n 
A 1 31  ASP 31  96  96  ASP ASP A . n 
A 1 32  THR 32  97  97  THR THR A . n 
A 1 33  CYS 33  98  98  CYS CYS A . n 
A 1 34  GLU 34  99  99  GLU GLU A . n 
A 1 35  GLU 35  100 100 GLU GLU A . n 
A 1 36  LEU 36  101 101 LEU LEU A . n 
A 1 37  TRP 37  102 102 TRP TRP A . n 
A 1 38  ASN 38  103 103 ASN ASN A . n 
A 1 39  THR 39  104 104 THR THR A . n 
A 1 40  GLU 40  105 105 GLU GLU A . n 
A 1 41  PRO 41  106 106 PRO PRO A . n 
A 1 42  THR 42  107 107 THR THR A . n 
A 1 43  HIS 43  108 108 HIS HIS A . n 
A 1 44  CYS 44  109 109 CYS CYS A . n 
A 1 45  PHE 45  110 110 PHE PHE A . n 
A 1 46  LYS 46  111 111 LYS LYS A . n 
A 1 47  LYS 47  112 112 LYS LYS A . n 
A 1 48  GLY 48  113 113 GLY GLY A . n 
A 1 49  GLY 49  114 114 GLY GLY A . n 
A 1 50  GLN 50  115 115 GLN GLN A . n 
A 1 51  THR 51  116 116 THR THR A . n 
A 1 52  VAL 52  117 117 VAL VAL A . n 
A 1 53  GLN 53  118 118 GLN GLN A . n 
A 1 54  VAL 54  119 119 VAL VAL A . n 
A 1 55  TYR 55  120 120 TYR TYR A . n 
A 1 56  PHE 56  121 121 PHE PHE A . n 
A 1 57  ASP 57  122 122 ASP ASP A . n 
A 1 58  GLY 58  123 123 GLY GLY A . n 
A 1 59  ASN 59  124 124 ASN ASN A . n 
A 1 60  LYS 60  125 125 LYS LYS A . n 
A 1 61  ASP 61  126 126 ASP ASP A . n 
A 1 62  ASN 62  127 127 ASN ASN A . n 
A 1 63  CYS 63  128 128 CYS CYS A . n 
A 1 64  MET 64  129 129 MET MET A . n 
A 1 65  THR 65  130 130 THR THR A . n 
A 1 66  TYR 66  131 131 TYR TYR A . n 
A 1 67  VAL 67  132 132 VAL VAL A . n 
A 1 68  ALA 68  133 133 ALA ALA A . n 
A 1 69  TRP 69  134 134 TRP TRP A . n 
A 1 70  ASP 70  135 135 ASP ASP A . n 
A 1 71  SER 71  136 136 SER SER A . n 
A 1 72  VAL 72  137 137 VAL VAL A . n 
A 1 73  TYR 73  138 138 TYR TYR A . n 
A 1 74  TYR 74  139 139 TYR TYR A . n 
A 1 75  MET 75  140 140 MET MET A . n 
A 1 76  THR 76  141 141 THR THR A . n 
A 1 77  ASP 77  142 142 ASP ASP A . n 
A 1 78  ALA 78  143 143 ALA ALA A . n 
A 1 79  GLY 79  144 144 GLY GLY A . n 
A 1 80  THR 80  145 145 THR THR A . n 
A 1 81  TRP 81  146 146 TRP TRP A . n 
A 1 82  ASP 82  147 147 ASP ASP A . n 
A 1 83  LYS 83  148 148 LYS LYS A . n 
A 1 84  THR 84  149 149 THR THR A . n 
A 1 85  ALA 85  150 150 ALA ALA A . n 
A 1 86  THR 86  151 151 THR THR A . n 
A 1 87  CYS 87  152 152 CYS CYS A . n 
A 1 88  VAL 88  153 153 VAL VAL A . n 
A 1 89  SER 89  154 154 SER SER A . n 
A 1 90  HIS 90  155 155 HIS HIS A . n 
A 1 91  ARG 91  156 156 ARG ARG A . n 
A 1 92  GLY 92  157 157 GLY GLY A . n 
A 1 93  LEU 93  158 158 LEU LEU A . n 
A 1 94  TYR 94  159 159 TYR TYR A . n 
A 1 95  TYR 95  160 160 TYR TYR A . n 
A 1 96  VAL 96  161 161 VAL VAL A . n 
A 1 97  LYS 97  162 162 LYS LYS A . n 
A 1 98  GLU 98  163 163 GLU GLU A . n 
A 1 99  GLY 99  164 164 GLY GLY A . n 
A 1 100 TYR 100 165 165 TYR TYR A . n 
A 1 101 ASN 101 166 166 ASN ASN A . n 
A 1 102 THR 102 167 167 THR THR A . n 
A 1 103 PHE 103 168 168 PHE PHE A . n 
A 1 104 TYR 104 169 169 TYR TYR A . n 
A 1 105 ILE 105 170 170 ILE ILE A . n 
A 1 106 GLU 106 171 171 GLU GLU A . n 
A 1 107 PHE 107 172 172 PHE PHE A . n 
A 1 108 LYS 108 173 173 LYS LYS A . n 
A 1 109 SER 109 174 174 SER SER A . n 
A 1 110 GLU 110 175 175 GLU GLU A . n 
A 1 111 CYS 111 176 176 CYS CYS A . n 
A 1 112 GLU 112 177 177 GLU GLU A . n 
A 1 113 LYS 113 178 178 LYS LYS A . n 
A 1 114 TYR 114 179 179 TYR TYR A . n 
A 1 115 GLY 115 180 180 GLY GLY A . n 
A 1 116 ASN 116 181 181 ASN ASN A . n 
A 1 117 THR 117 182 182 THR THR A . n 
A 1 118 GLY 118 183 183 GLY GLY A . n 
A 1 119 THR 119 184 184 THR THR A . n 
A 1 120 TRP 120 185 185 TRP TRP A . n 
A 1 121 GLU 121 186 186 GLU GLU A . n 
A 1 122 VAL 122 187 187 VAL VAL A . n 
A 1 123 HIS 123 188 188 HIS HIS A . n 
A 1 124 PHE 124 189 189 PHE PHE A . n 
A 1 125 GLY 125 190 190 GLY GLY A . n 
A 1 126 ASN 126 191 191 ASN ASN A . n 
A 1 127 ASN 127 192 192 ASN ASN A . n 
A 1 128 VAL 128 193 193 VAL VAL A . n 
A 1 129 ILE 129 194 194 ILE ILE A . n 
A 1 130 ASP 130 195 195 ASP ASP A . n 
A 1 131 CYS 131 196 196 CYS CYS A . n 
A 1 132 ASN 132 197 197 ASN ASN A . n 
A 1 133 ASP 133 198 198 ASP ASP A . n 
A 1 134 SER 134 199 199 SER SER A . n 
A 1 135 MET 135 200 200 MET MET A . n 
A 1 136 CYS 136 201 201 CYS CYS A . n 
A 1 137 SER 137 202 202 SER SER A . n 
A 1 138 THR 138 203 203 THR THR A . n 
A 1 139 SER 139 204 204 SER SER A . n 
A 1 140 ASP 140 205 205 ASP ASP A . n 
A 1 141 ASP 141 206 206 ASP ASP A . n 
A 1 142 THR 142 207 207 THR THR A . n 
A 1 143 VAL 143 208 208 VAL VAL A . n 
A 1 144 SER 144 209 209 SER SER A . n 
# 
loop_
_pdbx_nonpoly_scheme.asym_id 
_pdbx_nonpoly_scheme.entity_id 
_pdbx_nonpoly_scheme.mon_id 
_pdbx_nonpoly_scheme.ndb_seq_num 
_pdbx_nonpoly_scheme.pdb_seq_num 
_pdbx_nonpoly_scheme.auth_seq_num 
_pdbx_nonpoly_scheme.pdb_mon_id 
_pdbx_nonpoly_scheme.auth_mon_id 
_pdbx_nonpoly_scheme.pdb_strand_id 
_pdbx_nonpoly_scheme.pdb_ins_code 
B 2 HOH 1   300 300 HOH WAT A . 
B 2 HOH 2   301 301 HOH WAT A . 
B 2 HOH 3   302 302 HOH WAT A . 
B 2 HOH 4   303 303 HOH WAT A . 
B 2 HOH 5   304 304 HOH WAT A . 
B 2 HOH 6   305 305 HOH WAT A . 
B 2 HOH 7   306 306 HOH WAT A . 
B 2 HOH 8   307 307 HOH WAT A . 
B 2 HOH 9   308 308 HOH WAT A . 
B 2 HOH 10  309 309 HOH WAT A . 
B 2 HOH 11  310 310 HOH WAT A . 
B 2 HOH 12  311 311 HOH WAT A . 
B 2 HOH 13  312 312 HOH WAT A . 
B 2 HOH 14  313 313 HOH WAT A . 
B 2 HOH 15  314 314 HOH WAT A . 
B 2 HOH 16  315 315 HOH WAT A . 
B 2 HOH 17  316 316 HOH WAT A . 
B 2 HOH 18  317 317 HOH WAT A . 
B 2 HOH 19  318 318 HOH WAT A . 
B 2 HOH 20  319 319 HOH WAT A . 
B 2 HOH 21  320 320 HOH WAT A . 
B 2 HOH 22  321 321 HOH WAT A . 
B 2 HOH 23  322 322 HOH WAT A . 
B 2 HOH 24  323 323 HOH WAT A . 
B 2 HOH 25  324 324 HOH WAT A . 
B 2 HOH 26  325 325 HOH WAT A . 
B 2 HOH 27  326 326 HOH WAT A . 
B 2 HOH 28  327 327 HOH WAT A . 
B 2 HOH 29  328 328 HOH WAT A . 
B 2 HOH 30  329 329 HOH WAT A . 
B 2 HOH 31  330 330 HOH WAT A . 
B 2 HOH 32  331 331 HOH WAT A . 
B 2 HOH 33  332 332 HOH WAT A . 
B 2 HOH 34  333 333 HOH WAT A . 
B 2 HOH 35  334 334 HOH WAT A . 
B 2 HOH 36  335 335 HOH WAT A . 
B 2 HOH 37  336 336 HOH WAT A . 
B 2 HOH 38  337 337 HOH WAT A . 
B 2 HOH 39  338 338 HOH WAT A . 
B 2 HOH 40  339 339 HOH WAT A . 
B 2 HOH 41  340 340 HOH WAT A . 
B 2 HOH 42  341 341 HOH WAT A . 
B 2 HOH 43  342 342 HOH WAT A . 
B 2 HOH 44  343 343 HOH WAT A . 
B 2 HOH 45  344 344 HOH WAT A . 
B 2 HOH 46  345 345 HOH WAT A . 
B 2 HOH 47  346 346 HOH WAT A . 
B 2 HOH 48  347 347 HOH WAT A . 
B 2 HOH 49  348 348 HOH WAT A . 
B 2 HOH 50  349 349 HOH WAT A . 
B 2 HOH 51  350 350 HOH WAT A . 
B 2 HOH 52  351 351 HOH WAT A . 
B 2 HOH 53  352 352 HOH WAT A . 
B 2 HOH 54  353 353 HOH WAT A . 
B 2 HOH 55  354 354 HOH WAT A . 
B 2 HOH 56  355 355 HOH WAT A . 
B 2 HOH 57  356 356 HOH WAT A . 
B 2 HOH 58  357 357 HOH WAT A . 
B 2 HOH 59  358 358 HOH WAT A . 
B 2 HOH 60  359 359 HOH WAT A . 
B 2 HOH 61  360 360 HOH WAT A . 
B 2 HOH 62  361 361 HOH WAT A . 
B 2 HOH 63  362 362 HOH WAT A . 
B 2 HOH 64  363 363 HOH WAT A . 
B 2 HOH 65  364 364 HOH WAT A . 
B 2 HOH 66  365 365 HOH WAT A . 
B 2 HOH 67  366 366 HOH WAT A . 
B 2 HOH 68  367 367 HOH WAT A . 
B 2 HOH 69  368 368 HOH WAT A . 
B 2 HOH 70  369 369 HOH WAT A . 
B 2 HOH 71  370 370 HOH WAT A . 
B 2 HOH 72  371 371 HOH WAT A . 
B 2 HOH 73  372 372 HOH WAT A . 
B 2 HOH 74  373 373 HOH WAT A . 
B 2 HOH 75  374 374 HOH WAT A . 
B 2 HOH 76  375 375 HOH WAT A . 
B 2 HOH 77  376 376 HOH WAT A . 
B 2 HOH 78  377 377 HOH WAT A . 
B 2 HOH 79  378 378 HOH WAT A . 
B 2 HOH 80  379 379 HOH WAT A . 
B 2 HOH 81  380 380 HOH WAT A . 
B 2 HOH 82  381 381 HOH WAT A . 
B 2 HOH 83  382 382 HOH WAT A . 
B 2 HOH 84  383 383 HOH WAT A . 
B 2 HOH 85  384 384 HOH WAT A . 
B 2 HOH 86  385 385 HOH WAT A . 
B 2 HOH 87  386 386 HOH WAT A . 
B 2 HOH 88  387 387 HOH WAT A . 
B 2 HOH 89  388 388 HOH WAT A . 
B 2 HOH 90  389 389 HOH WAT A . 
B 2 HOH 91  390 390 HOH WAT A . 
B 2 HOH 92  391 391 HOH WAT A . 
B 2 HOH 93  392 392 HOH WAT A . 
B 2 HOH 94  393 393 HOH WAT A . 
B 2 HOH 95  394 394 HOH WAT A . 
B 2 HOH 96  395 395 HOH WAT A . 
B 2 HOH 97  396 396 HOH WAT A . 
B 2 HOH 98  397 397 HOH WAT A . 
B 2 HOH 99  398 398 HOH WAT A . 
B 2 HOH 100 399 399 HOH WAT A . 
B 2 HOH 101 400 400 HOH WAT A . 
B 2 HOH 102 401 401 HOH WAT A . 
B 2 HOH 103 402 402 HOH WAT A . 
B 2 HOH 104 403 403 HOH WAT A . 
B 2 HOH 105 404 404 HOH WAT A . 
B 2 HOH 106 405 405 HOH WAT A . 
B 2 HOH 107 406 406 HOH WAT A . 
B 2 HOH 108 407 407 HOH WAT A . 
B 2 HOH 109 408 408 HOH WAT A . 
B 2 HOH 110 409 409 HOH WAT A . 
B 2 HOH 111 410 410 HOH WAT A . 
B 2 HOH 112 411 411 HOH WAT A . 
B 2 HOH 113 412 412 HOH WAT A . 
B 2 HOH 114 413 413 HOH WAT A . 
B 2 HOH 115 414 414 HOH WAT A . 
B 2 HOH 116 415 415 HOH WAT A . 
B 2 HOH 117 416 416 HOH WAT A . 
B 2 HOH 118 417 417 HOH WAT A . 
B 2 HOH 119 418 418 HOH WAT A . 
B 2 HOH 120 419 419 HOH WAT A . 
B 2 HOH 121 420 420 HOH WAT A . 
B 2 HOH 122 421 421 HOH WAT A . 
B 2 HOH 123 422 422 HOH WAT A . 
B 2 HOH 124 423 423 HOH WAT A . 
B 2 HOH 125 424 424 HOH WAT A . 
B 2 HOH 126 425 425 HOH WAT A . 
B 2 HOH 127 426 426 HOH WAT A . 
B 2 HOH 128 427 427 HOH WAT A . 
B 2 HOH 129 428 428 HOH WAT A . 
B 2 HOH 130 429 429 HOH WAT A . 
B 2 HOH 131 430 430 HOH WAT A . 
B 2 HOH 132 431 431 HOH WAT A . 
B 2 HOH 133 432 432 HOH WAT A . 
B 2 HOH 134 433 433 HOH WAT A . 
B 2 HOH 135 434 434 HOH WAT A . 
B 2 HOH 136 435 435 HOH WAT A . 
B 2 HOH 137 436 436 HOH WAT A . 
B 2 HOH 138 437 437 HOH WAT A . 
B 2 HOH 139 438 438 HOH WAT A . 
B 2 HOH 140 439 439 HOH WAT A . 
B 2 HOH 141 440 440 HOH WAT A . 
B 2 HOH 142 441 441 HOH WAT A . 
# 
loop_
_software.name 
_software.classification 
_software.version 
_software.citation_id 
_software.pdbx_ordinal 
SOLVE     phasing          .   ? 1 
CNS       refinement       0.5 ? 2 
DENZO     'data reduction' .   ? 3 
SCALEPACK 'data scaling'   .   ? 4 
# 
_cell.entry_id           1QQH 
_cell.length_a           76.240 
_cell.length_b           76.240 
_cell.length_c           158.350 
_cell.angle_alpha        90.00 
_cell.angle_beta         90.00 
_cell.angle_gamma        120.00 
_cell.Z_PDB              12 
_cell.pdbx_unique_axis   ? 
# 
_symmetry.entry_id                         1QQH 
_symmetry.space_group_name_H-M             'P 65 2 2' 
_symmetry.pdbx_full_space_group_name_H-M   ? 
_symmetry.cell_setting                     ? 
_symmetry.Int_Tables_number                179 
# 
_exptl.entry_id          1QQH 
_exptl.method            'X-RAY DIFFRACTION' 
_exptl.crystals_number   3 
# 
_exptl_crystal.id                    1 
_exptl_crystal.density_meas          ? 
_exptl_crystal.density_Matthews      4.03 
_exptl_crystal.density_percent_sol   69.48 
_exptl_crystal.description           ? 
# 
_exptl_crystal_grow.crystal_id      1 
_exptl_crystal_grow.method          'VAPOR DIFFUSION' 
_exptl_crystal_grow.temp            277.0 
_exptl_crystal_grow.temp_details    ? 
_exptl_crystal_grow.pH              4.0 
_exptl_crystal_grow.pdbx_details    'AMMONIUM PHOSPHATE, TRIS, pH 4.0, VAPOR DIFFUSION, temperature 277.0K' 
_exptl_crystal_grow.pdbx_pH_range   . 
# 
loop_
_diffrn.id 
_diffrn.ambient_temp 
_diffrn.ambient_temp_details 
_diffrn.crystal_id 
1 200 ? 1 
2 ?   ? 1 
3 ?   ? 1 
4 ?   ? 1 
# 
_diffrn_detector.diffrn_id              1 
_diffrn_detector.detector               CCD 
_diffrn_detector.type                   'ADSC QUANTUM 4' 
_diffrn_detector.pdbx_collection_date   1997-12-20 
_diffrn_detector.details                ? 
# 
loop_
_diffrn_radiation.diffrn_id 
_diffrn_radiation.wavelength_id 
_diffrn_radiation.pdbx_monochromatic_or_laue_m_l 
_diffrn_radiation.monochromator 
_diffrn_radiation.pdbx_diffrn_protocol 
_diffrn_radiation.pdbx_scattering_type 
1 1 M ? MAD x-ray 
2 1 M ? MAD x-ray 
3 1 M ? MAD x-ray 
4 1 M ? MAD x-ray 
# 
_diffrn_radiation_wavelength.id           1 
_diffrn_radiation_wavelength.wavelength   1.00 
_diffrn_radiation_wavelength.wt           1.0 
# 
_diffrn_source.diffrn_id                   1 
_diffrn_source.source                      SYNCHROTRON 
_diffrn_source.type                        'ALS BEAMLINE 5.0.2' 
_diffrn_source.pdbx_synchrotron_site       ALS 
_diffrn_source.pdbx_synchrotron_beamline   5.0.2 
_diffrn_source.pdbx_wavelength             1.00 
_diffrn_source.pdbx_wavelength_list        ? 
# 
_reflns.entry_id                     1QQH 
_reflns.observed_criterion_sigma_I   ? 
_reflns.observed_criterion_sigma_F   0 
_reflns.d_resolution_low             30 
_reflns.d_resolution_high            2.0 
_reflns.number_obs                   16635 
_reflns.number_all                   ? 
_reflns.percent_possible_obs         99 
_reflns.pdbx_Rmerge_I_obs            0.0520000 
_reflns.pdbx_Rsym_value              ? 
_reflns.pdbx_netI_over_sigmaI        28.9 
_reflns.B_iso_Wilson_estimate        38.4 
_reflns.pdbx_redundancy              8.2 
_reflns.R_free_details               ? 
_reflns.limit_h_max                  ? 
_reflns.limit_h_min                  ? 
_reflns.limit_k_max                  ? 
_reflns.limit_k_min                  ? 
_reflns.limit_l_max                  ? 
_reflns.limit_l_min                  ? 
_reflns.observed_criterion_F_max     ? 
_reflns.observed_criterion_F_min     ? 
_reflns.pdbx_diffrn_id               1,2,3,4 
_reflns.pdbx_ordinal                 1 
# 
_reflns_shell.d_res_high             2.1 
_reflns_shell.d_res_low              2.17 
_reflns_shell.percent_possible_all   ? 
_reflns_shell.Rmerge_I_obs           0.4370000 
_reflns_shell.pdbx_Rsym_value        ? 
_reflns_shell.meanI_over_sigI_obs    ? 
_reflns_shell.pdbx_redundancy        ? 
_reflns_shell.percent_possible_obs   ? 
_reflns_shell.number_unique_all      ? 
_reflns_shell.pdbx_diffrn_id         ? 
_reflns_shell.pdbx_ordinal           1 
# 
_refine.entry_id                                 1QQH 
_refine.ls_number_reflns_obs                     16126 
_refine.ls_number_reflns_all                     ? 
_refine.pdbx_ls_sigma_I                          ? 
_refine.pdbx_ls_sigma_F                          0.0 
_refine.pdbx_data_cutoff_high_absF               2277455.97 
_refine.pdbx_data_cutoff_low_absF                0.00 
_refine.pdbx_data_cutoff_high_rms_absF           ? 
_refine.ls_d_res_low                             20.00 
_refine.ls_d_res_high                            2.10 
_refine.ls_percent_reflns_obs                    97.2 
_refine.ls_R_factor_obs                          0.2560000 
_refine.ls_R_factor_all                          ? 
_refine.ls_R_factor_R_work                       0.2560000 
_refine.ls_R_factor_R_free                       0.2970000 
_refine.ls_R_factor_R_free_error                 0.007 
_refine.ls_R_factor_R_free_error_details         ? 
_refine.ls_percent_reflns_R_free                 10.4 
_refine.ls_number_reflns_R_free                  1672 
_refine.ls_number_parameters                     ? 
_refine.ls_number_restraints                     ? 
_refine.occupancy_min                            ? 
_refine.occupancy_max                            ? 
_refine.B_iso_mean                               49.8 
_refine.aniso_B[1][1]                            4.66 
_refine.aniso_B[2][2]                            4.66 
_refine.aniso_B[3][3]                            -9.32 
_refine.aniso_B[1][2]                            6.90 
_refine.aniso_B[1][3]                            0.00 
_refine.aniso_B[2][3]                            0.00 
_refine.solvent_model_details                    'FLAT MODEL' 
_refine.solvent_model_param_ksol                 0.356 
_refine.solvent_model_param_bsol                 45.68 
_refine.pdbx_ls_cross_valid_method               THROUGHOUT 
_refine.details                                  ? 
_refine.pdbx_starting_model                      ? 
_refine.pdbx_method_to_determine_struct          ? 
_refine.pdbx_isotropic_thermal_model             RESTRAINED 
_refine.pdbx_stereochemistry_target_values       ? 
_refine.pdbx_stereochem_target_val_spec_case     ? 
_refine.pdbx_R_Free_selection_details            ? 
_refine.pdbx_overall_ESU_R                       ? 
_refine.pdbx_overall_ESU_R_Free                  ? 
_refine.overall_SU_ML                            ? 
_refine.overall_SU_B                             ? 
_refine.ls_redundancy_reflns_obs                 ? 
_refine.B_iso_min                                ? 
_refine.B_iso_max                                ? 
_refine.pdbx_refine_id                           'X-RAY DIFFRACTION' 
_refine.pdbx_diffrn_id                           1 
_refine.pdbx_TLS_residual_ADP_flag               ? 
_refine.correlation_coeff_Fo_to_Fc               ? 
_refine.correlation_coeff_Fo_to_Fc_free          ? 
_refine.pdbx_solvent_vdw_probe_radii             ? 
_refine.pdbx_solvent_ion_probe_radii             ? 
_refine.pdbx_solvent_shrinkage_radii             ? 
_refine.pdbx_overall_phase_error                 ? 
_refine.overall_SU_R_Cruickshank_DPI             ? 
_refine.pdbx_overall_SU_R_free_Cruickshank_DPI   ? 
_refine.pdbx_overall_SU_R_Blow_DPI               ? 
_refine.pdbx_overall_SU_R_free_Blow_DPI          ? 
# 
_refine_analyze.entry_id                        1QQH 
_refine_analyze.Luzzati_coordinate_error_obs    0.34 
_refine_analyze.Luzzati_sigma_a_obs             0.41 
_refine_analyze.Luzzati_d_res_low_obs           5.00 
_refine_analyze.Luzzati_coordinate_error_free   0.42 
_refine_analyze.Luzzati_sigma_a_free            0.47 
_refine_analyze.Luzzati_d_res_low_free          ? 
_refine_analyze.number_disordered_residues      ? 
_refine_analyze.occupancy_sum_hydrogen          ? 
_refine_analyze.occupancy_sum_non_hydrogen      ? 
_refine_analyze.pdbx_Luzzati_d_res_high_obs     ? 
_refine_analyze.pdbx_refine_id                  'X-RAY DIFFRACTION' 
# 
_refine_hist.pdbx_refine_id                   'X-RAY DIFFRACTION' 
_refine_hist.cycle_id                         LAST 
_refine_hist.pdbx_number_atoms_protein        1154 
_refine_hist.pdbx_number_atoms_nucleic_acid   0 
_refine_hist.pdbx_number_atoms_ligand         0 
_refine_hist.number_atoms_solvent             142 
_refine_hist.number_atoms_total               1296 
_refine_hist.d_res_high                       2.10 
_refine_hist.d_res_low                        20.00 
# 
loop_
_refine_ls_restr.type 
_refine_ls_restr.dev_ideal 
_refine_ls_restr.dev_ideal_target 
_refine_ls_restr.weight 
_refine_ls_restr.number 
_refine_ls_restr.pdbx_refine_id 
_refine_ls_restr.pdbx_restraint_function 
c_bond_d                0.006 ?    ? ? 'X-RAY DIFFRACTION' ? 
c_bond_d_na             ?     ?    ? ? 'X-RAY DIFFRACTION' ? 
c_bond_d_prot           ?     ?    ? ? 'X-RAY DIFFRACTION' ? 
c_angle_d               ?     ?    ? ? 'X-RAY DIFFRACTION' ? 
c_angle_d_na            ?     ?    ? ? 'X-RAY DIFFRACTION' ? 
c_angle_d_prot          ?     ?    ? ? 'X-RAY DIFFRACTION' ? 
c_angle_deg             1.1   ?    ? ? 'X-RAY DIFFRACTION' ? 
c_angle_deg_na          ?     ?    ? ? 'X-RAY DIFFRACTION' ? 
c_angle_deg_prot        ?     ?    ? ? 'X-RAY DIFFRACTION' ? 
c_dihedral_angle_d      ?     ?    ? ? 'X-RAY DIFFRACTION' ? 
c_dihedral_angle_d_na   ?     ?    ? ? 'X-RAY DIFFRACTION' ? 
c_dihedral_angle_d_prot ?     ?    ? ? 'X-RAY DIFFRACTION' ? 
c_improper_angle_d      ?     ?    ? ? 'X-RAY DIFFRACTION' ? 
c_improper_angle_d_na   ?     ?    ? ? 'X-RAY DIFFRACTION' ? 
c_improper_angle_d_prot ?     ?    ? ? 'X-RAY DIFFRACTION' ? 
c_mcbond_it             1.46  1.50 ? ? 'X-RAY DIFFRACTION' ? 
c_mcangle_it            2.61  2.00 ? ? 'X-RAY DIFFRACTION' ? 
c_scbond_it             1.73  2.00 ? ? 'X-RAY DIFFRACTION' ? 
c_scangle_it            2.80  2.50 ? ? 'X-RAY DIFFRACTION' ? 
# 
_refine_ls_shell.pdbx_total_number_of_bins_used   6 
_refine_ls_shell.d_res_high                       2.10 
_refine_ls_shell.d_res_low                        2.23 
_refine_ls_shell.number_reflns_R_work             2213 
_refine_ls_shell.R_factor_R_work                  0.3330000 
_refine_ls_shell.percent_reflns_obs               91.8 
_refine_ls_shell.R_factor_R_free                  0.3590000 
_refine_ls_shell.R_factor_R_free_error            0.022 
_refine_ls_shell.percent_reflns_R_free            10.5 
_refine_ls_shell.number_reflns_R_free             259 
_refine_ls_shell.redundancy_reflns_obs            ? 
_refine_ls_shell.number_reflns_all                ? 
_refine_ls_shell.number_reflns_obs                ? 
_refine_ls_shell.pdbx_refine_id                   'X-RAY DIFFRACTION' 
_refine_ls_shell.R_factor_all                     ? 
# 
loop_
_pdbx_xplor_file.serial_no 
_pdbx_xplor_file.param_file 
_pdbx_xplor_file.topol_file 
_pdbx_xplor_file.pdbx_refine_id 
1 PROTEIN_REP.PA PROTEIN.TOP 'X-RAY DIFFRACTION' 
2 WATER_REP.PARA WATER.TOP   'X-RAY DIFFRACTION' 
# 
_struct.entry_id                  1QQH 
_struct.title                     '2.1 A CRYSTAL STRUCTURE OF THE HUMAN PAPILLOMAVIRUS TYPE 18 E2 ACTIVATION DOMAIN' 
_struct.pdbx_model_details        ? 
_struct.pdbx_CASP_flag            ? 
_struct.pdbx_model_type_details   ? 
# 
_struct_keywords.entry_id        1QQH 
_struct_keywords.pdbx_keywords   'VIRAL PROTEIN' 
_struct_keywords.text            'AMPHIPATHIC HELIX, CASHEW/KIDNEY SHAPE, Viral protein' 
# 
loop_
_struct_asym.id 
_struct_asym.pdbx_blank_PDB_chainid_flag 
_struct_asym.pdbx_modified 
_struct_asym.entity_id 
_struct_asym.details 
A N N 1 ? 
B N N 2 ? 
# 
_struct_ref.id                         1 
_struct_ref.db_name                    UNP 
_struct_ref.db_code                    VE2_HPV18 
_struct_ref.entity_id                  1 
_struct_ref.pdbx_db_accession          P06790 
_struct_ref.pdbx_align_begin           ? 
_struct_ref.pdbx_seq_one_letter_code   ? 
_struct_ref.pdbx_db_isoform            ? 
# 
_struct_ref_seq.align_id                      1 
_struct_ref_seq.ref_id                        1 
_struct_ref_seq.pdbx_PDB_id_code              1QQH 
_struct_ref_seq.pdbx_strand_id                A 
_struct_ref_seq.seq_align_beg                 1 
_struct_ref_seq.pdbx_seq_align_beg_ins_code   ? 
_struct_ref_seq.seq_align_end                 144 
_struct_ref_seq.pdbx_seq_align_end_ins_code   ? 
_struct_ref_seq.pdbx_db_accession             P06790 
_struct_ref_seq.db_align_beg                  70 
_struct_ref_seq.pdbx_db_align_beg_ins_code    ? 
_struct_ref_seq.db_align_end                  213 
_struct_ref_seq.pdbx_db_align_end_ins_code    ? 
_struct_ref_seq.pdbx_auth_seq_align_beg       66 
_struct_ref_seq.pdbx_auth_seq_align_end       209 
# 
_struct_ref_seq_dif.align_id                     1 
_struct_ref_seq_dif.pdbx_pdb_id_code             1QQH 
_struct_ref_seq_dif.mon_id                       ALA 
_struct_ref_seq_dif.pdbx_pdb_strand_id           A 
_struct_ref_seq_dif.seq_num                      21 
_struct_ref_seq_dif.pdbx_pdb_ins_code            ? 
_struct_ref_seq_dif.pdbx_seq_db_name             UNP 
_struct_ref_seq_dif.pdbx_seq_db_accession_code   P06790 
_struct_ref_seq_dif.db_mon_id                    ARG 
_struct_ref_seq_dif.pdbx_seq_db_seq_num          90 
_struct_ref_seq_dif.details                      'engineered mutation' 
_struct_ref_seq_dif.pdbx_auth_seq_num            86 
_struct_ref_seq_dif.pdbx_ordinal                 1 
# 
_pdbx_struct_assembly.id                   1 
_pdbx_struct_assembly.details              author_defined_assembly 
_pdbx_struct_assembly.method_details       ? 
_pdbx_struct_assembly.oligomeric_details   dimeric 
_pdbx_struct_assembly.oligomeric_count     2 
# 
_pdbx_struct_assembly_gen.assembly_id       1 
_pdbx_struct_assembly_gen.oper_expression   1,2 
_pdbx_struct_assembly_gen.asym_id_list      A,B 
# 
loop_
_pdbx_struct_oper_list.id 
_pdbx_struct_oper_list.type 
_pdbx_struct_oper_list.name 
_pdbx_struct_oper_list.symmetry_operation 
_pdbx_struct_oper_list.matrix[1][1] 
_pdbx_struct_oper_list.matrix[1][2] 
_pdbx_struct_oper_list.matrix[1][3] 
_pdbx_struct_oper_list.vector[1] 
_pdbx_struct_oper_list.matrix[2][1] 
_pdbx_struct_oper_list.matrix[2][2] 
_pdbx_struct_oper_list.matrix[2][3] 
_pdbx_struct_oper_list.vector[2] 
_pdbx_struct_oper_list.matrix[3][1] 
_pdbx_struct_oper_list.matrix[3][2] 
_pdbx_struct_oper_list.matrix[3][3] 
_pdbx_struct_oper_list.vector[3] 
1 'identity operation'         1_555  x,y,z            1.0000000000  0.0000000000  0.0000000000  0.0000000000  0.0000000000  1.0000000000  0.0000000000 0.0000000000  0.0000000000  0.0000000000 1.0000000000  0.0000000000  
2 'crystal symmetry operation' 10_665 -y+1,-x+1,-z+1/6 -0.7730622551 -0.4210793838 -0.4744121650 30.5716424711 -0.4210793838 -0.2186938866 0.8802642425 -8.6413324921 -0.4744121650 0.8802642425 -0.0082438582 22.2940036973 
# 
_struct_biol.id   1 
# 
loop_
_struct_conf.conf_type_id 
_struct_conf.id 
_struct_conf.pdbx_PDB_helix_id 
_struct_conf.beg_label_comp_id 
_struct_conf.beg_label_asym_id 
_struct_conf.beg_label_seq_id 
_struct_conf.pdbx_beg_PDB_ins_code 
_struct_conf.end_label_comp_id 
_struct_conf.end_label_asym_id 
_struct_conf.end_label_seq_id 
_struct_conf.pdbx_end_PDB_ins_code 
_struct_conf.beg_auth_comp_id 
_struct_conf.beg_auth_asym_id 
_struct_conf.beg_auth_seq_id 
_struct_conf.end_auth_comp_id 
_struct_conf.end_auth_asym_id 
_struct_conf.end_auth_seq_id 
_struct_conf.pdbx_PDB_helix_class 
_struct_conf.details 
_struct_conf.pdbx_PDB_helix_length 
HELX_P HELX_P1 1 SER A 2   ? SER A 20  ? SER A 67  SER A 85  1 ? 19 
HELX_P HELX_P2 2 CYS A 33  ? ASN A 38  ? CYS A 98  ASN A 103 1 ? 6  
HELX_P HELX_P3 3 PHE A 107 ? GLU A 112 ? PHE A 172 GLU A 177 1 ? 6  
# 
_struct_conf_type.id          HELX_P 
_struct_conf_type.criteria    ? 
_struct_conf_type.reference   ? 
# 
_struct_mon_prot_cis.pdbx_id                1 
_struct_mon_prot_cis.label_comp_id          GLU 
_struct_mon_prot_cis.label_seq_id           40 
_struct_mon_prot_cis.label_asym_id          A 
_struct_mon_prot_cis.label_alt_id           . 
_struct_mon_prot_cis.pdbx_PDB_ins_code      ? 
_struct_mon_prot_cis.auth_comp_id           GLU 
_struct_mon_prot_cis.auth_seq_id            105 
_struct_mon_prot_cis.auth_asym_id           A 
_struct_mon_prot_cis.pdbx_label_comp_id_2   PRO 
_struct_mon_prot_cis.pdbx_label_seq_id_2    41 
_struct_mon_prot_cis.pdbx_label_asym_id_2   A 
_struct_mon_prot_cis.pdbx_PDB_ins_code_2    ? 
_struct_mon_prot_cis.pdbx_auth_comp_id_2    PRO 
_struct_mon_prot_cis.pdbx_auth_seq_id_2     106 
_struct_mon_prot_cis.pdbx_auth_asym_id_2    A 
_struct_mon_prot_cis.pdbx_PDB_model_num     1 
_struct_mon_prot_cis.pdbx_omega_angle       -0.37 
# 
loop_
_struct_sheet.id 
_struct_sheet.type 
_struct_sheet.number_strands 
_struct_sheet.details 
A ? 5 ? 
B ? 4 ? 
# 
loop_
_struct_sheet_order.sheet_id 
_struct_sheet_order.range_id_1 
_struct_sheet_order.range_id_2 
_struct_sheet_order.offset 
_struct_sheet_order.sense 
A 1 2 ? anti-parallel 
A 2 3 ? anti-parallel 
A 3 4 ? anti-parallel 
A 4 5 ? anti-parallel 
B 1 2 ? anti-parallel 
B 2 3 ? anti-parallel 
B 3 4 ? anti-parallel 
# 
loop_
_struct_sheet_range.sheet_id 
_struct_sheet_range.id 
_struct_sheet_range.beg_label_comp_id 
_struct_sheet_range.beg_label_asym_id 
_struct_sheet_range.beg_label_seq_id 
_struct_sheet_range.pdbx_beg_PDB_ins_code 
_struct_sheet_range.end_label_comp_id 
_struct_sheet_range.end_label_asym_id 
_struct_sheet_range.end_label_seq_id 
_struct_sheet_range.pdbx_end_PDB_ins_code 
_struct_sheet_range.beg_auth_comp_id 
_struct_sheet_range.beg_auth_asym_id 
_struct_sheet_range.beg_auth_seq_id 
_struct_sheet_range.end_auth_comp_id 
_struct_sheet_range.end_auth_asym_id 
_struct_sheet_range.end_auth_seq_id 
A 1 TRP A 81  ? THR A 84  ? TRP A 146 THR A 149 
A 2 CYS A 63  ? MET A 75  ? CYS A 128 MET A 140 
A 3 PHE A 45  ? PHE A 56  ? PHE A 110 PHE A 121 
A 4 TRP A 120 ? PHE A 124 ? TRP A 185 PHE A 189 
A 5 ASN A 127 ? VAL A 128 ? ASN A 192 VAL A 193 
B 1 TYR A 100 ? GLU A 106 ? TYR A 165 GLU A 171 
B 2 GLY A 92  ? LYS A 97  ? GLY A 157 LYS A 162 
B 3 CYS A 87  ? VAL A 88  ? CYS A 152 VAL A 153 
B 4 MET A 135 ? CYS A 136 ? MET A 200 CYS A 201 
# 
loop_
_pdbx_struct_sheet_hbond.sheet_id 
_pdbx_struct_sheet_hbond.range_id_1 
_pdbx_struct_sheet_hbond.range_id_2 
_pdbx_struct_sheet_hbond.range_1_label_atom_id 
_pdbx_struct_sheet_hbond.range_1_label_comp_id 
_pdbx_struct_sheet_hbond.range_1_label_asym_id 
_pdbx_struct_sheet_hbond.range_1_label_seq_id 
_pdbx_struct_sheet_hbond.range_1_PDB_ins_code 
_pdbx_struct_sheet_hbond.range_1_auth_atom_id 
_pdbx_struct_sheet_hbond.range_1_auth_comp_id 
_pdbx_struct_sheet_hbond.range_1_auth_asym_id 
_pdbx_struct_sheet_hbond.range_1_auth_seq_id 
_pdbx_struct_sheet_hbond.range_2_label_atom_id 
_pdbx_struct_sheet_hbond.range_2_label_comp_id 
_pdbx_struct_sheet_hbond.range_2_label_asym_id 
_pdbx_struct_sheet_hbond.range_2_label_seq_id 
_pdbx_struct_sheet_hbond.range_2_PDB_ins_code 
_pdbx_struct_sheet_hbond.range_2_auth_atom_id 
_pdbx_struct_sheet_hbond.range_2_auth_comp_id 
_pdbx_struct_sheet_hbond.range_2_auth_asym_id 
_pdbx_struct_sheet_hbond.range_2_auth_seq_id 
A 1 2 O THR A 84  ? O THR A 149 N VAL A 72  ? N VAL A 137 
A 2 3 N TYR A 73  ? N TYR A 138 O PHE A 45  ? O PHE A 110 
A 3 4 N TYR A 55  ? N TYR A 120 O GLU A 121 ? O GLU A 186 
A 4 5 N PHE A 124 ? N PHE A 189 O ASN A 127 ? O ASN A 192 
B 1 2 N TYR A 104 ? N TYR A 169 O LEU A 93  ? O LEU A 158 
B 2 3 O TYR A 94  ? O TYR A 159 N CYS A 87  ? N CYS A 152 
B 3 4 N VAL A 88  ? N VAL A 153 O MET A 135 ? O MET A 200 
# 
_pdbx_validate_symm_contact.id                1 
_pdbx_validate_symm_contact.PDB_model_num     1 
_pdbx_validate_symm_contact.auth_atom_id_1    O 
_pdbx_validate_symm_contact.auth_asym_id_1    A 
_pdbx_validate_symm_contact.auth_comp_id_1    HOH 
_pdbx_validate_symm_contact.auth_seq_id_1     329 
_pdbx_validate_symm_contact.PDB_ins_code_1    ? 
_pdbx_validate_symm_contact.label_alt_id_1    ? 
_pdbx_validate_symm_contact.site_symmetry_1   1_555 
_pdbx_validate_symm_contact.auth_atom_id_2    O 
_pdbx_validate_symm_contact.auth_asym_id_2    A 
_pdbx_validate_symm_contact.auth_comp_id_2    HOH 
_pdbx_validate_symm_contact.auth_seq_id_2     329 
_pdbx_validate_symm_contact.PDB_ins_code_2    ? 
_pdbx_validate_symm_contact.label_alt_id_2    ? 
_pdbx_validate_symm_contact.site_symmetry_2   10_665 
_pdbx_validate_symm_contact.dist              1.56 
# 
loop_
_pdbx_validate_torsion.id 
_pdbx_validate_torsion.PDB_model_num 
_pdbx_validate_torsion.auth_comp_id 
_pdbx_validate_torsion.auth_asym_id 
_pdbx_validate_torsion.auth_seq_id 
_pdbx_validate_torsion.PDB_ins_code 
_pdbx_validate_torsion.label_alt_id 
_pdbx_validate_torsion.phi 
_pdbx_validate_torsion.psi 
1 1 ASP A 122 ? ? 66.49   -169.56 
2 1 ASP A 195 ? ? -110.68 -121.14 
3 1 CYS A 196 ? ? 34.82   -150.25 
# 
loop_
_pdbx_struct_special_symmetry.id 
_pdbx_struct_special_symmetry.PDB_model_num 
_pdbx_struct_special_symmetry.auth_asym_id 
_pdbx_struct_special_symmetry.auth_comp_id 
_pdbx_struct_special_symmetry.auth_seq_id 
_pdbx_struct_special_symmetry.PDB_ins_code 
_pdbx_struct_special_symmetry.label_asym_id 
_pdbx_struct_special_symmetry.label_comp_id 
_pdbx_struct_special_symmetry.label_seq_id 
1 1 A HOH 355 ? B HOH . 
2 1 A HOH 364 ? B HOH . 
3 1 A HOH 400 ? B HOH . 
4 1 A HOH 428 ? B HOH . 
# 
loop_
_chem_comp_atom.comp_id 
_chem_comp_atom.atom_id 
_chem_comp_atom.type_symbol 
_chem_comp_atom.pdbx_aromatic_flag 
_chem_comp_atom.pdbx_stereo_config 
_chem_comp_atom.pdbx_ordinal 
ALA N    N N N 1   
ALA CA   C N S 2   
ALA C    C N N 3   
ALA O    O N N 4   
ALA CB   C N N 5   
ALA OXT  O N N 6   
ALA H    H N N 7   
ALA H2   H N N 8   
ALA HA   H N N 9   
ALA HB1  H N N 10  
ALA HB2  H N N 11  
ALA HB3  H N N 12  
ALA HXT  H N N 13  
ARG N    N N N 14  
ARG CA   C N S 15  
ARG C    C N N 16  
ARG O    O N N 17  
ARG CB   C N N 18  
ARG CG   C N N 19  
ARG CD   C N N 20  
ARG NE   N N N 21  
ARG CZ   C N N 22  
ARG NH1  N N N 23  
ARG NH2  N N N 24  
ARG OXT  O N N 25  
ARG H    H N N 26  
ARG H2   H N N 27  
ARG HA   H N N 28  
ARG HB2  H N N 29  
ARG HB3  H N N 30  
ARG HG2  H N N 31  
ARG HG3  H N N 32  
ARG HD2  H N N 33  
ARG HD3  H N N 34  
ARG HE   H N N 35  
ARG HH11 H N N 36  
ARG HH12 H N N 37  
ARG HH21 H N N 38  
ARG HH22 H N N 39  
ARG HXT  H N N 40  
ASN N    N N N 41  
ASN CA   C N S 42  
ASN C    C N N 43  
ASN O    O N N 44  
ASN CB   C N N 45  
ASN CG   C N N 46  
ASN OD1  O N N 47  
ASN ND2  N N N 48  
ASN OXT  O N N 49  
ASN H    H N N 50  
ASN H2   H N N 51  
ASN HA   H N N 52  
ASN HB2  H N N 53  
ASN HB3  H N N 54  
ASN HD21 H N N 55  
ASN HD22 H N N 56  
ASN HXT  H N N 57  
ASP N    N N N 58  
ASP CA   C N S 59  
ASP C    C N N 60  
ASP O    O N N 61  
ASP CB   C N N 62  
ASP CG   C N N 63  
ASP OD1  O N N 64  
ASP OD2  O N N 65  
ASP OXT  O N N 66  
ASP H    H N N 67  
ASP H2   H N N 68  
ASP HA   H N N 69  
ASP HB2  H N N 70  
ASP HB3  H N N 71  
ASP HD2  H N N 72  
ASP HXT  H N N 73  
CYS N    N N N 74  
CYS CA   C N R 75  
CYS C    C N N 76  
CYS O    O N N 77  
CYS CB   C N N 78  
CYS SG   S N N 79  
CYS OXT  O N N 80  
CYS H    H N N 81  
CYS H2   H N N 82  
CYS HA   H N N 83  
CYS HB2  H N N 84  
CYS HB3  H N N 85  
CYS HG   H N N 86  
CYS HXT  H N N 87  
GLN N    N N N 88  
GLN CA   C N S 89  
GLN C    C N N 90  
GLN O    O N N 91  
GLN CB   C N N 92  
GLN CG   C N N 93  
GLN CD   C N N 94  
GLN OE1  O N N 95  
GLN NE2  N N N 96  
GLN OXT  O N N 97  
GLN H    H N N 98  
GLN H2   H N N 99  
GLN HA   H N N 100 
GLN HB2  H N N 101 
GLN HB3  H N N 102 
GLN HG2  H N N 103 
GLN HG3  H N N 104 
GLN HE21 H N N 105 
GLN HE22 H N N 106 
GLN HXT  H N N 107 
GLU N    N N N 108 
GLU CA   C N S 109 
GLU C    C N N 110 
GLU O    O N N 111 
GLU CB   C N N 112 
GLU CG   C N N 113 
GLU CD   C N N 114 
GLU OE1  O N N 115 
GLU OE2  O N N 116 
GLU OXT  O N N 117 
GLU H    H N N 118 
GLU H2   H N N 119 
GLU HA   H N N 120 
GLU HB2  H N N 121 
GLU HB3  H N N 122 
GLU HG2  H N N 123 
GLU HG3  H N N 124 
GLU HE2  H N N 125 
GLU HXT  H N N 126 
GLY N    N N N 127 
GLY CA   C N N 128 
GLY C    C N N 129 
GLY O    O N N 130 
GLY OXT  O N N 131 
GLY H    H N N 132 
GLY H2   H N N 133 
GLY HA2  H N N 134 
GLY HA3  H N N 135 
GLY HXT  H N N 136 
HIS N    N N N 137 
HIS CA   C N S 138 
HIS C    C N N 139 
HIS O    O N N 140 
HIS CB   C N N 141 
HIS CG   C Y N 142 
HIS ND1  N Y N 143 
HIS CD2  C Y N 144 
HIS CE1  C Y N 145 
HIS NE2  N Y N 146 
HIS OXT  O N N 147 
HIS H    H N N 148 
HIS H2   H N N 149 
HIS HA   H N N 150 
HIS HB2  H N N 151 
HIS HB3  H N N 152 
HIS HD1  H N N 153 
HIS HD2  H N N 154 
HIS HE1  H N N 155 
HIS HE2  H N N 156 
HIS HXT  H N N 157 
HOH O    O N N 158 
HOH H1   H N N 159 
HOH H2   H N N 160 
ILE N    N N N 161 
ILE CA   C N S 162 
ILE C    C N N 163 
ILE O    O N N 164 
ILE CB   C N S 165 
ILE CG1  C N N 166 
ILE CG2  C N N 167 
ILE CD1  C N N 168 
ILE OXT  O N N 169 
ILE H    H N N 170 
ILE H2   H N N 171 
ILE HA   H N N 172 
ILE HB   H N N 173 
ILE HG12 H N N 174 
ILE HG13 H N N 175 
ILE HG21 H N N 176 
ILE HG22 H N N 177 
ILE HG23 H N N 178 
ILE HD11 H N N 179 
ILE HD12 H N N 180 
ILE HD13 H N N 181 
ILE HXT  H N N 182 
LEU N    N N N 183 
LEU CA   C N S 184 
LEU C    C N N 185 
LEU O    O N N 186 
LEU CB   C N N 187 
LEU CG   C N N 188 
LEU CD1  C N N 189 
LEU CD2  C N N 190 
LEU OXT  O N N 191 
LEU H    H N N 192 
LEU H2   H N N 193 
LEU HA   H N N 194 
LEU HB2  H N N 195 
LEU HB3  H N N 196 
LEU HG   H N N 197 
LEU HD11 H N N 198 
LEU HD12 H N N 199 
LEU HD13 H N N 200 
LEU HD21 H N N 201 
LEU HD22 H N N 202 
LEU HD23 H N N 203 
LEU HXT  H N N 204 
LYS N    N N N 205 
LYS CA   C N S 206 
LYS C    C N N 207 
LYS O    O N N 208 
LYS CB   C N N 209 
LYS CG   C N N 210 
LYS CD   C N N 211 
LYS CE   C N N 212 
LYS NZ   N N N 213 
LYS OXT  O N N 214 
LYS H    H N N 215 
LYS H2   H N N 216 
LYS HA   H N N 217 
LYS HB2  H N N 218 
LYS HB3  H N N 219 
LYS HG2  H N N 220 
LYS HG3  H N N 221 
LYS HD2  H N N 222 
LYS HD3  H N N 223 
LYS HE2  H N N 224 
LYS HE3  H N N 225 
LYS HZ1  H N N 226 
LYS HZ2  H N N 227 
LYS HZ3  H N N 228 
LYS HXT  H N N 229 
MET N    N N N 230 
MET CA   C N S 231 
MET C    C N N 232 
MET O    O N N 233 
MET CB   C N N 234 
MET CG   C N N 235 
MET SD   S N N 236 
MET CE   C N N 237 
MET OXT  O N N 238 
MET H    H N N 239 
MET H2   H N N 240 
MET HA   H N N 241 
MET HB2  H N N 242 
MET HB3  H N N 243 
MET HG2  H N N 244 
MET HG3  H N N 245 
MET HE1  H N N 246 
MET HE2  H N N 247 
MET HE3  H N N 248 
MET HXT  H N N 249 
PHE N    N N N 250 
PHE CA   C N S 251 
PHE C    C N N 252 
PHE O    O N N 253 
PHE CB   C N N 254 
PHE CG   C Y N 255 
PHE CD1  C Y N 256 
PHE CD2  C Y N 257 
PHE CE1  C Y N 258 
PHE CE2  C Y N 259 
PHE CZ   C Y N 260 
PHE OXT  O N N 261 
PHE H    H N N 262 
PHE H2   H N N 263 
PHE HA   H N N 264 
PHE HB2  H N N 265 
PHE HB3  H N N 266 
PHE HD1  H N N 267 
PHE HD2  H N N 268 
PHE HE1  H N N 269 
PHE HE2  H N N 270 
PHE HZ   H N N 271 
PHE HXT  H N N 272 
PRO N    N N N 273 
PRO CA   C N S 274 
PRO C    C N N 275 
PRO O    O N N 276 
PRO CB   C N N 277 
PRO CG   C N N 278 
PRO CD   C N N 279 
PRO OXT  O N N 280 
PRO H    H N N 281 
PRO HA   H N N 282 
PRO HB2  H N N 283 
PRO HB3  H N N 284 
PRO HG2  H N N 285 
PRO HG3  H N N 286 
PRO HD2  H N N 287 
PRO HD3  H N N 288 
PRO HXT  H N N 289 
SER N    N N N 290 
SER CA   C N S 291 
SER C    C N N 292 
SER O    O N N 293 
SER CB   C N N 294 
SER OG   O N N 295 
SER OXT  O N N 296 
SER H    H N N 297 
SER H2   H N N 298 
SER HA   H N N 299 
SER HB2  H N N 300 
SER HB3  H N N 301 
SER HG   H N N 302 
SER HXT  H N N 303 
THR N    N N N 304 
THR CA   C N S 305 
THR C    C N N 306 
THR O    O N N 307 
THR CB   C N R 308 
THR OG1  O N N 309 
THR CG2  C N N 310 
THR OXT  O N N 311 
THR H    H N N 312 
THR H2   H N N 313 
THR HA   H N N 314 
THR HB   H N N 315 
THR HG1  H N N 316 
THR HG21 H N N 317 
THR HG22 H N N 318 
THR HG23 H N N 319 
THR HXT  H N N 320 
TRP N    N N N 321 
TRP CA   C N S 322 
TRP C    C N N 323 
TRP O    O N N 324 
TRP CB   C N N 325 
TRP CG   C Y N 326 
TRP CD1  C Y N 327 
TRP CD2  C Y N 328 
TRP NE1  N Y N 329 
TRP CE2  C Y N 330 
TRP CE3  C Y N 331 
TRP CZ2  C Y N 332 
TRP CZ3  C Y N 333 
TRP CH2  C Y N 334 
TRP OXT  O N N 335 
TRP H    H N N 336 
TRP H2   H N N 337 
TRP HA   H N N 338 
TRP HB2  H N N 339 
TRP HB3  H N N 340 
TRP HD1  H N N 341 
TRP HE1  H N N 342 
TRP HE3  H N N 343 
TRP HZ2  H N N 344 
TRP HZ3  H N N 345 
TRP HH2  H N N 346 
TRP HXT  H N N 347 
TYR N    N N N 348 
TYR CA   C N S 349 
TYR C    C N N 350 
TYR O    O N N 351 
TYR CB   C N N 352 
TYR CG   C Y N 353 
TYR CD1  C Y N 354 
TYR CD2  C Y N 355 
TYR CE1  C Y N 356 
TYR CE2  C Y N 357 
TYR CZ   C Y N 358 
TYR OH   O N N 359 
TYR OXT  O N N 360 
TYR H    H N N 361 
TYR H2   H N N 362 
TYR HA   H N N 363 
TYR HB2  H N N 364 
TYR HB3  H N N 365 
TYR HD1  H N N 366 
TYR HD2  H N N 367 
TYR HE1  H N N 368 
TYR HE2  H N N 369 
TYR HH   H N N 370 
TYR HXT  H N N 371 
VAL N    N N N 372 
VAL CA   C N S 373 
VAL C    C N N 374 
VAL O    O N N 375 
VAL CB   C N N 376 
VAL CG1  C N N 377 
VAL CG2  C N N 378 
VAL OXT  O N N 379 
VAL H    H N N 380 
VAL H2   H N N 381 
VAL HA   H N N 382 
VAL HB   H N N 383 
VAL HG11 H N N 384 
VAL HG12 H N N 385 
VAL HG13 H N N 386 
VAL HG21 H N N 387 
VAL HG22 H N N 388 
VAL HG23 H N N 389 
VAL HXT  H N N 390 
# 
loop_
_chem_comp_bond.comp_id 
_chem_comp_bond.atom_id_1 
_chem_comp_bond.atom_id_2 
_chem_comp_bond.value_order 
_chem_comp_bond.pdbx_aromatic_flag 
_chem_comp_bond.pdbx_stereo_config 
_chem_comp_bond.pdbx_ordinal 
ALA N   CA   sing N N 1   
ALA N   H    sing N N 2   
ALA N   H2   sing N N 3   
ALA CA  C    sing N N 4   
ALA CA  CB   sing N N 5   
ALA CA  HA   sing N N 6   
ALA C   O    doub N N 7   
ALA C   OXT  sing N N 8   
ALA CB  HB1  sing N N 9   
ALA CB  HB2  sing N N 10  
ALA CB  HB3  sing N N 11  
ALA OXT HXT  sing N N 12  
ARG N   CA   sing N N 13  
ARG N   H    sing N N 14  
ARG N   H2   sing N N 15  
ARG CA  C    sing N N 16  
ARG CA  CB   sing N N 17  
ARG CA  HA   sing N N 18  
ARG C   O    doub N N 19  
ARG C   OXT  sing N N 20  
ARG CB  CG   sing N N 21  
ARG CB  HB2  sing N N 22  
ARG CB  HB3  sing N N 23  
ARG CG  CD   sing N N 24  
ARG CG  HG2  sing N N 25  
ARG CG  HG3  sing N N 26  
ARG CD  NE   sing N N 27  
ARG CD  HD2  sing N N 28  
ARG CD  HD3  sing N N 29  
ARG NE  CZ   sing N N 30  
ARG NE  HE   sing N N 31  
ARG CZ  NH1  sing N N 32  
ARG CZ  NH2  doub N N 33  
ARG NH1 HH11 sing N N 34  
ARG NH1 HH12 sing N N 35  
ARG NH2 HH21 sing N N 36  
ARG NH2 HH22 sing N N 37  
ARG OXT HXT  sing N N 38  
ASN N   CA   sing N N 39  
ASN N   H    sing N N 40  
ASN N   H2   sing N N 41  
ASN CA  C    sing N N 42  
ASN CA  CB   sing N N 43  
ASN CA  HA   sing N N 44  
ASN C   O    doub N N 45  
ASN C   OXT  sing N N 46  
ASN CB  CG   sing N N 47  
ASN CB  HB2  sing N N 48  
ASN CB  HB3  sing N N 49  
ASN CG  OD1  doub N N 50  
ASN CG  ND2  sing N N 51  
ASN ND2 HD21 sing N N 52  
ASN ND2 HD22 sing N N 53  
ASN OXT HXT  sing N N 54  
ASP N   CA   sing N N 55  
ASP N   H    sing N N 56  
ASP N   H2   sing N N 57  
ASP CA  C    sing N N 58  
ASP CA  CB   sing N N 59  
ASP CA  HA   sing N N 60  
ASP C   O    doub N N 61  
ASP C   OXT  sing N N 62  
ASP CB  CG   sing N N 63  
ASP CB  HB2  sing N N 64  
ASP CB  HB3  sing N N 65  
ASP CG  OD1  doub N N 66  
ASP CG  OD2  sing N N 67  
ASP OD2 HD2  sing N N 68  
ASP OXT HXT  sing N N 69  
CYS N   CA   sing N N 70  
CYS N   H    sing N N 71  
CYS N   H2   sing N N 72  
CYS CA  C    sing N N 73  
CYS CA  CB   sing N N 74  
CYS CA  HA   sing N N 75  
CYS C   O    doub N N 76  
CYS C   OXT  sing N N 77  
CYS CB  SG   sing N N 78  
CYS CB  HB2  sing N N 79  
CYS CB  HB3  sing N N 80  
CYS SG  HG   sing N N 81  
CYS OXT HXT  sing N N 82  
GLN N   CA   sing N N 83  
GLN N   H    sing N N 84  
GLN N   H2   sing N N 85  
GLN CA  C    sing N N 86  
GLN CA  CB   sing N N 87  
GLN CA  HA   sing N N 88  
GLN C   O    doub N N 89  
GLN C   OXT  sing N N 90  
GLN CB  CG   sing N N 91  
GLN CB  HB2  sing N N 92  
GLN CB  HB3  sing N N 93  
GLN CG  CD   sing N N 94  
GLN CG  HG2  sing N N 95  
GLN CG  HG3  sing N N 96  
GLN CD  OE1  doub N N 97  
GLN CD  NE2  sing N N 98  
GLN NE2 HE21 sing N N 99  
GLN NE2 HE22 sing N N 100 
GLN OXT HXT  sing N N 101 
GLU N   CA   sing N N 102 
GLU N   H    sing N N 103 
GLU N   H2   sing N N 104 
GLU CA  C    sing N N 105 
GLU CA  CB   sing N N 106 
GLU CA  HA   sing N N 107 
GLU C   O    doub N N 108 
GLU C   OXT  sing N N 109 
GLU CB  CG   sing N N 110 
GLU CB  HB2  sing N N 111 
GLU CB  HB3  sing N N 112 
GLU CG  CD   sing N N 113 
GLU CG  HG2  sing N N 114 
GLU CG  HG3  sing N N 115 
GLU CD  OE1  doub N N 116 
GLU CD  OE2  sing N N 117 
GLU OE2 HE2  sing N N 118 
GLU OXT HXT  sing N N 119 
GLY N   CA   sing N N 120 
GLY N   H    sing N N 121 
GLY N   H2   sing N N 122 
GLY CA  C    sing N N 123 
GLY CA  HA2  sing N N 124 
GLY CA  HA3  sing N N 125 
GLY C   O    doub N N 126 
GLY C   OXT  sing N N 127 
GLY OXT HXT  sing N N 128 
HIS N   CA   sing N N 129 
HIS N   H    sing N N 130 
HIS N   H2   sing N N 131 
HIS CA  C    sing N N 132 
HIS CA  CB   sing N N 133 
HIS CA  HA   sing N N 134 
HIS C   O    doub N N 135 
HIS C   OXT  sing N N 136 
HIS CB  CG   sing N N 137 
HIS CB  HB2  sing N N 138 
HIS CB  HB3  sing N N 139 
HIS CG  ND1  sing Y N 140 
HIS CG  CD2  doub Y N 141 
HIS ND1 CE1  doub Y N 142 
HIS ND1 HD1  sing N N 143 
HIS CD2 NE2  sing Y N 144 
HIS CD2 HD2  sing N N 145 
HIS CE1 NE2  sing Y N 146 
HIS CE1 HE1  sing N N 147 
HIS NE2 HE2  sing N N 148 
HIS OXT HXT  sing N N 149 
HOH O   H1   sing N N 150 
HOH O   H2   sing N N 151 
ILE N   CA   sing N N 152 
ILE N   H    sing N N 153 
ILE N   H2   sing N N 154 
ILE CA  C    sing N N 155 
ILE CA  CB   sing N N 156 
ILE CA  HA   sing N N 157 
ILE C   O    doub N N 158 
ILE C   OXT  sing N N 159 
ILE CB  CG1  sing N N 160 
ILE CB  CG2  sing N N 161 
ILE CB  HB   sing N N 162 
ILE CG1 CD1  sing N N 163 
ILE CG1 HG12 sing N N 164 
ILE CG1 HG13 sing N N 165 
ILE CG2 HG21 sing N N 166 
ILE CG2 HG22 sing N N 167 
ILE CG2 HG23 sing N N 168 
ILE CD1 HD11 sing N N 169 
ILE CD1 HD12 sing N N 170 
ILE CD1 HD13 sing N N 171 
ILE OXT HXT  sing N N 172 
LEU N   CA   sing N N 173 
LEU N   H    sing N N 174 
LEU N   H2   sing N N 175 
LEU CA  C    sing N N 176 
LEU CA  CB   sing N N 177 
LEU CA  HA   sing N N 178 
LEU C   O    doub N N 179 
LEU C   OXT  sing N N 180 
LEU CB  CG   sing N N 181 
LEU CB  HB2  sing N N 182 
LEU CB  HB3  sing N N 183 
LEU CG  CD1  sing N N 184 
LEU CG  CD2  sing N N 185 
LEU CG  HG   sing N N 186 
LEU CD1 HD11 sing N N 187 
LEU CD1 HD12 sing N N 188 
LEU CD1 HD13 sing N N 189 
LEU CD2 HD21 sing N N 190 
LEU CD2 HD22 sing N N 191 
LEU CD2 HD23 sing N N 192 
LEU OXT HXT  sing N N 193 
LYS N   CA   sing N N 194 
LYS N   H    sing N N 195 
LYS N   H2   sing N N 196 
LYS CA  C    sing N N 197 
LYS CA  CB   sing N N 198 
LYS CA  HA   sing N N 199 
LYS C   O    doub N N 200 
LYS C   OXT  sing N N 201 
LYS CB  CG   sing N N 202 
LYS CB  HB2  sing N N 203 
LYS CB  HB3  sing N N 204 
LYS CG  CD   sing N N 205 
LYS CG  HG2  sing N N 206 
LYS CG  HG3  sing N N 207 
LYS CD  CE   sing N N 208 
LYS CD  HD2  sing N N 209 
LYS CD  HD3  sing N N 210 
LYS CE  NZ   sing N N 211 
LYS CE  HE2  sing N N 212 
LYS CE  HE3  sing N N 213 
LYS NZ  HZ1  sing N N 214 
LYS NZ  HZ2  sing N N 215 
LYS NZ  HZ3  sing N N 216 
LYS OXT HXT  sing N N 217 
MET N   CA   sing N N 218 
MET N   H    sing N N 219 
MET N   H2   sing N N 220 
MET CA  C    sing N N 221 
MET CA  CB   sing N N 222 
MET CA  HA   sing N N 223 
MET C   O    doub N N 224 
MET C   OXT  sing N N 225 
MET CB  CG   sing N N 226 
MET CB  HB2  sing N N 227 
MET CB  HB3  sing N N 228 
MET CG  SD   sing N N 229 
MET CG  HG2  sing N N 230 
MET CG  HG3  sing N N 231 
MET SD  CE   sing N N 232 
MET CE  HE1  sing N N 233 
MET CE  HE2  sing N N 234 
MET CE  HE3  sing N N 235 
MET OXT HXT  sing N N 236 
PHE N   CA   sing N N 237 
PHE N   H    sing N N 238 
PHE N   H2   sing N N 239 
PHE CA  C    sing N N 240 
PHE CA  CB   sing N N 241 
PHE CA  HA   sing N N 242 
PHE C   O    doub N N 243 
PHE C   OXT  sing N N 244 
PHE CB  CG   sing N N 245 
PHE CB  HB2  sing N N 246 
PHE CB  HB3  sing N N 247 
PHE CG  CD1  doub Y N 248 
PHE CG  CD2  sing Y N 249 
PHE CD1 CE1  sing Y N 250 
PHE CD1 HD1  sing N N 251 
PHE CD2 CE2  doub Y N 252 
PHE CD2 HD2  sing N N 253 
PHE CE1 CZ   doub Y N 254 
PHE CE1 HE1  sing N N 255 
PHE CE2 CZ   sing Y N 256 
PHE CE2 HE2  sing N N 257 
PHE CZ  HZ   sing N N 258 
PHE OXT HXT  sing N N 259 
PRO N   CA   sing N N 260 
PRO N   CD   sing N N 261 
PRO N   H    sing N N 262 
PRO CA  C    sing N N 263 
PRO CA  CB   sing N N 264 
PRO CA  HA   sing N N 265 
PRO C   O    doub N N 266 
PRO C   OXT  sing N N 267 
PRO CB  CG   sing N N 268 
PRO CB  HB2  sing N N 269 
PRO CB  HB3  sing N N 270 
PRO CG  CD   sing N N 271 
PRO CG  HG2  sing N N 272 
PRO CG  HG3  sing N N 273 
PRO CD  HD2  sing N N 274 
PRO CD  HD3  sing N N 275 
PRO OXT HXT  sing N N 276 
SER N   CA   sing N N 277 
SER N   H    sing N N 278 
SER N   H2   sing N N 279 
SER CA  C    sing N N 280 
SER CA  CB   sing N N 281 
SER CA  HA   sing N N 282 
SER C   O    doub N N 283 
SER C   OXT  sing N N 284 
SER CB  OG   sing N N 285 
SER CB  HB2  sing N N 286 
SER CB  HB3  sing N N 287 
SER OG  HG   sing N N 288 
SER OXT HXT  sing N N 289 
THR N   CA   sing N N 290 
THR N   H    sing N N 291 
THR N   H2   sing N N 292 
THR CA  C    sing N N 293 
THR CA  CB   sing N N 294 
THR CA  HA   sing N N 295 
THR C   O    doub N N 296 
THR C   OXT  sing N N 297 
THR CB  OG1  sing N N 298 
THR CB  CG2  sing N N 299 
THR CB  HB   sing N N 300 
THR OG1 HG1  sing N N 301 
THR CG2 HG21 sing N N 302 
THR CG2 HG22 sing N N 303 
THR CG2 HG23 sing N N 304 
THR OXT HXT  sing N N 305 
TRP N   CA   sing N N 306 
TRP N   H    sing N N 307 
TRP N   H2   sing N N 308 
TRP CA  C    sing N N 309 
TRP CA  CB   sing N N 310 
TRP CA  HA   sing N N 311 
TRP C   O    doub N N 312 
TRP C   OXT  sing N N 313 
TRP CB  CG   sing N N 314 
TRP CB  HB2  sing N N 315 
TRP CB  HB3  sing N N 316 
TRP CG  CD1  doub Y N 317 
TRP CG  CD2  sing Y N 318 
TRP CD1 NE1  sing Y N 319 
TRP CD1 HD1  sing N N 320 
TRP CD2 CE2  doub Y N 321 
TRP CD2 CE3  sing Y N 322 
TRP NE1 CE2  sing Y N 323 
TRP NE1 HE1  sing N N 324 
TRP CE2 CZ2  sing Y N 325 
TRP CE3 CZ3  doub Y N 326 
TRP CE3 HE3  sing N N 327 
TRP CZ2 CH2  doub Y N 328 
TRP CZ2 HZ2  sing N N 329 
TRP CZ3 CH2  sing Y N 330 
TRP CZ3 HZ3  sing N N 331 
TRP CH2 HH2  sing N N 332 
TRP OXT HXT  sing N N 333 
TYR N   CA   sing N N 334 
TYR N   H    sing N N 335 
TYR N   H2   sing N N 336 
TYR CA  C    sing N N 337 
TYR CA  CB   sing N N 338 
TYR CA  HA   sing N N 339 
TYR C   O    doub N N 340 
TYR C   OXT  sing N N 341 
TYR CB  CG   sing N N 342 
TYR CB  HB2  sing N N 343 
TYR CB  HB3  sing N N 344 
TYR CG  CD1  doub Y N 345 
TYR CG  CD2  sing Y N 346 
TYR CD1 CE1  sing Y N 347 
TYR CD1 HD1  sing N N 348 
TYR CD2 CE2  doub Y N 349 
TYR CD2 HD2  sing N N 350 
TYR CE1 CZ   doub Y N 351 
TYR CE1 HE1  sing N N 352 
TYR CE2 CZ   sing Y N 353 
TYR CE2 HE2  sing N N 354 
TYR CZ  OH   sing N N 355 
TYR OH  HH   sing N N 356 
TYR OXT HXT  sing N N 357 
VAL N   CA   sing N N 358 
VAL N   H    sing N N 359 
VAL N   H2   sing N N 360 
VAL CA  C    sing N N 361 
VAL CA  CB   sing N N 362 
VAL CA  HA   sing N N 363 
VAL C   O    doub N N 364 
VAL C   OXT  sing N N 365 
VAL CB  CG1  sing N N 366 
VAL CB  CG2  sing N N 367 
VAL CB  HB   sing N N 368 
VAL CG1 HG11 sing N N 369 
VAL CG1 HG12 sing N N 370 
VAL CG1 HG13 sing N N 371 
VAL CG2 HG21 sing N N 372 
VAL CG2 HG22 sing N N 373 
VAL CG2 HG23 sing N N 374 
VAL OXT HXT  sing N N 375 
# 
_atom_sites.entry_id                    1QQH 
_atom_sites.fract_transf_matrix[1][1]   -0.00178460 
_atom_sites.fract_transf_matrix[1][2]   0.01470560 
_atom_sites.fract_transf_matrix[1][3]   -0.00315284 
_atom_sites.fract_transf_matrix[2][1]   0.00331713 
_atom_sites.fract_transf_matrix[2][2]   0.00523976 
_atom_sites.fract_transf_matrix[2][3]   -0.01381821 
_atom_sites.fract_transf_matrix[3][1]   -0.00593449 
_atom_sites.fract_transf_matrix[3][2]   -0.00111637 
_atom_sites.fract_transf_matrix[3][3]   -0.00184792 
_atom_sites.fract_transf_vector[1]      0.827550 
_atom_sites.fract_transf_vector[2]      0.424369 
_atom_sites.fract_transf_vector[3]      0.189821 
# 
loop_
_atom_type.symbol 
C 
N 
O 
S 
# 
loop_
_atom_site.group_PDB 
_atom_site.id 
_atom_site.type_symbol 
_atom_site.label_atom_id 
_atom_site.label_alt_id 
_atom_site.label_comp_id 
_atom_site.label_asym_id 
_atom_site.label_entity_id 
_atom_site.label_seq_id 
_atom_site.pdbx_PDB_ins_code 
_atom_site.Cartn_x 
_atom_site.Cartn_y 
_atom_site.Cartn_z 
_atom_site.occupancy 
_atom_site.B_iso_or_equiv 
_atom_site.pdbx_formal_charge 
_atom_site.auth_seq_id 
_atom_site.auth_comp_id 
_atom_site.auth_asym_id 
_atom_site.auth_atom_id 
_atom_site.pdbx_PDB_model_num 
ATOM   1    N N   . LYS A 1 1   ? 7.600   15.315  22.348  1.00 98.83 ? 66  LYS A N   1 
ATOM   2    C CA  . LYS A 1 1   ? 7.315   15.086  20.902  1.00 99.22 ? 66  LYS A CA  1 
ATOM   3    C C   . LYS A 1 1   ? 6.289   13.971  20.718  1.00 99.67 ? 66  LYS A C   1 
ATOM   4    O O   . LYS A 1 1   ? 6.262   13.005  21.485  1.00 99.80 ? 66  LYS A O   1 
ATOM   5    C CB  . LYS A 1 1   ? 8.601   14.699  20.165  1.00 98.89 ? 66  LYS A CB  1 
ATOM   6    C CG  . LYS A 1 1   ? 9.754   15.663  20.360  1.00 98.38 ? 66  LYS A CG  1 
ATOM   7    C CD  . LYS A 1 1   ? 11.002  15.166  19.648  1.00 97.86 ? 66  LYS A CD  1 
ATOM   8    C CE  . LYS A 1 1   ? 12.171  16.112  19.863  1.00 97.84 ? 66  LYS A CE  1 
ATOM   9    N NZ  . LYS A 1 1   ? 13.399  15.641  19.171  1.00 97.78 ? 66  LYS A NZ  1 
ATOM   10   N N   . SER A 1 2   ? 5.447   14.110  19.698  1.00 99.80 ? 67  SER A N   1 
ATOM   11   C CA  . SER A 1 2   ? 4.436   13.102  19.399  1.00 99.78 ? 67  SER A CA  1 
ATOM   12   C C   . SER A 1 2   ? 5.123   11.945  18.684  1.00 99.63 ? 67  SER A C   1 
ATOM   13   O O   . SER A 1 2   ? 4.526   10.893  18.453  1.00 99.80 ? 67  SER A O   1 
ATOM   14   C CB  . SER A 1 2   ? 3.345   13.687  18.499  1.00 99.80 ? 67  SER A CB  1 
ATOM   15   O OG  . SER A 1 2   ? 2.394   12.698  18.142  1.00 99.80 ? 67  SER A OG  1 
ATOM   16   N N   . LYS A 1 3   ? 6.389   12.159  18.340  1.00 99.34 ? 68  LYS A N   1 
ATOM   17   C CA  . LYS A 1 3   ? 7.191   11.159  17.648  1.00 98.67 ? 68  LYS A CA  1 
ATOM   18   C C   . LYS A 1 3   ? 7.727   10.143  18.650  1.00 97.83 ? 68  LYS A C   1 
ATOM   19   O O   . LYS A 1 3   ? 7.915   8.971   18.319  1.00 98.00 ? 68  LYS A O   1 
ATOM   20   C CB  . LYS A 1 3   ? 8.352   11.839  16.915  1.00 98.85 ? 68  LYS A CB  1 
ATOM   21   C CG  . LYS A 1 3   ? 9.161   10.913  16.023  1.00 99.28 ? 68  LYS A CG  1 
ATOM   22   C CD  . LYS A 1 3   ? 10.229  11.684  15.265  1.00 99.70 ? 68  LYS A CD  1 
ATOM   23   C CE  . LYS A 1 3   ? 10.993  10.780  14.315  1.00 99.80 ? 68  LYS A CE  1 
ATOM   24   N NZ  . LYS A 1 3   ? 12.014  11.531  13.533  1.00 99.78 ? 68  LYS A NZ  1 
ATOM   25   N N   . ALA A 1 4   ? 7.970   10.601  19.874  1.00 96.47 ? 69  ALA A N   1 
ATOM   26   C CA  . ALA A 1 4   ? 8.472   9.729   20.929  1.00 95.18 ? 69  ALA A CA  1 
ATOM   27   C C   . ALA A 1 4   ? 7.545   8.526   21.058  1.00 94.38 ? 69  ALA A C   1 
ATOM   28   O O   . ALA A 1 4   ? 7.990   7.408   21.322  1.00 94.52 ? 69  ALA A O   1 
ATOM   29   C CB  . ALA A 1 4   ? 8.534   10.488  22.245  1.00 95.08 ? 69  ALA A CB  1 
ATOM   30   N N   . HIS A 1 5   ? 6.252   8.769   20.864  1.00 92.89 ? 70  HIS A N   1 
ATOM   31   C CA  . HIS A 1 5   ? 5.246   7.717   20.939  1.00 91.50 ? 70  HIS A CA  1 
ATOM   32   C C   . HIS A 1 5   ? 5.322   6.832   19.695  1.00 90.37 ? 70  HIS A C   1 
ATOM   33   O O   . HIS A 1 5   ? 5.168   5.610   19.773  1.00 90.33 ? 70  HIS A O   1 
ATOM   34   C CB  . HIS A 1 5   ? 3.848   8.336   21.055  1.00 91.90 ? 70  HIS A CB  1 
ATOM   35   C CG  . HIS A 1 5   ? 2.733   7.348   20.888  1.00 92.01 ? 70  HIS A CG  1 
ATOM   36   N ND1 . HIS A 1 5   ? 2.644   6.192   21.633  1.00 92.01 ? 70  HIS A ND1 1 
ATOM   37   C CD2 . HIS A 1 5   ? 1.660   7.349   20.063  1.00 91.95 ? 70  HIS A CD2 1 
ATOM   38   C CE1 . HIS A 1 5   ? 1.564   5.522   21.273  1.00 92.07 ? 70  HIS A CE1 1 
ATOM   39   N NE2 . HIS A 1 5   ? 0.947   6.201   20.323  1.00 91.87 ? 70  HIS A NE2 1 
ATOM   40   N N   . LYS A 1 6   ? 5.559   7.462   18.547  1.00 88.44 ? 71  LYS A N   1 
ATOM   41   C CA  . LYS A 1 6   ? 5.662   6.739   17.291  1.00 86.15 ? 71  LYS A CA  1 
ATOM   42   C C   . LYS A 1 6   ? 6.697   5.626   17.386  1.00 84.08 ? 71  LYS A C   1 
ATOM   43   O O   . LYS A 1 6   ? 6.398   4.469   17.099  1.00 84.14 ? 71  LYS A O   1 
ATOM   44   C CB  . LYS A 1 6   ? 6.020   7.703   16.157  1.00 86.90 ? 71  LYS A CB  1 
ATOM   45   C CG  . LYS A 1 6   ? 4.845   8.550   15.678  1.00 87.90 ? 71  LYS A CG  1 
ATOM   46   C CD  . LYS A 1 6   ? 3.799   7.691   14.974  1.00 88.78 ? 71  LYS A CD  1 
ATOM   47   C CE  . LYS A 1 6   ? 2.508   8.454   14.719  1.00 89.20 ? 71  LYS A CE  1 
ATOM   48   N NZ  . LYS A 1 6   ? 1.806   8.800   15.990  1.00 89.42 ? 71  LYS A NZ  1 
ATOM   49   N N   . ALA A 1 7   ? 7.910   5.975   17.800  1.00 81.44 ? 72  ALA A N   1 
ATOM   50   C CA  . ALA A 1 7   ? 8.982   4.990   17.934  1.00 78.88 ? 72  ALA A CA  1 
ATOM   51   C C   . ALA A 1 7   ? 8.534   3.787   18.760  1.00 76.78 ? 72  ALA A C   1 
ATOM   52   O O   . ALA A 1 7   ? 8.945   2.655   18.500  1.00 76.03 ? 72  ALA A O   1 
ATOM   53   C CB  . ALA A 1 7   ? 10.206  5.636   18.577  1.00 78.63 ? 72  ALA A CB  1 
ATOM   54   N N   . ILE A 1 8   ? 7.681   4.041   19.749  1.00 74.56 ? 73  ILE A N   1 
ATOM   55   C CA  . ILE A 1 8   ? 7.178   2.994   20.634  1.00 72.29 ? 73  ILE A CA  1 
ATOM   56   C C   . ILE A 1 8   ? 6.223   2.042   19.915  1.00 70.09 ? 73  ILE A C   1 
ATOM   57   O O   . ILE A 1 8   ? 6.298   0.821   20.081  1.00 69.84 ? 73  ILE A O   1 
ATOM   58   C CB  . ILE A 1 8   ? 6.433   3.603   21.844  1.00 73.19 ? 73  ILE A CB  1 
ATOM   59   C CG1 . ILE A 1 8   ? 7.238   4.770   22.426  1.00 74.06 ? 73  ILE A CG1 1 
ATOM   60   C CG2 . ILE A 1 8   ? 6.213   2.537   22.908  1.00 73.27 ? 73  ILE A CG2 1 
ATOM   61   C CD1 . ILE A 1 8   ? 8.615   4.390   22.949  1.00 74.80 ? 73  ILE A CD1 1 
ATOM   62   N N   . GLU A 1 9   ? 5.322   2.608   19.122  1.00 67.22 ? 74  GLU A N   1 
ATOM   63   C CA  . GLU A 1 9   ? 4.353   1.817   18.373  1.00 64.29 ? 74  GLU A CA  1 
ATOM   64   C C   . GLU A 1 9   ? 5.098   0.919   17.389  1.00 60.85 ? 74  GLU A C   1 
ATOM   65   O O   . GLU A 1 9   ? 4.836   -0.282  17.291  1.00 60.19 ? 74  GLU A O   1 
ATOM   66   C CB  . GLU A 1 9   ? 3.398   2.750   17.625  1.00 66.17 ? 74  GLU A CB  1 
ATOM   67   C CG  . GLU A 1 9   ? 2.229   2.058   16.946  1.00 69.33 ? 74  GLU A CG  1 
ATOM   68   C CD  . GLU A 1 9   ? 1.168   3.042   16.473  1.00 71.60 ? 74  GLU A CD  1 
ATOM   69   O OE1 . GLU A 1 9   ? 0.128   2.588   15.948  1.00 72.85 ? 74  GLU A OE1 1 
ATOM   70   O OE2 . GLU A 1 9   ? 1.373   4.269   16.626  1.00 72.47 ? 74  GLU A OE2 1 
ATOM   71   N N   . LEU A 1 10  ? 6.039   1.518   16.668  1.00 57.28 ? 75  LEU A N   1 
ATOM   72   C CA  . LEU A 1 10  ? 6.839   0.795   15.694  1.00 54.00 ? 75  LEU A CA  1 
ATOM   73   C C   . LEU A 1 10  ? 7.584   -0.359  16.358  1.00 52.77 ? 75  LEU A C   1 
ATOM   74   O O   . LEU A 1 10  ? 7.617   -1.475  15.841  1.00 51.77 ? 75  LEU A O   1 
ATOM   75   C CB  . LEU A 1 10  ? 7.833   1.752   15.031  1.00 51.35 ? 75  LEU A CB  1 
ATOM   76   C CG  . LEU A 1 10  ? 8.825   1.141   14.045  1.00 50.22 ? 75  LEU A CG  1 
ATOM   77   C CD1 . LEU A 1 10  ? 8.075   0.407   12.958  1.00 48.04 ? 75  LEU A CD1 1 
ATOM   78   C CD2 . LEU A 1 10  ? 9.708   2.233   13.457  1.00 49.32 ? 75  LEU A CD2 1 
ATOM   79   N N   . GLN A 1 11  ? 8.176   -0.087  17.516  1.00 52.50 ? 76  GLN A N   1 
ATOM   80   C CA  . GLN A 1 11  ? 8.922   -1.108  18.235  1.00 52.22 ? 76  GLN A CA  1 
ATOM   81   C C   . GLN A 1 11  ? 8.044   -2.301  18.600  1.00 51.57 ? 76  GLN A C   1 
ATOM   82   O O   . GLN A 1 11  ? 8.440   -3.451  18.418  1.00 50.53 ? 76  GLN A O   1 
ATOM   83   C CB  . GLN A 1 11  ? 9.529   -0.527  19.501  1.00 54.06 ? 76  GLN A CB  1 
ATOM   84   C CG  . GLN A 1 11  ? 10.806  -1.222  19.887  1.00 56.47 ? 76  GLN A CG  1 
ATOM   85   C CD  . GLN A 1 11  ? 11.912  -0.931  18.898  1.00 57.07 ? 76  GLN A CD  1 
ATOM   86   O OE1 . GLN A 1 11  ? 12.349  0.214   18.763  1.00 58.30 ? 76  GLN A OE1 1 
ATOM   87   N NE2 . GLN A 1 11  ? 12.367  -1.964  18.192  1.00 56.80 ? 76  GLN A NE2 1 
ATOM   88   N N   . MET A 1 12  ? 6.858   -2.027  19.130  1.00 50.59 ? 77  MET A N   1 
ATOM   89   C CA  . MET A 1 12  ? 5.954   -3.104  19.492  1.00 50.56 ? 77  MET A CA  1 
ATOM   90   C C   . MET A 1 12  ? 5.572   -3.897  18.251  1.00 48.29 ? 77  MET A C   1 
ATOM   91   O O   . MET A 1 12  ? 5.541   -5.130  18.278  1.00 47.19 ? 77  MET A O   1 
ATOM   92   C CB  . MET A 1 12  ? 4.705   -2.557  20.182  1.00 54.30 ? 77  MET A CB  1 
ATOM   93   C CG  . MET A 1 12  ? 4.958   -2.094  21.616  1.00 59.83 ? 77  MET A CG  1 
ATOM   94   S SD  . MET A 1 12  ? 5.889   -3.329  22.603  1.00 65.52 ? 77  MET A SD  1 
ATOM   95   C CE  . MET A 1 12  ? 4.613   -4.624  22.841  1.00 63.47 ? 77  MET A CE  1 
ATOM   96   N N   . ALA A 1 13  ? 5.297   -3.190  17.157  1.00 45.71 ? 78  ALA A N   1 
ATOM   97   C CA  . ALA A 1 13  ? 4.935   -3.848  15.906  1.00 42.32 ? 78  ALA A CA  1 
ATOM   98   C C   . ALA A 1 13  ? 6.059   -4.789  15.488  1.00 40.76 ? 78  ALA A C   1 
ATOM   99   O O   . ALA A 1 13  ? 5.815   -5.943  15.125  1.00 40.46 ? 78  ALA A O   1 
ATOM   100  C CB  . ALA A 1 13  ? 4.688   -2.812  14.820  1.00 41.85 ? 78  ALA A CB  1 
ATOM   101  N N   . LEU A 1 14  ? 7.292   -4.293  15.544  1.00 38.57 ? 79  LEU A N   1 
ATOM   102  C CA  . LEU A 1 14  ? 8.451   -5.095  15.175  1.00 38.36 ? 79  LEU A CA  1 
ATOM   103  C C   . LEU A 1 14  ? 8.618   -6.297  16.111  1.00 38.71 ? 79  LEU A C   1 
ATOM   104  O O   . LEU A 1 14  ? 9.079   -7.356  15.689  1.00 36.88 ? 79  LEU A O   1 
ATOM   105  C CB  . LEU A 1 14  ? 9.722   -4.232  15.175  1.00 37.88 ? 79  LEU A CB  1 
ATOM   106  C CG  . LEU A 1 14  ? 9.860   -3.204  14.042  1.00 37.14 ? 79  LEU A CG  1 
ATOM   107  C CD1 . LEU A 1 14  ? 11.044  -2.300  14.310  1.00 36.62 ? 79  LEU A CD1 1 
ATOM   108  C CD2 . LEU A 1 14  ? 10.024  -3.912  12.711  1.00 34.88 ? 79  LEU A CD2 1 
ATOM   109  N N   . GLN A 1 15  ? 8.248   -6.139  17.380  1.00 40.04 ? 80  GLN A N   1 
ATOM   110  C CA  . GLN A 1 15  ? 8.340   -7.256  18.319  1.00 42.59 ? 80  GLN A CA  1 
ATOM   111  C C   . GLN A 1 15  ? 7.364   -8.332  17.850  1.00 42.15 ? 80  GLN A C   1 
ATOM   112  O O   . GLN A 1 15  ? 7.690   -9.517  17.840  1.00 42.45 ? 80  GLN A O   1 
ATOM   113  C CB  . GLN A 1 15  ? 7.990   -6.807  19.744  1.00 43.46 ? 80  GLN A CB  1 
ATOM   114  C CG  . GLN A 1 15  ? 9.205   -6.677  20.661  1.00 48.15 ? 80  GLN A CG  1 
ATOM   115  C CD  . GLN A 1 15  ? 9.258   -5.342  21.395  1.00 50.39 ? 80  GLN A CD  1 
ATOM   116  O OE1 . GLN A 1 15  ? 8.318   -4.968  22.110  1.00 51.96 ? 80  GLN A OE1 1 
ATOM   117  N NE2 . GLN A 1 15  ? 10.364  -4.617  21.226  1.00 49.85 ? 80  GLN A NE2 1 
ATOM   118  N N   . GLY A 1 16  ? 6.170   -7.912  17.438  1.00 42.49 ? 81  GLY A N   1 
ATOM   119  C CA  . GLY A 1 16  ? 5.188   -8.870  16.961  1.00 42.64 ? 81  GLY A CA  1 
ATOM   120  C C   . GLY A 1 16  ? 5.626   -9.491  15.647  1.00 43.05 ? 81  GLY A C   1 
ATOM   121  O O   . GLY A 1 16  ? 5.522   -10.704 15.440  1.00 43.59 ? 81  GLY A O   1 
ATOM   122  N N   . LEU A 1 17  ? 6.125   -8.650  14.747  1.00 42.79 ? 82  LEU A N   1 
ATOM   123  C CA  . LEU A 1 17  ? 6.585   -9.116  13.448  1.00 41.27 ? 82  LEU A CA  1 
ATOM   124  C C   . LEU A 1 17  ? 7.704   -10.136 13.636  1.00 41.60 ? 82  LEU A C   1 
ATOM   125  O O   . LEU A 1 17  ? 7.775   -11.137 12.924  1.00 39.77 ? 82  LEU A O   1 
ATOM   126  C CB  . LEU A 1 17  ? 7.088   -7.928  12.615  1.00 40.16 ? 82  LEU A CB  1 
ATOM   127  C CG  . LEU A 1 17  ? 7.525   -8.238  11.177  1.00 40.57 ? 82  LEU A CG  1 
ATOM   128  C CD1 . LEU A 1 17  ? 6.328   -8.754  10.374  1.00 40.04 ? 82  LEU A CD1 1 
ATOM   129  C CD2 . LEU A 1 17  ? 8.108   -6.983  10.521  1.00 39.61 ? 82  LEU A CD2 1 
ATOM   130  N N   . ALA A 1 18  ? 8.571   -9.877  14.610  1.00 43.39 ? 83  ALA A N   1 
ATOM   131  C CA  . ALA A 1 18  ? 9.701   -10.757 14.891  1.00 44.96 ? 83  ALA A CA  1 
ATOM   132  C C   . ALA A 1 18  ? 9.270   -12.160 15.320  1.00 46.17 ? 83  ALA A C   1 
ATOM   133  O O   . ALA A 1 18  ? 10.028  -13.125 15.187  1.00 46.29 ? 83  ALA A O   1 
ATOM   134  C CB  . ALA A 1 18  ? 10.583  -10.133 15.958  1.00 44.99 ? 83  ALA A CB  1 
ATOM   135  N N   . GLN A 1 19  ? 8.051   -12.273 15.831  1.00 47.32 ? 84  GLN A N   1 
ATOM   136  C CA  . GLN A 1 19  ? 7.533   -13.563 16.275  1.00 49.05 ? 84  GLN A CA  1 
ATOM   137  C C   . GLN A 1 19  ? 6.548   -14.147 15.276  1.00 48.14 ? 84  GLN A C   1 
ATOM   138  O O   . GLN A 1 19  ? 6.135   -15.297 15.401  1.00 48.58 ? 84  GLN A O   1 
ATOM   139  C CB  . GLN A 1 19  ? 6.866   -13.401 17.639  1.00 50.54 ? 84  GLN A CB  1 
ATOM   140  C CG  . GLN A 1 19  ? 7.823   -12.843 18.665  1.00 53.95 ? 84  GLN A CG  1 
ATOM   141  C CD  . GLN A 1 19  ? 7.170   -12.530 19.981  1.00 56.56 ? 84  GLN A CD  1 
ATOM   142  O OE1 . GLN A 1 19  ? 6.190   -11.783 20.041  1.00 58.44 ? 84  GLN A OE1 1 
ATOM   143  N NE2 . GLN A 1 19  ? 7.714   -13.090 21.055  1.00 58.69 ? 84  GLN A NE2 1 
ATOM   144  N N   . SER A 1 20  ? 6.188   -13.352 14.275  1.00 46.36 ? 85  SER A N   1 
ATOM   145  C CA  . SER A 1 20  ? 5.243   -13.786 13.253  1.00 44.98 ? 85  SER A CA  1 
ATOM   146  C C   . SER A 1 20  ? 5.871   -14.807 12.321  1.00 44.22 ? 85  SER A C   1 
ATOM   147  O O   . SER A 1 20  ? 7.060   -15.126 12.420  1.00 43.87 ? 85  SER A O   1 
ATOM   148  C CB  . SER A 1 20  ? 4.779   -12.595 12.420  1.00 44.18 ? 85  SER A CB  1 
ATOM   149  O OG  . SER A 1 20  ? 5.799   -12.201 11.515  1.00 42.46 ? 85  SER A OG  1 
ATOM   150  N N   . ALA A 1 21  ? 5.064   -15.294 11.391  1.00 43.16 ? 86  ALA A N   1 
ATOM   151  C CA  . ALA A 1 21  ? 5.517   -16.280 10.431  1.00 43.57 ? 86  ALA A CA  1 
ATOM   152  C C   . ALA A 1 21  ? 6.400   -15.668 9.355   1.00 44.17 ? 86  ALA A C   1 
ATOM   153  O O   . ALA A 1 21  ? 6.951   -16.385 8.520   1.00 44.61 ? 86  ALA A O   1 
ATOM   154  C CB  . ALA A 1 21  ? 4.315   -16.958 9.788   1.00 44.68 ? 86  ALA A CB  1 
ATOM   155  N N   . TYR A 1 22  ? 6.550   -14.346 9.369   1.00 44.06 ? 87  TYR A N   1 
ATOM   156  C CA  . TYR A 1 22  ? 7.359   -13.697 8.344   1.00 43.46 ? 87  TYR A CA  1 
ATOM   157  C C   . TYR A 1 22  ? 8.749   -13.287 8.816   1.00 44.92 ? 87  TYR A C   1 
ATOM   158  O O   . TYR A 1 22  ? 9.533   -12.746 8.036   1.00 43.94 ? 87  TYR A O   1 
ATOM   159  C CB  . TYR A 1 22  ? 6.592   -12.496 7.762   1.00 41.18 ? 87  TYR A CB  1 
ATOM   160  C CG  . TYR A 1 22  ? 5.195   -12.882 7.323   1.00 39.10 ? 87  TYR A CG  1 
ATOM   161  C CD1 . TYR A 1 22  ? 4.086   -12.574 8.111   1.00 37.05 ? 87  TYR A CD1 1 
ATOM   162  C CD2 . TYR A 1 22  ? 4.996   -13.668 6.180   1.00 37.91 ? 87  TYR A CD2 1 
ATOM   163  C CE1 . TYR A 1 22  ? 2.816   -13.046 7.784   1.00 37.52 ? 87  TYR A CE1 1 
ATOM   164  C CE2 . TYR A 1 22  ? 3.733   -14.150 5.845   1.00 37.75 ? 87  TYR A CE2 1 
ATOM   165  C CZ  . TYR A 1 22  ? 2.649   -13.840 6.651   1.00 38.25 ? 87  TYR A CZ  1 
ATOM   166  O OH  . TYR A 1 22  ? 1.407   -14.347 6.346   1.00 38.11 ? 87  TYR A OH  1 
ATOM   167  N N   . LYS A 1 23  ? 9.059   -13.576 10.079  1.00 46.16 ? 88  LYS A N   1 
ATOM   168  C CA  . LYS A 1 23  ? 10.370  -13.248 10.647  1.00 47.95 ? 88  LYS A CA  1 
ATOM   169  C C   . LYS A 1 23  ? 11.552  -13.834 9.855   1.00 47.30 ? 88  LYS A C   1 
ATOM   170  O O   . LYS A 1 23  ? 12.666  -13.324 9.922   1.00 47.92 ? 88  LYS A O   1 
ATOM   171  C CB  . LYS A 1 23  ? 10.444  -13.713 12.106  1.00 49.58 ? 88  LYS A CB  1 
ATOM   172  C CG  . LYS A 1 23  ? 10.250  -15.212 12.317  1.00 52.76 ? 88  LYS A CG  1 
ATOM   173  C CD  . LYS A 1 23  ? 10.224  -15.557 13.808  1.00 54.16 ? 88  LYS A CD  1 
ATOM   174  C CE  . LYS A 1 23  ? 9.939   -17.036 14.052  1.00 55.87 ? 88  LYS A CE  1 
ATOM   175  N NZ  . LYS A 1 23  ? 8.588   -17.453 13.570  1.00 56.65 ? 88  LYS A NZ  1 
ATOM   176  N N   . THR A 1 24  ? 11.308  -14.895 9.096   1.00 46.80 ? 89  THR A N   1 
ATOM   177  C CA  . THR A 1 24  ? 12.363  -15.522 8.304   1.00 46.06 ? 89  THR A CA  1 
ATOM   178  C C   . THR A 1 24  ? 12.637  -14.793 6.989   1.00 45.39 ? 89  THR A C   1 
ATOM   179  O O   . THR A 1 24  ? 13.682  -14.996 6.370   1.00 44.66 ? 89  THR A O   1 
ATOM   180  C CB  . THR A 1 24  ? 12.003  -16.991 7.963   1.00 47.68 ? 89  THR A CB  1 
ATOM   181  O OG1 . THR A 1 24  ? 11.937  -17.758 9.170   1.00 49.05 ? 89  THR A OG1 1 
ATOM   182  C CG2 . THR A 1 24  ? 13.053  -17.610 7.038   1.00 48.08 ? 89  THR A CG2 1 
ATOM   183  N N   . GLU A 1 25  ? 11.701  -13.959 6.547   1.00 43.27 ? 90  GLU A N   1 
ATOM   184  C CA  . GLU A 1 25  ? 11.898  -13.243 5.291   1.00 41.82 ? 90  GLU A CA  1 
ATOM   185  C C   . GLU A 1 25  ? 12.993  -12.206 5.446   1.00 40.98 ? 90  GLU A C   1 
ATOM   186  O O   . GLU A 1 25  ? 13.410  -11.887 6.563   1.00 37.85 ? 90  GLU A O   1 
ATOM   187  C CB  . GLU A 1 25  ? 10.618  -12.532 4.850   1.00 41.86 ? 90  GLU A CB  1 
ATOM   188  C CG  . GLU A 1 25  ? 9.419   -13.435 4.626   1.00 42.73 ? 90  GLU A CG  1 
ATOM   189  C CD  . GLU A 1 25  ? 8.204   -12.658 4.140   1.00 42.60 ? 90  GLU A CD  1 
ATOM   190  O OE1 . GLU A 1 25  ? 8.029   -11.503 4.583   1.00 41.45 ? 90  GLU A OE1 1 
ATOM   191  O OE2 . GLU A 1 25  ? 7.427   -13.207 3.331   1.00 40.38 ? 90  GLU A OE2 1 
ATOM   192  N N   . ASP A 1 26  ? 13.467  -11.690 4.319   1.00 39.90 ? 91  ASP A N   1 
ATOM   193  C CA  . ASP A 1 26  ? 14.481  -10.665 4.367   1.00 39.83 ? 91  ASP A CA  1 
ATOM   194  C C   . ASP A 1 26  ? 13.802  -9.359  4.760   1.00 37.81 ? 91  ASP A C   1 
ATOM   195  O O   . ASP A 1 26  ? 12.765  -9.001  4.214   1.00 37.58 ? 91  ASP A O   1 
ATOM   196  C CB  . ASP A 1 26  ? 15.166  -10.499 3.013   1.00 42.67 ? 91  ASP A CB  1 
ATOM   197  C CG  . ASP A 1 26  ? 16.044  -11.678 2.657   1.00 47.85 ? 91  ASP A CG  1 
ATOM   198  O OD1 . ASP A 1 26  ? 16.709  -12.229 3.567   1.00 49.60 ? 91  ASP A OD1 1 
ATOM   199  O OD2 . ASP A 1 26  ? 16.087  -12.049 1.460   1.00 51.15 ? 91  ASP A OD2 1 
ATOM   200  N N   . TRP A 1 27  ? 14.380  -8.675  5.736   1.00 35.12 ? 92  TRP A N   1 
ATOM   201  C CA  . TRP A 1 27  ? 13.867  -7.399  6.184   1.00 33.71 ? 92  TRP A CA  1 
ATOM   202  C C   . TRP A 1 27  ? 15.051  -6.456  6.256   1.00 34.21 ? 92  TRP A C   1 
ATOM   203  O O   . TRP A 1 27  ? 15.981  -6.669  7.039   1.00 33.98 ? 92  TRP A O   1 
ATOM   204  C CB  . TRP A 1 27  ? 13.223  -7.514  7.561   1.00 32.83 ? 92  TRP A CB  1 
ATOM   205  C CG  . TRP A 1 27  ? 11.996  -8.339  7.563   1.00 34.41 ? 92  TRP A CG  1 
ATOM   206  C CD1 . TRP A 1 27  ? 11.908  -9.678  7.813   1.00 35.87 ? 92  TRP A CD1 1 
ATOM   207  C CD2 . TRP A 1 27  ? 10.668  -7.901  7.242   1.00 34.63 ? 92  TRP A CD2 1 
ATOM   208  N NE1 . TRP A 1 27  ? 10.608  -10.102 7.669   1.00 35.86 ? 92  TRP A NE1 1 
ATOM   209  C CE2 . TRP A 1 27  ? 9.826   -9.033  7.319   1.00 34.84 ? 92  TRP A CE2 1 
ATOM   210  C CE3 . TRP A 1 27  ? 10.109  -6.666  6.895   1.00 34.60 ? 92  TRP A CE3 1 
ATOM   211  C CZ2 . TRP A 1 27  ? 8.456   -8.967  7.061   1.00 34.82 ? 92  TRP A CZ2 1 
ATOM   212  C CZ3 . TRP A 1 27  ? 8.742   -6.599  6.637   1.00 35.83 ? 92  TRP A CZ3 1 
ATOM   213  C CH2 . TRP A 1 27  ? 7.932   -7.749  6.722   1.00 34.66 ? 92  TRP A CH2 1 
ATOM   214  N N   . THR A 1 28  ? 15.028  -5.422  5.423   1.00 33.99 ? 93  THR A N   1 
ATOM   215  C CA  . THR A 1 28  ? 16.107  -4.445  5.410   1.00 33.27 ? 93  THR A CA  1 
ATOM   216  C C   . THR A 1 28  ? 15.835  -3.408  6.488   1.00 32.94 ? 93  THR A C   1 
ATOM   217  O O   . THR A 1 28  ? 14.745  -3.373  7.063   1.00 32.97 ? 93  THR A O   1 
ATOM   218  C CB  . THR A 1 28  ? 16.185  -3.730  4.059   1.00 32.58 ? 93  THR A CB  1 
ATOM   219  O OG1 . THR A 1 28  ? 14.954  -3.037  3.823   1.00 34.15 ? 93  THR A OG1 1 
ATOM   220  C CG2 . THR A 1 28  ? 16.426  -4.732  2.948   1.00 31.40 ? 93  THR A CG2 1 
ATOM   221  N N   . LEU A 1 29  ? 16.833  -2.582  6.776   1.00 32.82 ? 94  LEU A N   1 
ATOM   222  C CA  . LEU A 1 29  ? 16.677  -1.527  7.763   1.00 33.22 ? 94  LEU A CA  1 
ATOM   223  C C   . LEU A 1 29  ? 15.607  -0.577  7.245   1.00 34.64 ? 94  LEU A C   1 
ATOM   224  O O   . LEU A 1 29  ? 14.784  -0.075  8.003   1.00 35.66 ? 94  LEU A O   1 
ATOM   225  C CB  . LEU A 1 29  ? 18.004  -0.796  7.952   1.00 32.30 ? 94  LEU A CB  1 
ATOM   226  C CG  . LEU A 1 29  ? 19.065  -1.712  8.565   1.00 33.01 ? 94  LEU A CG  1 
ATOM   227  C CD1 . LEU A 1 29  ? 20.449  -1.079  8.497   1.00 31.84 ? 94  LEU A CD1 1 
ATOM   228  C CD2 . LEU A 1 29  ? 18.660  -2.003  10.007  1.00 31.81 ? 94  LEU A CD2 1 
ATOM   229  N N   . GLN A 1 30  ? 15.611  -0.356  5.936   1.00 35.41 ? 95  GLN A N   1 
ATOM   230  C CA  . GLN A 1 30  ? 14.636  0.520   5.294   1.00 36.71 ? 95  GLN A CA  1 
ATOM   231  C C   . GLN A 1 30  ? 13.207  0.014   5.523   1.00 35.94 ? 95  GLN A C   1 
ATOM   232  O O   . GLN A 1 30  ? 12.323  0.789   5.899   1.00 35.51 ? 95  GLN A O   1 
ATOM   233  C CB  . GLN A 1 30  ? 14.936  0.621   3.790   1.00 38.64 ? 95  GLN A CB  1 
ATOM   234  C CG  . GLN A 1 30  ? 13.884  1.370   2.988   1.00 43.42 ? 95  GLN A CG  1 
ATOM   235  C CD  . GLN A 1 30  ? 14.262  1.549   1.522   1.00 46.58 ? 95  GLN A CD  1 
ATOM   236  O OE1 . GLN A 1 30  ? 15.095  2.398   1.171   1.00 46.61 ? 95  GLN A OE1 1 
ATOM   237  N NE2 . GLN A 1 30  ? 13.649  0.744   0.657   1.00 47.80 ? 95  GLN A NE2 1 
ATOM   238  N N   . ASP A 1 31  ? 12.991  -1.283  5.310   1.00 34.87 ? 96  ASP A N   1 
ATOM   239  C CA  . ASP A 1 31  ? 11.673  -1.898  5.497   1.00 33.58 ? 96  ASP A CA  1 
ATOM   240  C C   . ASP A 1 31  ? 11.105  -1.662  6.882   1.00 32.65 ? 96  ASP A C   1 
ATOM   241  O O   . ASP A 1 31  ? 9.897   -1.585  7.055   1.00 32.07 ? 96  ASP A O   1 
ATOM   242  C CB  . ASP A 1 31  ? 11.728  -3.417  5.301   1.00 33.86 ? 96  ASP A CB  1 
ATOM   243  C CG  . ASP A 1 31  ? 12.017  -3.823  3.882   1.00 34.62 ? 96  ASP A CG  1 
ATOM   244  O OD1 . ASP A 1 31  ? 11.649  -3.072  2.954   1.00 35.33 ? 96  ASP A OD1 1 
ATOM   245  O OD2 . ASP A 1 31  ? 12.595  -4.915  3.693   1.00 36.97 ? 96  ASP A OD2 1 
ATOM   246  N N   . THR A 1 32  ? 11.978  -1.551  7.871   1.00 32.44 ? 97  THR A N   1 
ATOM   247  C CA  . THR A 1 32  ? 11.533  -1.379  9.246   1.00 32.95 ? 97  THR A CA  1 
ATOM   248  C C   . THR A 1 32  ? 11.671  0.014   9.835   1.00 33.37 ? 97  THR A C   1 
ATOM   249  O O   . THR A 1 32  ? 11.406  0.199   11.021  1.00 33.11 ? 97  THR A O   1 
ATOM   250  C CB  . THR A 1 32  ? 12.283  -2.357  10.181  1.00 34.01 ? 97  THR A CB  1 
ATOM   251  O OG1 . THR A 1 32  ? 13.692  -2.099  10.115  1.00 34.98 ? 97  THR A OG1 1 
ATOM   252  C CG2 . THR A 1 32  ? 12.035  -3.798  9.762   1.00 33.37 ? 97  THR A CG2 1 
ATOM   253  N N   . CYS A 1 33  ? 12.064  0.999   9.030   1.00 34.28 ? 98  CYS A N   1 
ATOM   254  C CA  . CYS A 1 33  ? 12.248  2.345   9.569   1.00 34.79 ? 98  CYS A CA  1 
ATOM   255  C C   . CYS A 1 33  ? 10.952  3.107   9.823   1.00 35.67 ? 98  CYS A C   1 
ATOM   256  O O   . CYS A 1 33  ? 9.893   2.753   9.310   1.00 35.30 ? 98  CYS A O   1 
ATOM   257  C CB  . CYS A 1 33  ? 13.168  3.166   8.658   1.00 35.24 ? 98  CYS A CB  1 
ATOM   258  S SG  . CYS A 1 33  ? 12.401  3.761   7.139   1.00 35.56 ? 98  CYS A SG  1 
ATOM   259  N N   . GLU A 1 34  ? 11.056  4.161   10.630  1.00 37.50 ? 99  GLU A N   1 
ATOM   260  C CA  . GLU A 1 34  ? 9.917   4.997   10.994  1.00 39.80 ? 99  GLU A CA  1 
ATOM   261  C C   . GLU A 1 34  ? 9.287   5.706   9.805   1.00 38.45 ? 99  GLU A C   1 
ATOM   262  O O   . GLU A 1 34  ? 8.062   5.752   9.686   1.00 37.78 ? 99  GLU A O   1 
ATOM   263  C CB  . GLU A 1 34  ? 10.335  6.044   12.031  1.00 43.24 ? 99  GLU A CB  1 
ATOM   264  C CG  . GLU A 1 34  ? 10.402  5.532   13.463  1.00 50.92 ? 99  GLU A CG  1 
ATOM   265  C CD  . GLU A 1 34  ? 11.031  6.538   14.432  1.00 55.46 ? 99  GLU A CD  1 
ATOM   266  O OE1 . GLU A 1 34  ? 10.999  6.284   15.659  1.00 57.60 ? 99  GLU A OE1 1 
ATOM   267  O OE2 . GLU A 1 34  ? 11.561  7.577   13.968  1.00 57.01 ? 99  GLU A OE2 1 
ATOM   268  N N   . GLU A 1 35  ? 10.121  6.263   8.933   1.00 37.07 ? 100 GLU A N   1 
ATOM   269  C CA  . GLU A 1 35  ? 9.615   6.983   7.768   1.00 38.33 ? 100 GLU A CA  1 
ATOM   270  C C   . GLU A 1 35  ? 8.615   6.153   6.975   1.00 37.15 ? 100 GLU A C   1 
ATOM   271  O O   . GLU A 1 35  ? 7.530   6.626   6.638   1.00 35.80 ? 100 GLU A O   1 
ATOM   272  C CB  . GLU A 1 35  ? 10.763  7.402   6.847   1.00 39.75 ? 100 GLU A CB  1 
ATOM   273  C CG  . GLU A 1 35  ? 11.528  8.635   7.292   1.00 44.44 ? 100 GLU A CG  1 
ATOM   274  C CD  . GLU A 1 35  ? 10.641  9.865   7.429   1.00 47.44 ? 100 GLU A CD  1 
ATOM   275  O OE1 . GLU A 1 35  ? 9.676   10.022  6.638   1.00 48.63 ? 100 GLU A OE1 1 
ATOM   276  O OE2 . GLU A 1 35  ? 10.924  10.687  8.327   1.00 48.87 ? 100 GLU A OE2 1 
ATOM   277  N N   . LEU A 1 36  ? 8.990   4.913   6.681   1.00 35.77 ? 101 LEU A N   1 
ATOM   278  C CA  . LEU A 1 36  ? 8.128   4.012   5.926   1.00 35.21 ? 101 LEU A CA  1 
ATOM   279  C C   . LEU A 1 36  ? 6.927   3.579   6.759   1.00 34.82 ? 101 LEU A C   1 
ATOM   280  O O   . LEU A 1 36  ? 5.818   3.460   6.252   1.00 33.95 ? 101 LEU A O   1 
ATOM   281  C CB  . LEU A 1 36  ? 8.924   2.786   5.477   1.00 33.90 ? 101 LEU A CB  1 
ATOM   282  C CG  . LEU A 1 36  ? 8.152   1.790   4.611   1.00 34.50 ? 101 LEU A CG  1 
ATOM   283  C CD1 . LEU A 1 36  ? 7.622   2.505   3.375   1.00 32.76 ? 101 LEU A CD1 1 
ATOM   284  C CD2 . LEU A 1 36  ? 9.066   0.636   4.215   1.00 33.86 ? 101 LEU A CD2 1 
ATOM   285  N N   . TRP A 1 37  ? 7.166   3.347   8.045   1.00 36.13 ? 102 TRP A N   1 
ATOM   286  C CA  . TRP A 1 37  ? 6.123   2.939   8.970   1.00 37.49 ? 102 TRP A CA  1 
ATOM   287  C C   . TRP A 1 37  ? 4.988   3.955   8.939   1.00 39.02 ? 102 TRP A C   1 
ATOM   288  O O   . TRP A 1 37  ? 3.817   3.586   8.955   1.00 38.53 ? 102 TRP A O   1 
ATOM   289  C CB  . TRP A 1 37  ? 6.708   2.830   10.378  1.00 37.58 ? 102 TRP A CB  1 
ATOM   290  C CG  . TRP A 1 37  ? 5.702   2.566   11.465  1.00 37.76 ? 102 TRP A CG  1 
ATOM   291  C CD1 . TRP A 1 37  ? 5.328   3.424   12.466  1.00 37.05 ? 102 TRP A CD1 1 
ATOM   292  C CD2 . TRP A 1 37  ? 4.933   1.373   11.655  1.00 36.96 ? 102 TRP A CD2 1 
ATOM   293  N NE1 . TRP A 1 37  ? 4.375   2.838   13.265  1.00 36.63 ? 102 TRP A NE1 1 
ATOM   294  C CE2 . TRP A 1 37  ? 4.113   1.580   12.789  1.00 37.68 ? 102 TRP A CE2 1 
ATOM   295  C CE3 . TRP A 1 37  ? 4.854   0.150   10.976  1.00 36.72 ? 102 TRP A CE3 1 
ATOM   296  C CZ2 . TRP A 1 37  ? 3.224   0.606   13.259  1.00 37.47 ? 102 TRP A CZ2 1 
ATOM   297  C CZ3 . TRP A 1 37  ? 3.971   -0.817  11.440  1.00 37.34 ? 102 TRP A CZ3 1 
ATOM   298  C CH2 . TRP A 1 37  ? 3.166   -0.581  12.575  1.00 37.84 ? 102 TRP A CH2 1 
ATOM   299  N N   . ASN A 1 38  ? 5.337   5.235   8.874   1.00 40.68 ? 103 ASN A N   1 
ATOM   300  C CA  . ASN A 1 38  ? 4.327   6.283   8.843   1.00 43.29 ? 103 ASN A CA  1 
ATOM   301  C C   . ASN A 1 38  ? 3.795   6.593   7.451   1.00 42.70 ? 103 ASN A C   1 
ATOM   302  O O   . ASN A 1 38  ? 3.041   7.546   7.267   1.00 44.13 ? 103 ASN A O   1 
ATOM   303  C CB  . ASN A 1 38  ? 4.871   7.563   9.480   1.00 46.11 ? 103 ASN A CB  1 
ATOM   304  C CG  . ASN A 1 38  ? 5.081   7.414   10.970  1.00 50.50 ? 103 ASN A CG  1 
ATOM   305  O OD1 . ASN A 1 38  ? 4.151   7.066   11.700  1.00 53.34 ? 103 ASN A OD1 1 
ATOM   306  N ND2 . ASN A 1 38  ? 6.304   7.672   11.434  1.00 51.96 ? 103 ASN A ND2 1 
ATOM   307  N N   . THR A 1 39  ? 4.190   5.796   6.470   1.00 40.93 ? 104 THR A N   1 
ATOM   308  C CA  . THR A 1 39  ? 3.729   6.000   5.108   1.00 39.87 ? 104 THR A CA  1 
ATOM   309  C C   . THR A 1 39  ? 2.540   5.075   4.868   1.00 40.78 ? 104 THR A C   1 
ATOM   310  O O   . THR A 1 39  ? 2.463   3.989   5.440   1.00 39.40 ? 104 THR A O   1 
ATOM   311  C CB  . THR A 1 39  ? 4.833   5.671   4.094   1.00 39.62 ? 104 THR A CB  1 
ATOM   312  O OG1 . THR A 1 39  ? 6.005   6.434   4.401   1.00 39.57 ? 104 THR A OG1 1 
ATOM   313  C CG2 . THR A 1 39  ? 4.378   5.996   2.687   1.00 37.80 ? 104 THR A CG2 1 
ATOM   314  N N   . GLU A 1 40  ? 1.610   5.518   4.032   1.00 41.87 ? 105 GLU A N   1 
ATOM   315  C CA  . GLU A 1 40  ? 0.424   4.736   3.715   1.00 43.19 ? 105 GLU A CA  1 
ATOM   316  C C   . GLU A 1 40  ? 0.753   3.457   2.958   1.00 43.27 ? 105 GLU A C   1 
ATOM   317  O O   . GLU A 1 40  ? 1.591   3.457   2.059   1.00 43.60 ? 105 GLU A O   1 
ATOM   318  C CB  . GLU A 1 40  ? -0.544  5.579   2.884   1.00 45.58 ? 105 GLU A CB  1 
ATOM   319  C CG  . GLU A 1 40  ? -1.259  6.648   3.683   1.00 47.73 ? 105 GLU A CG  1 
ATOM   320  C CD  . GLU A 1 40  ? -2.290  6.066   4.627   1.00 50.02 ? 105 GLU A CD  1 
ATOM   321  O OE1 . GLU A 1 40  ? -2.149  4.885   5.015   1.00 50.77 ? 105 GLU A OE1 1 
ATOM   322  O OE2 . GLU A 1 40  ? -3.237  6.797   4.990   1.00 53.42 ? 105 GLU A OE2 1 
ATOM   323  N N   . PRO A 1 41  ? 0.122   2.334   3.341   1.00 42.91 ? 106 PRO A N   1 
ATOM   324  C CA  . PRO A 1 41  ? -0.852  2.253   4.435   1.00 41.99 ? 106 PRO A CA  1 
ATOM   325  C C   . PRO A 1 41  ? -0.116  2.233   5.771   1.00 42.27 ? 106 PRO A C   1 
ATOM   326  O O   . PRO A 1 41  ? 0.836   1.470   5.953   1.00 38.95 ? 106 PRO A O   1 
ATOM   327  C CB  . PRO A 1 41  ? -1.576  0.944   4.148   1.00 42.55 ? 106 PRO A CB  1 
ATOM   328  C CG  . PRO A 1 41  ? -0.491  0.107   3.557   1.00 42.81 ? 106 PRO A CG  1 
ATOM   329  C CD  . PRO A 1 41  ? 0.192   1.058   2.608   1.00 43.19 ? 106 PRO A CD  1 
ATOM   330  N N   . THR A 1 42  ? -0.552  3.077   6.699   1.00 43.05 ? 107 THR A N   1 
ATOM   331  C CA  . THR A 1 42  ? 0.096   3.153   8.000   1.00 45.30 ? 107 THR A CA  1 
ATOM   332  C C   . THR A 1 42  ? -0.231  1.956   8.868   1.00 45.36 ? 107 THR A C   1 
ATOM   333  O O   . THR A 1 42  ? -1.170  1.209   8.579   1.00 45.83 ? 107 THR A O   1 
ATOM   334  C CB  . THR A 1 42  ? -0.312  4.419   8.741   1.00 47.26 ? 107 THR A CB  1 
ATOM   335  O OG1 . THR A 1 42  ? -1.724  4.390   8.984   1.00 49.91 ? 107 THR A OG1 1 
ATOM   336  C CG2 . THR A 1 42  ? 0.040   5.643   7.914   1.00 50.52 ? 107 THR A CG2 1 
ATOM   337  N N   . HIS A 1 43  ? 0.555   1.775   9.929   1.00 45.61 ? 108 HIS A N   1 
ATOM   338  C CA  . HIS A 1 43  ? 0.369   0.662   10.853  1.00 44.89 ? 108 HIS A CA  1 
ATOM   339  C C   . HIS A 1 43  ? 0.591   -0.670  10.157  1.00 42.39 ? 108 HIS A C   1 
ATOM   340  O O   . HIS A 1 43  ? 0.167   -1.710  10.655  1.00 43.92 ? 108 HIS A O   1 
ATOM   341  C CB  . HIS A 1 43  ? -1.041  0.688   11.452  1.00 48.73 ? 108 HIS A CB  1 
ATOM   342  C CG  . HIS A 1 43  ? -1.281  1.839   12.378  1.00 52.56 ? 108 HIS A CG  1 
ATOM   343  N ND1 . HIS A 1 43  ? -2.533  2.152   12.867  1.00 53.98 ? 108 HIS A ND1 1 
ATOM   344  C CD2 . HIS A 1 43  ? -0.428  2.741   12.919  1.00 54.65 ? 108 HIS A CD2 1 
ATOM   345  C CE1 . HIS A 1 43  ? -2.440  3.198   13.669  1.00 55.83 ? 108 HIS A CE1 1 
ATOM   346  N NE2 . HIS A 1 43  ? -1.173  3.575   13.717  1.00 56.31 ? 108 HIS A NE2 1 
ATOM   347  N N   . CYS A 1 44  ? 1.241   -0.634  9.001   1.00 38.99 ? 109 CYS A N   1 
ATOM   348  C CA  . CYS A 1 44  ? 1.531   -1.846  8.242   1.00 36.76 ? 109 CYS A CA  1 
ATOM   349  C C   . CYS A 1 44  ? 2.989   -1.852  7.811   1.00 35.65 ? 109 CYS A C   1 
ATOM   350  O O   . CYS A 1 44  ? 3.654   -0.822  7.826   1.00 37.10 ? 109 CYS A O   1 
ATOM   351  C CB  . CYS A 1 44  ? 0.698   -1.906  6.964   1.00 37.15 ? 109 CYS A CB  1 
ATOM   352  S SG  . CYS A 1 44  ? -1.067  -2.061  7.153   1.00 37.25 ? 109 CYS A SG  1 
ATOM   353  N N   . PHE A 1 45  ? 3.488   -3.021  7.443   1.00 32.71 ? 110 PHE A N   1 
ATOM   354  C CA  . PHE A 1 45  ? 4.837   -3.109  6.915   1.00 32.36 ? 110 PHE A CA  1 
ATOM   355  C C   . PHE A 1 45  ? 4.578   -3.415  5.446   1.00 30.80 ? 110 PHE A C   1 
ATOM   356  O O   . PHE A 1 45  ? 3.543   -3.978  5.094   1.00 31.56 ? 110 PHE A O   1 
ATOM   357  C CB  . PHE A 1 45  ? 5.652   -4.229  7.589   1.00 31.55 ? 110 PHE A CB  1 
ATOM   358  C CG  . PHE A 1 45  ? 6.065   -3.903  9.004   1.00 32.60 ? 110 PHE A CG  1 
ATOM   359  C CD1 . PHE A 1 45  ? 5.447   -4.517  10.094  1.00 33.09 ? 110 PHE A CD1 1 
ATOM   360  C CD2 . PHE A 1 45  ? 7.023   -2.929  9.248   1.00 32.43 ? 110 PHE A CD2 1 
ATOM   361  C CE1 . PHE A 1 45  ? 5.777   -4.153  11.405  1.00 32.22 ? 110 PHE A CE1 1 
ATOM   362  C CE2 . PHE A 1 45  ? 7.358   -2.564  10.549  1.00 31.32 ? 110 PHE A CE2 1 
ATOM   363  C CZ  . PHE A 1 45  ? 6.730   -3.176  11.627  1.00 31.32 ? 110 PHE A CZ  1 
ATOM   364  N N   . LYS A 1 46  ? 5.482   -3.007  4.578   1.00 31.16 ? 111 LYS A N   1 
ATOM   365  C CA  . LYS A 1 46  ? 5.287   -3.269  3.168   1.00 30.59 ? 111 LYS A CA  1 
ATOM   366  C C   . LYS A 1 46  ? 6.616   -3.364  2.443   1.00 29.94 ? 111 LYS A C   1 
ATOM   367  O O   . LYS A 1 46  ? 7.585   -2.703  2.803   1.00 29.12 ? 111 LYS A O   1 
ATOM   368  C CB  . LYS A 1 46  ? 4.404   -2.182  2.540   1.00 31.99 ? 111 LYS A CB  1 
ATOM   369  C CG  . LYS A 1 46  ? 4.757   -0.744  2.913   1.00 31.01 ? 111 LYS A CG  1 
ATOM   370  C CD  . LYS A 1 46  ? 4.046   -0.303  4.175   1.00 30.88 ? 111 LYS A CD  1 
ATOM   371  C CE  . LYS A 1 46  ? 4.216   1.184   4.408   1.00 31.76 ? 111 LYS A CE  1 
ATOM   372  N NZ  . LYS A 1 46  ? 3.595   1.611   5.695   1.00 31.06 ? 111 LYS A NZ  1 
ATOM   373  N N   . LYS A 1 47  ? 6.650   -4.206  1.425   1.00 29.75 ? 112 LYS A N   1 
ATOM   374  C CA  . LYS A 1 47  ? 7.847   -4.416  0.650   1.00 31.13 ? 112 LYS A CA  1 
ATOM   375  C C   . LYS A 1 47  ? 7.462   -4.583  -0.802  1.00 31.27 ? 112 LYS A C   1 
ATOM   376  O O   . LYS A 1 47  ? 6.314   -4.896  -1.116  1.00 30.95 ? 112 LYS A O   1 
ATOM   377  C CB  . LYS A 1 47  ? 8.577   -5.676  1.135   1.00 32.45 ? 112 LYS A CB  1 
ATOM   378  C CG  . LYS A 1 47  ? 9.026   -5.600  2.580   1.00 34.08 ? 112 LYS A CG  1 
ATOM   379  C CD  . LYS A 1 47  ? 9.889   -6.796  2.971   1.00 36.10 ? 112 LYS A CD  1 
ATOM   380  C CE  . LYS A 1 47  ? 9.074   -8.067  3.109   1.00 33.75 ? 112 LYS A CE  1 
ATOM   381  N NZ  . LYS A 1 47  ? 9.914   -9.170  3.655   1.00 34.91 ? 112 LYS A NZ  1 
ATOM   382  N N   . GLY A 1 48  ? 8.431   -4.366  -1.682  1.00 32.39 ? 113 GLY A N   1 
ATOM   383  C CA  . GLY A 1 48  ? 8.186   -4.517  -3.102  1.00 35.05 ? 113 GLY A CA  1 
ATOM   384  C C   . GLY A 1 48  ? 7.373   -3.395  -3.705  1.00 36.66 ? 113 GLY A C   1 
ATOM   385  O O   . GLY A 1 48  ? 6.351   -3.631  -4.343  1.00 36.98 ? 113 GLY A O   1 
ATOM   386  N N   . GLY A 1 49  ? 7.831   -2.167  -3.503  1.00 38.57 ? 114 GLY A N   1 
ATOM   387  C CA  . GLY A 1 49  ? 7.134   -1.026  -4.059  1.00 40.23 ? 114 GLY A CA  1 
ATOM   388  C C   . GLY A 1 49  ? 7.066   -1.110  -5.569  1.00 41.58 ? 114 GLY A C   1 
ATOM   389  O O   . GLY A 1 49  ? 8.034   -1.495  -6.231  1.00 40.79 ? 114 GLY A O   1 
ATOM   390  N N   . GLN A 1 50  ? 5.906   -0.758  -6.111  1.00 43.34 ? 115 GLN A N   1 
ATOM   391  C CA  . GLN A 1 50  ? 5.678   -0.779  -7.552  1.00 43.83 ? 115 GLN A CA  1 
ATOM   392  C C   . GLN A 1 50  ? 5.017   0.544   -7.928  1.00 41.89 ? 115 GLN A C   1 
ATOM   393  O O   . GLN A 1 50  ? 4.085   0.989   -7.266  1.00 40.96 ? 115 GLN A O   1 
ATOM   394  C CB  . GLN A 1 50  ? 4.757   -1.939  -7.920  1.00 47.71 ? 115 GLN A CB  1 
ATOM   395  C CG  . GLN A 1 50  ? 5.130   -2.648  -9.207  1.00 53.18 ? 115 GLN A CG  1 
ATOM   396  C CD  . GLN A 1 50  ? 6.453   -3.374  -9.090  1.00 55.54 ? 115 GLN A CD  1 
ATOM   397  O OE1 . GLN A 1 50  ? 6.647   -4.182  -8.178  1.00 57.11 ? 115 GLN A OE1 1 
ATOM   398  N NE2 . GLN A 1 50  ? 7.374   -3.093  -10.013 1.00 57.94 ? 115 GLN A NE2 1 
ATOM   399  N N   . THR A 1 51  ? 5.503   1.157   -8.997  1.00 40.02 ? 116 THR A N   1 
ATOM   400  C CA  . THR A 1 51  ? 4.999   2.437   -9.466  1.00 38.30 ? 116 THR A CA  1 
ATOM   401  C C   . THR A 1 51  ? 3.666   2.393   -10.192 1.00 36.37 ? 116 THR A C   1 
ATOM   402  O O   . THR A 1 51  ? 3.514   1.691   -11.197 1.00 36.11 ? 116 THR A O   1 
ATOM   403  C CB  . THR A 1 51  ? 6.018   3.097   -10.420 1.00 38.74 ? 116 THR A CB  1 
ATOM   404  O OG1 . THR A 1 51  ? 7.196   3.428   -9.692  1.00 40.72 ? 116 THR A OG1 1 
ATOM   405  C CG2 . THR A 1 51  ? 5.449   4.367   -11.040 1.00 39.97 ? 116 THR A CG2 1 
ATOM   406  N N   . VAL A 1 52  ? 2.708   3.161   -9.687  1.00 34.71 ? 117 VAL A N   1 
ATOM   407  C CA  . VAL A 1 52  ? 1.400   3.269   -10.317 1.00 34.98 ? 117 VAL A CA  1 
ATOM   408  C C   . VAL A 1 52  ? 1.293   4.698   -10.845 1.00 37.17 ? 117 VAL A C   1 
ATOM   409  O O   . VAL A 1 52  ? 1.492   5.659   -10.097 1.00 36.65 ? 117 VAL A O   1 
ATOM   410  C CB  . VAL A 1 52  ? 0.254   3.025   -9.323  1.00 34.38 ? 117 VAL A CB  1 
ATOM   411  C CG1 . VAL A 1 52  ? -1.083  3.397   -9.963  1.00 34.11 ? 117 VAL A CG1 1 
ATOM   412  C CG2 . VAL A 1 52  ? 0.239   1.570   -8.910  1.00 35.01 ? 117 VAL A CG2 1 
ATOM   413  N N   . GLN A 1 53  ? 0.999   4.839   -12.133 1.00 38.59 ? 118 GLN A N   1 
ATOM   414  C CA  . GLN A 1 53  ? 0.871   6.163   -12.732 1.00 40.18 ? 118 GLN A CA  1 
ATOM   415  C C   . GLN A 1 53  ? -0.584  6.516   -12.957 1.00 39.54 ? 118 GLN A C   1 
ATOM   416  O O   . GLN A 1 53  ? -1.357  5.704   -13.460 1.00 38.53 ? 118 GLN A O   1 
ATOM   417  C CB  . GLN A 1 53  ? 1.576   6.223   -14.077 1.00 43.15 ? 118 GLN A CB  1 
ATOM   418  C CG  . GLN A 1 53  ? 3.034   5.895   -14.056 1.00 47.60 ? 118 GLN A CG  1 
ATOM   419  C CD  . GLN A 1 53  ? 3.583   5.860   -15.461 1.00 52.37 ? 118 GLN A CD  1 
ATOM   420  O OE1 . GLN A 1 53  ? 3.167   5.030   -16.283 1.00 54.49 ? 118 GLN A OE1 1 
ATOM   421  N NE2 . GLN A 1 53  ? 4.512   6.770   -15.761 1.00 53.72 ? 118 GLN A NE2 1 
ATOM   422  N N   . VAL A 1 54  ? -0.951  7.735   -12.585 1.00 39.07 ? 119 VAL A N   1 
ATOM   423  C CA  . VAL A 1 54  ? -2.312  8.201   -12.770 1.00 39.18 ? 119 VAL A CA  1 
ATOM   424  C C   . VAL A 1 54  ? -2.287  9.483   -13.584 1.00 41.16 ? 119 VAL A C   1 
ATOM   425  O O   . VAL A 1 54  ? -1.555  10.419  -13.263 1.00 40.89 ? 119 VAL A O   1 
ATOM   426  C CB  . VAL A 1 54  ? -3.000  8.492   -11.428 1.00 38.54 ? 119 VAL A CB  1 
ATOM   427  C CG1 . VAL A 1 54  ? -4.386  9.068   -11.672 1.00 37.61 ? 119 VAL A CG1 1 
ATOM   428  C CG2 . VAL A 1 54  ? -3.101  7.213   -10.611 1.00 37.46 ? 119 VAL A CG2 1 
ATOM   429  N N   . TYR A 1 55  ? -3.076  9.508   -14.648 1.00 43.20 ? 120 TYR A N   1 
ATOM   430  C CA  . TYR A 1 55  ? -3.168  10.680  -15.509 1.00 45.89 ? 120 TYR A CA  1 
ATOM   431  C C   . TYR A 1 55  ? -4.536  11.316  -15.290 1.00 46.08 ? 120 TYR A C   1 
ATOM   432  O O   . TYR A 1 55  ? -5.563  10.690  -15.546 1.00 44.66 ? 120 TYR A O   1 
ATOM   433  C CB  . TYR A 1 55  ? -3.017  10.280  -16.978 1.00 47.21 ? 120 TYR A CB  1 
ATOM   434  C CG  . TYR A 1 55  ? -1.721  9.574   -17.292 1.00 50.06 ? 120 TYR A CG  1 
ATOM   435  C CD1 . TYR A 1 55  ? -1.551  8.221   -17.005 1.00 52.07 ? 120 TYR A CD1 1 
ATOM   436  C CD2 . TYR A 1 55  ? -0.658  10.259  -17.870 1.00 51.63 ? 120 TYR A CD2 1 
ATOM   437  C CE1 . TYR A 1 55  ? -0.352  7.567   -17.292 1.00 53.17 ? 120 TYR A CE1 1 
ATOM   438  C CE2 . TYR A 1 55  ? 0.545   9.617   -18.161 1.00 53.59 ? 120 TYR A CE2 1 
ATOM   439  C CZ  . TYR A 1 55  ? 0.690   8.273   -17.871 1.00 53.81 ? 120 TYR A CZ  1 
ATOM   440  O OH  . TYR A 1 55  ? 1.876   7.638   -18.167 1.00 55.98 ? 120 TYR A OH  1 
ATOM   441  N N   . PHE A 1 56  ? -4.542  12.552  -14.804 1.00 48.22 ? 121 PHE A N   1 
ATOM   442  C CA  . PHE A 1 56  ? -5.790  13.257  -14.548 1.00 51.22 ? 121 PHE A CA  1 
ATOM   443  C C   . PHE A 1 56  ? -6.217  14.036  -15.773 1.00 54.66 ? 121 PHE A C   1 
ATOM   444  O O   . PHE A 1 56  ? -5.396  14.670  -16.435 1.00 55.21 ? 121 PHE A O   1 
ATOM   445  C CB  . PHE A 1 56  ? -5.633  14.180  -13.346 1.00 48.42 ? 121 PHE A CB  1 
ATOM   446  C CG  . PHE A 1 56  ? -5.237  13.458  -12.097 1.00 46.08 ? 121 PHE A CG  1 
ATOM   447  C CD1 . PHE A 1 56  ? -3.918  13.469  -11.660 1.00 45.54 ? 121 PHE A CD1 1 
ATOM   448  C CD2 . PHE A 1 56  ? -6.178  12.718  -11.384 1.00 45.62 ? 121 PHE A CD2 1 
ATOM   449  C CE1 . PHE A 1 56  ? -3.537  12.753  -10.535 1.00 44.68 ? 121 PHE A CE1 1 
ATOM   450  C CE2 . PHE A 1 56  ? -5.811  11.999  -10.258 1.00 43.99 ? 121 PHE A CE2 1 
ATOM   451  C CZ  . PHE A 1 56  ? -4.484  12.017  -9.832  1.00 45.47 ? 121 PHE A CZ  1 
ATOM   452  N N   . ASP A 1 57  ? -7.510  13.977  -16.066 1.00 59.29 ? 122 ASP A N   1 
ATOM   453  C CA  . ASP A 1 57  ? -8.067  14.641  -17.238 1.00 63.91 ? 122 ASP A CA  1 
ATOM   454  C C   . ASP A 1 57  ? -7.458  13.894  -18.418 1.00 66.25 ? 122 ASP A C   1 
ATOM   455  O O   . ASP A 1 57  ? -6.845  12.843  -18.230 1.00 67.26 ? 122 ASP A O   1 
ATOM   456  C CB  . ASP A 1 57  ? -7.664  16.116  -17.271 1.00 64.63 ? 122 ASP A CB  1 
ATOM   457  C CG  . ASP A 1 57  ? -7.923  16.822  -15.949 1.00 66.86 ? 122 ASP A CG  1 
ATOM   458  O OD1 . ASP A 1 57  ? -9.074  16.786  -15.460 1.00 67.80 ? 122 ASP A OD1 1 
ATOM   459  O OD2 . ASP A 1 57  ? -6.972  17.417  -15.398 1.00 68.21 ? 122 ASP A OD2 1 
ATOM   460  N N   . GLY A 1 58  ? -7.623  14.418  -19.626 1.00 68.71 ? 123 GLY A N   1 
ATOM   461  C CA  . GLY A 1 58  ? -7.059  13.743  -20.781 1.00 71.54 ? 123 GLY A CA  1 
ATOM   462  C C   . GLY A 1 58  ? -5.679  14.276  -21.112 1.00 73.35 ? 123 GLY A C   1 
ATOM   463  O O   . GLY A 1 58  ? -5.428  14.706  -22.242 1.00 74.21 ? 123 GLY A O   1 
ATOM   464  N N   . ASN A 1 59  ? -4.774  14.235  -20.138 1.00 74.19 ? 124 ASN A N   1 
ATOM   465  C CA  . ASN A 1 59  ? -3.429  14.755  -20.348 1.00 75.08 ? 124 ASN A CA  1 
ATOM   466  C C   . ASN A 1 59  ? -2.325  13.892  -19.748 1.00 75.58 ? 124 ASN A C   1 
ATOM   467  O O   . ASN A 1 59  ? -2.356  13.569  -18.561 1.00 75.43 ? 124 ASN A O   1 
ATOM   468  C CB  . ASN A 1 59  ? -3.346  16.175  -19.777 1.00 74.76 ? 124 ASN A CB  1 
ATOM   469  C CG  . ASN A 1 59  ? -1.959  16.770  -19.886 1.00 75.28 ? 124 ASN A CG  1 
ATOM   470  O OD1 . ASN A 1 59  ? -1.365  16.806  -20.965 1.00 75.91 ? 124 ASN A OD1 1 
ATOM   471  N ND2 . ASN A 1 59  ? -1.437  17.251  -18.767 1.00 75.68 ? 124 ASN A ND2 1 
ATOM   472  N N   . LYS A 1 60  ? -1.348  13.526  -20.576 1.00 76.37 ? 125 LYS A N   1 
ATOM   473  C CA  . LYS A 1 60  ? -0.221  12.715  -20.124 1.00 76.96 ? 125 LYS A CA  1 
ATOM   474  C C   . LYS A 1 60  ? 0.627   13.512  -19.137 1.00 76.64 ? 125 LYS A C   1 
ATOM   475  O O   . LYS A 1 60  ? 1.299   12.942  -18.280 1.00 77.02 ? 125 LYS A O   1 
ATOM   476  C CB  . LYS A 1 60  ? 0.639   12.268  -21.309 1.00 77.87 ? 125 LYS A CB  1 
ATOM   477  C CG  . LYS A 1 60  ? -0.074  11.337  -22.283 1.00 79.73 ? 125 LYS A CG  1 
ATOM   478  C CD  . LYS A 1 60  ? -0.589  10.080  -21.590 1.00 80.26 ? 125 LYS A CD  1 
ATOM   479  C CE  . LYS A 1 60  ? -1.363  9.187   -22.554 1.00 80.94 ? 125 LYS A CE  1 
ATOM   480  N NZ  . LYS A 1 60  ? -1.896  7.968   -21.885 1.00 81.18 ? 125 LYS A NZ  1 
ATOM   481  N N   . ASP A 1 61  ? 0.605   14.834  -19.269 1.00 76.21 ? 126 ASP A N   1 
ATOM   482  C CA  . ASP A 1 61  ? 1.340   15.689  -18.347 1.00 75.50 ? 126 ASP A CA  1 
ATOM   483  C C   . ASP A 1 61  ? 0.463   15.714  -17.103 1.00 74.60 ? 126 ASP A C   1 
ATOM   484  O O   . ASP A 1 61  ? -0.663  15.213  -17.139 1.00 74.78 ? 126 ASP A O   1 
ATOM   485  C CB  . ASP A 1 61  ? 1.484   17.107  -18.909 1.00 77.26 ? 126 ASP A CB  1 
ATOM   486  C CG  . ASP A 1 61  ? 2.236   17.141  -20.231 1.00 78.53 ? 126 ASP A CG  1 
ATOM   487  O OD1 . ASP A 1 61  ? 3.424   16.743  -20.256 1.00 79.55 ? 126 ASP A OD1 1 
ATOM   488  O OD2 . ASP A 1 61  ? 1.638   17.568  -21.246 1.00 79.23 ? 126 ASP A OD2 1 
ATOM   489  N N   . ASN A 1 62  ? 0.956   16.288  -16.010 1.00 73.13 ? 127 ASN A N   1 
ATOM   490  C CA  . ASN A 1 62  ? 0.161   16.335  -14.784 1.00 71.29 ? 127 ASN A CA  1 
ATOM   491  C C   . ASN A 1 62  ? -0.018  14.894  -14.284 1.00 70.07 ? 127 ASN A C   1 
ATOM   492  O O   . ASN A 1 62  ? -1.005  14.561  -13.631 1.00 70.81 ? 127 ASN A O   1 
ATOM   493  C CB  . ASN A 1 62  ? -1.196  17.002  -15.090 1.00 70.49 ? 127 ASN A CB  1 
ATOM   494  C CG  . ASN A 1 62  ? -2.169  16.949  -13.922 1.00 69.61 ? 127 ASN A CG  1 
ATOM   495  O OD1 . ASN A 1 62  ? -1.788  17.140  -12.768 1.00 69.33 ? 127 ASN A OD1 1 
ATOM   496  N ND2 . ASN A 1 62  ? -3.439  16.705  -14.226 1.00 68.41 ? 127 ASN A ND2 1 
ATOM   497  N N   . CYS A 1 63  ? 0.962   14.050  -14.595 1.00 67.86 ? 128 CYS A N   1 
ATOM   498  C CA  . CYS A 1 63  ? 0.942   12.640  -14.212 1.00 65.62 ? 128 CYS A CA  1 
ATOM   499  C C   . CYS A 1 63  ? 1.426   12.338  -12.790 1.00 63.17 ? 128 CYS A C   1 
ATOM   500  O O   . CYS A 1 63  ? 2.619   12.425  -12.503 1.00 62.89 ? 128 CYS A O   1 
ATOM   501  C CB  . CYS A 1 63  ? 1.782   11.835  -15.206 1.00 66.41 ? 128 CYS A CB  1 
ATOM   502  S SG  . CYS A 1 63  ? 2.093   10.115  -14.719 1.00 68.24 ? 128 CYS A SG  1 
ATOM   503  N N   . MET A 1 64  ? 0.500   11.968  -11.910 1.00 59.86 ? 129 MET A N   1 
ATOM   504  C CA  . MET A 1 64  ? 0.849   11.628  -10.535 1.00 56.81 ? 129 MET A CA  1 
ATOM   505  C C   . MET A 1 64  ? 1.302   10.177  -10.407 1.00 53.61 ? 129 MET A C   1 
ATOM   506  O O   . MET A 1 64  ? 0.796   9.287   -11.093 1.00 52.25 ? 129 MET A O   1 
ATOM   507  C CB  . MET A 1 64  ? -0.339  11.864  -9.601  1.00 59.96 ? 129 MET A CB  1 
ATOM   508  C CG  . MET A 1 64  ? -0.443  13.291  -9.084  1.00 63.79 ? 129 MET A CG  1 
ATOM   509  S SD  . MET A 1 64  ? 0.972   13.736  -8.039  1.00 69.53 ? 129 MET A SD  1 
ATOM   510  C CE  . MET A 1 64  ? 0.227   13.650  -6.377  1.00 66.40 ? 129 MET A CE  1 
ATOM   511  N N   . THR A 1 65  ? 2.263   9.949   -9.521  1.00 49.60 ? 130 THR A N   1 
ATOM   512  C CA  . THR A 1 65  ? 2.783   8.614   -9.287  1.00 46.75 ? 130 THR A CA  1 
ATOM   513  C C   . THR A 1 65  ? 2.488   8.163   -7.866  1.00 43.09 ? 130 THR A C   1 
ATOM   514  O O   . THR A 1 65  ? 2.512   8.968   -6.936  1.00 41.93 ? 130 THR A O   1 
ATOM   515  C CB  . THR A 1 65  ? 4.303   8.556   -9.520  1.00 47.24 ? 130 THR A CB  1 
ATOM   516  O OG1 . THR A 1 65  ? 4.577   8.694   -10.919 1.00 48.79 ? 130 THR A OG1 1 
ATOM   517  C CG2 . THR A 1 65  ? 4.863   7.229   -9.048  1.00 49.18 ? 130 THR A CG2 1 
ATOM   518  N N   . TYR A 1 66  ? 2.180   6.878   -7.714  1.00 40.00 ? 131 TYR A N   1 
ATOM   519  C CA  . TYR A 1 66  ? 1.909   6.293   -6.408  1.00 37.82 ? 131 TYR A CA  1 
ATOM   520  C C   . TYR A 1 66  ? 2.604   4.955   -6.304  1.00 36.17 ? 131 TYR A C   1 
ATOM   521  O O   . TYR A 1 66  ? 2.952   4.341   -7.313  1.00 35.52 ? 131 TYR A O   1 
ATOM   522  C CB  . TYR A 1 66  ? 0.420   6.087   -6.176  1.00 38.43 ? 131 TYR A CB  1 
ATOM   523  C CG  . TYR A 1 66  ? -0.378  7.335   -6.362  1.00 39.28 ? 131 TYR A CG  1 
ATOM   524  C CD1 . TYR A 1 66  ? -0.817  7.714   -7.632  1.00 37.95 ? 131 TYR A CD1 1 
ATOM   525  C CD2 . TYR A 1 66  ? -0.646  8.177   -5.290  1.00 39.94 ? 131 TYR A CD2 1 
ATOM   526  C CE1 . TYR A 1 66  ? -1.490  8.889   -7.828  1.00 38.23 ? 131 TYR A CE1 1 
ATOM   527  C CE2 . TYR A 1 66  ? -1.328  9.372   -5.481  1.00 39.91 ? 131 TYR A CE2 1 
ATOM   528  C CZ  . TYR A 1 66  ? -1.740  9.714   -6.756  1.00 39.34 ? 131 TYR A CZ  1 
ATOM   529  O OH  . TYR A 1 66  ? -2.382  10.894  -6.980  1.00 38.60 ? 131 TYR A OH  1 
ATOM   530  N N   . VAL A 1 67  ? 2.800   4.496   -5.075  1.00 34.94 ? 132 VAL A N   1 
ATOM   531  C CA  . VAL A 1 67  ? 3.471   3.229   -4.862  1.00 33.05 ? 132 VAL A CA  1 
ATOM   532  C C   . VAL A 1 67  ? 2.512   2.149   -4.411  1.00 32.87 ? 132 VAL A C   1 
ATOM   533  O O   . VAL A 1 67  ? 1.807   2.303   -3.412  1.00 32.12 ? 132 VAL A O   1 
ATOM   534  C CB  . VAL A 1 67  ? 4.601   3.352   -3.810  1.00 33.69 ? 132 VAL A CB  1 
ATOM   535  C CG1 . VAL A 1 67  ? 5.237   1.980   -3.561  1.00 31.57 ? 132 VAL A CG1 1 
ATOM   536  C CG2 . VAL A 1 67  ? 5.654   4.335   -4.290  1.00 31.67 ? 132 VAL A CG2 1 
ATOM   537  N N   . ALA A 1 68  ? 2.487   1.060   -5.170  1.00 31.79 ? 133 ALA A N   1 
ATOM   538  C CA  . ALA A 1 68  ? 1.654   -0.094  -4.852  1.00 31.29 ? 133 ALA A CA  1 
ATOM   539  C C   . ALA A 1 68  ? 2.624   -1.146  -4.323  1.00 30.74 ? 133 ALA A C   1 
ATOM   540  O O   . ALA A 1 68  ? 3.508   -1.603  -5.046  1.00 31.59 ? 133 ALA A O   1 
ATOM   541  C CB  . ALA A 1 68  ? 0.962   -0.601  -6.100  1.00 30.80 ? 133 ALA A CB  1 
ATOM   542  N N   . TRP A 1 69  ? 2.463   -1.523  -3.066  1.00 29.24 ? 134 TRP A N   1 
ATOM   543  C CA  . TRP A 1 69  ? 3.351   -2.498  -2.445  1.00 30.34 ? 134 TRP A CA  1 
ATOM   544  C C   . TRP A 1 69  ? 3.046   -3.951  -2.810  1.00 30.18 ? 134 TRP A C   1 
ATOM   545  O O   . TRP A 1 69  ? 1.920   -4.414  -2.654  1.00 29.59 ? 134 TRP A O   1 
ATOM   546  C CB  . TRP A 1 69  ? 3.302   -2.310  -0.934  1.00 31.24 ? 134 TRP A CB  1 
ATOM   547  C CG  . TRP A 1 69  ? 3.588   -0.886  -0.531  1.00 31.53 ? 134 TRP A CG  1 
ATOM   548  C CD1 . TRP A 1 69  ? 2.677   0.076   -0.192  1.00 30.25 ? 134 TRP A CD1 1 
ATOM   549  C CD2 . TRP A 1 69  ? 4.876   -0.260  -0.461  1.00 31.76 ? 134 TRP A CD2 1 
ATOM   550  N NE1 . TRP A 1 69  ? 3.320   1.256   0.086   1.00 30.86 ? 134 TRP A NE1 1 
ATOM   551  C CE2 . TRP A 1 69  ? 4.669   1.079   -0.074  1.00 30.85 ? 134 TRP A CE2 1 
ATOM   552  C CE3 . TRP A 1 69  ? 6.187   -0.706  -0.687  1.00 32.91 ? 134 TRP A CE3 1 
ATOM   553  C CZ2 . TRP A 1 69  ? 5.721   1.981   0.088   1.00 30.95 ? 134 TRP A CZ2 1 
ATOM   554  C CZ3 . TRP A 1 69  ? 7.237   0.193   -0.524  1.00 31.48 ? 134 TRP A CZ3 1 
ATOM   555  C CH2 . TRP A 1 69  ? 6.995   1.522   -0.139  1.00 32.43 ? 134 TRP A CH2 1 
ATOM   556  N N   . ASP A 1 70  ? 4.048   -4.674  -3.307  1.00 32.41 ? 135 ASP A N   1 
ATOM   557  C CA  . ASP A 1 70  ? 3.847   -6.078  -3.679  1.00 34.39 ? 135 ASP A CA  1 
ATOM   558  C C   . ASP A 1 70  ? 3.318   -6.863  -2.489  1.00 35.04 ? 135 ASP A C   1 
ATOM   559  O O   . ASP A 1 70  ? 2.484   -7.751  -2.640  1.00 36.70 ? 135 ASP A O   1 
ATOM   560  C CB  . ASP A 1 70  ? 5.148   -6.728  -4.155  1.00 36.15 ? 135 ASP A CB  1 
ATOM   561  C CG  . ASP A 1 70  ? 5.500   -6.369  -5.591  1.00 39.58 ? 135 ASP A CG  1 
ATOM   562  O OD1 . ASP A 1 70  ? 4.612   -5.921  -6.344  1.00 41.67 ? 135 ASP A OD1 1 
ATOM   563  O OD2 . ASP A 1 70  ? 6.673   -6.556  -5.977  1.00 43.95 ? 135 ASP A OD2 1 
ATOM   564  N N   . SER A 1 71  ? 3.800   -6.524  -1.299  1.00 35.12 ? 136 SER A N   1 
ATOM   565  C CA  . SER A 1 71  ? 3.374   -7.219  -0.101  1.00 34.88 ? 136 SER A CA  1 
ATOM   566  C C   . SER A 1 71  ? 3.039   -6.264  1.021   1.00 33.44 ? 136 SER A C   1 
ATOM   567  O O   . SER A 1 71  ? 3.847   -5.424  1.385   1.00 33.49 ? 136 SER A O   1 
ATOM   568  C CB  . SER A 1 71  ? 4.471   -8.178  0.361   1.00 35.57 ? 136 SER A CB  1 
ATOM   569  O OG  . SER A 1 71  ? 4.796   -9.097  -0.668  1.00 38.29 ? 136 SER A OG  1 
ATOM   570  N N   . VAL A 1 72  ? 1.839   -6.403  1.567   1.00 33.66 ? 137 VAL A N   1 
ATOM   571  C CA  . VAL A 1 72  ? 1.395   -5.567  2.669   1.00 33.14 ? 137 VAL A CA  1 
ATOM   572  C C   . VAL A 1 72  ? 1.201   -6.449  3.891   1.00 33.78 ? 137 VAL A C   1 
ATOM   573  O O   . VAL A 1 72  ? 0.526   -7.484  3.822   1.00 33.42 ? 137 VAL A O   1 
ATOM   574  C CB  . VAL A 1 72  ? 0.065   -4.872  2.338   1.00 34.30 ? 137 VAL A CB  1 
ATOM   575  C CG1 . VAL A 1 72  ? -0.455  -4.131  3.571   1.00 33.16 ? 137 VAL A CG1 1 
ATOM   576  C CG2 . VAL A 1 72  ? 0.261   -3.910  1.173   1.00 32.86 ? 137 VAL A CG2 1 
ATOM   577  N N   . TYR A 1 73  ? 1.809   -6.044  5.001   1.00 33.87 ? 138 TYR A N   1 
ATOM   578  C CA  . TYR A 1 73  ? 1.715   -6.791  6.248   1.00 32.95 ? 138 TYR A CA  1 
ATOM   579  C C   . TYR A 1 73  ? 0.891   -6.007  7.250   1.00 34.39 ? 138 TYR A C   1 
ATOM   580  O O   . TYR A 1 73  ? 1.306   -4.952  7.732   1.00 32.90 ? 138 TYR A O   1 
ATOM   581  C CB  . TYR A 1 73  ? 3.110   -7.061  6.829   1.00 31.03 ? 138 TYR A CB  1 
ATOM   582  C CG  . TYR A 1 73  ? 4.032   -7.818  5.897   1.00 30.40 ? 138 TYR A CG  1 
ATOM   583  C CD1 . TYR A 1 73  ? 4.448   -7.256  4.696   1.00 30.16 ? 138 TYR A CD1 1 
ATOM   584  C CD2 . TYR A 1 73  ? 4.465   -9.107  6.204   1.00 29.41 ? 138 TYR A CD2 1 
ATOM   585  C CE1 . TYR A 1 73  ? 5.276   -7.957  3.816   1.00 30.11 ? 138 TYR A CE1 1 
ATOM   586  C CE2 . TYR A 1 73  ? 5.287   -9.819  5.333   1.00 29.66 ? 138 TYR A CE2 1 
ATOM   587  C CZ  . TYR A 1 73  ? 5.689   -9.240  4.141   1.00 29.99 ? 138 TYR A CZ  1 
ATOM   588  O OH  . TYR A 1 73  ? 6.490   -9.931  3.263   1.00 29.14 ? 138 TYR A OH  1 
ATOM   589  N N   . TYR A 1 74  ? -0.293  -6.526  7.554   1.00 36.89 ? 139 TYR A N   1 
ATOM   590  C CA  . TYR A 1 74  ? -1.174  -5.878  8.507   1.00 39.47 ? 139 TYR A CA  1 
ATOM   591  C C   . TYR A 1 74  ? -1.393  -6.827  9.668   1.00 41.94 ? 139 TYR A C   1 
ATOM   592  O O   . TYR A 1 74  ? -1.137  -8.027  9.560   1.00 41.52 ? 139 TYR A O   1 
ATOM   593  C CB  . TYR A 1 74  ? -2.507  -5.534  7.838   1.00 37.46 ? 139 TYR A CB  1 
ATOM   594  C CG  . TYR A 1 74  ? -3.308  -6.731  7.385   1.00 37.50 ? 139 TYR A CG  1 
ATOM   595  C CD1 . TYR A 1 74  ? -4.267  -7.304  8.220   1.00 37.60 ? 139 TYR A CD1 1 
ATOM   596  C CD2 . TYR A 1 74  ? -3.127  -7.280  6.110   1.00 37.35 ? 139 TYR A CD2 1 
ATOM   597  C CE1 . TYR A 1 74  ? -5.035  -8.387  7.802   1.00 38.78 ? 139 TYR A CE1 1 
ATOM   598  C CE2 . TYR A 1 74  ? -3.892  -8.372  5.678   1.00 38.50 ? 139 TYR A CE2 1 
ATOM   599  C CZ  . TYR A 1 74  ? -4.849  -8.917  6.529   1.00 39.17 ? 139 TYR A CZ  1 
ATOM   600  O OH  . TYR A 1 74  ? -5.637  -9.970  6.115   1.00 38.30 ? 139 TYR A OH  1 
ATOM   601  N N   . MET A 1 75  ? -1.856  -6.286  10.785  1.00 46.35 ? 140 MET A N   1 
ATOM   602  C CA  . MET A 1 75  ? -2.106  -7.099  11.961  1.00 50.72 ? 140 MET A CA  1 
ATOM   603  C C   . MET A 1 75  ? -3.614  -7.212  12.218  1.00 51.71 ? 140 MET A C   1 
ATOM   604  O O   . MET A 1 75  ? -4.329  -6.211  12.224  1.00 50.49 ? 140 MET A O   1 
ATOM   605  C CB  . MET A 1 75  ? -1.398  -6.484  13.170  1.00 54.27 ? 140 MET A CB  1 
ATOM   606  C CG  . MET A 1 75  ? -1.518  -7.303  14.446  1.00 59.93 ? 140 MET A CG  1 
ATOM   607  S SD  . MET A 1 75  ? -0.727  -6.496  15.869  1.00 64.39 ? 140 MET A SD  1 
ATOM   608  C CE  . MET A 1 75  ? 0.726   -7.550  16.102  1.00 64.29 ? 140 MET A CE  1 
ATOM   609  N N   . THR A 1 76  ? -4.093  -8.439  12.407  1.00 53.30 ? 141 THR A N   1 
ATOM   610  C CA  . THR A 1 76  ? -5.510  -8.659  12.671  1.00 55.41 ? 141 THR A CA  1 
ATOM   611  C C   . THR A 1 76  ? -5.846  -8.130  14.061  1.00 57.71 ? 141 THR A C   1 
ATOM   612  O O   . THR A 1 76  ? -4.955  -7.787  14.843  1.00 57.87 ? 141 THR A O   1 
ATOM   613  C CB  . THR A 1 76  ? -5.875  -10.159 12.622  1.00 54.25 ? 141 THR A CB  1 
ATOM   614  O OG1 . THR A 1 76  ? -5.284  -10.838 13.736  1.00 52.89 ? 141 THR A OG1 1 
ATOM   615  C CG2 . THR A 1 76  ? -5.368  -10.786 11.336  1.00 53.55 ? 141 THR A CG2 1 
ATOM   616  N N   . ASP A 1 77  ? -7.134  -8.058  14.366  1.00 60.66 ? 142 ASP A N   1 
ATOM   617  C CA  . ASP A 1 77  ? -7.576  -7.584  15.671  1.00 63.19 ? 142 ASP A CA  1 
ATOM   618  C C   . ASP A 1 77  ? -6.898  -8.470  16.715  1.00 63.31 ? 142 ASP A C   1 
ATOM   619  O O   . ASP A 1 77  ? -6.371  -7.988  17.717  1.00 63.46 ? 142 ASP A O   1 
ATOM   620  C CB  . ASP A 1 77  ? -9.094  -7.707  15.771  1.00 65.37 ? 142 ASP A CB  1 
ATOM   621  C CG  . ASP A 1 77  ? -9.796  -7.286  14.488  1.00 68.38 ? 142 ASP A CG  1 
ATOM   622  O OD1 . ASP A 1 77  ? -9.691  -6.098  14.105  1.00 69.93 ? 142 ASP A OD1 1 
ATOM   623  O OD2 . ASP A 1 77  ? -10.447 -8.149  13.857  1.00 69.50 ? 142 ASP A OD2 1 
ATOM   624  N N   . ALA A 1 78  ? -6.904  -9.774  16.447  1.00 63.07 ? 143 ALA A N   1 
ATOM   625  C CA  . ALA A 1 78  ? -6.285  -10.761 17.325  1.00 62.46 ? 143 ALA A CA  1 
ATOM   626  C C   . ALA A 1 78  ? -4.803  -10.455 17.525  1.00 62.32 ? 143 ALA A C   1 
ATOM   627  O O   . ALA A 1 78  ? -4.157  -11.008 18.419  1.00 62.64 ? 143 ALA A O   1 
ATOM   628  C CB  . ALA A 1 78  ? -6.450  -12.158 16.730  1.00 62.07 ? 143 ALA A CB  1 
ATOM   629  N N   . GLY A 1 79  ? -4.264  -9.578  16.681  1.00 60.61 ? 144 GLY A N   1 
ATOM   630  C CA  . GLY A 1 79  ? -2.865  -9.220  16.794  1.00 58.11 ? 144 GLY A CA  1 
ATOM   631  C C   . GLY A 1 79  ? -1.932  -10.094 15.978  1.00 57.05 ? 144 GLY A C   1 
ATOM   632  O O   . GLY A 1 79  ? -0.718  -10.033 16.161  1.00 57.69 ? 144 GLY A O   1 
ATOM   633  N N   . THR A 1 80  ? -2.478  -10.910 15.082  1.00 55.25 ? 145 THR A N   1 
ATOM   634  C CA  . THR A 1 80  ? -1.637  -11.770 14.255  1.00 53.73 ? 145 THR A CA  1 
ATOM   635  C C   . THR A 1 80  ? -1.324  -11.060 12.939  1.00 51.90 ? 145 THR A C   1 
ATOM   636  O O   . THR A 1 80  ? -2.159  -10.333 12.396  1.00 51.36 ? 145 THR A O   1 
ATOM   637  C CB  . THR A 1 80  ? -2.316  -13.119 13.947  1.00 54.31 ? 145 THR A CB  1 
ATOM   638  O OG1 . THR A 1 80  ? -3.370  -12.927 12.999  1.00 55.48 ? 145 THR A OG1 1 
ATOM   639  C CG2 . THR A 1 80  ? -2.895  -13.719 15.213  1.00 55.62 ? 145 THR A CG2 1 
ATOM   640  N N   . TRP A 1 81  ? -0.116  -11.270 12.431  1.00 49.48 ? 146 TRP A N   1 
ATOM   641  C CA  . TRP A 1 81  ? 0.298   -10.629 11.190  1.00 47.92 ? 146 TRP A CA  1 
ATOM   642  C C   . TRP A 1 81  ? -0.038  -11.427 9.941   1.00 46.68 ? 146 TRP A C   1 
ATOM   643  O O   . TRP A 1 81  ? 0.328   -12.593 9.817   1.00 47.30 ? 146 TRP A O   1 
ATOM   644  C CB  . TRP A 1 81  ? 1.808   -10.344 11.210  1.00 45.92 ? 146 TRP A CB  1 
ATOM   645  C CG  . TRP A 1 81  ? 2.189   -9.295  12.188  1.00 44.20 ? 146 TRP A CG  1 
ATOM   646  C CD1 . TRP A 1 81  ? 2.508   -9.476  13.499  1.00 44.36 ? 146 TRP A CD1 1 
ATOM   647  C CD2 . TRP A 1 81  ? 2.202   -7.881  11.961  1.00 43.68 ? 146 TRP A CD2 1 
ATOM   648  N NE1 . TRP A 1 81  ? 2.712   -8.263  14.108  1.00 44.58 ? 146 TRP A NE1 1 
ATOM   649  C CE2 . TRP A 1 81  ? 2.531   -7.265  13.187  1.00 43.23 ? 146 TRP A CE2 1 
ATOM   650  C CE3 . TRP A 1 81  ? 1.962   -7.073  10.840  1.00 42.71 ? 146 TRP A CE3 1 
ATOM   651  C CZ2 . TRP A 1 81  ? 2.624   -5.877  13.330  1.00 43.37 ? 146 TRP A CZ2 1 
ATOM   652  C CZ3 . TRP A 1 81  ? 2.053   -5.697  10.978  1.00 42.43 ? 146 TRP A CZ3 1 
ATOM   653  C CH2 . TRP A 1 81  ? 2.382   -5.112  12.218  1.00 44.10 ? 146 TRP A CH2 1 
ATOM   654  N N   . ASP A 1 82  ? -0.746  -10.790 9.017   1.00 46.30 ? 147 ASP A N   1 
ATOM   655  C CA  . ASP A 1 82  ? -1.094  -11.424 7.753   1.00 45.16 ? 147 ASP A CA  1 
ATOM   656  C C   . ASP A 1 82  ? -0.378  -10.677 6.642   1.00 43.43 ? 147 ASP A C   1 
ATOM   657  O O   . ASP A 1 82  ? -0.016  -9.515  6.797   1.00 41.90 ? 147 ASP A O   1 
ATOM   658  C CB  . ASP A 1 82  ? -2.605  -11.398 7.508   1.00 47.17 ? 147 ASP A CB  1 
ATOM   659  C CG  . ASP A 1 82  ? -3.350  -12.378 8.387   1.00 50.18 ? 147 ASP A CG  1 
ATOM   660  O OD1 . ASP A 1 82  ? -2.884  -13.536 8.520   1.00 51.37 ? 147 ASP A OD1 1 
ATOM   661  O OD2 . ASP A 1 82  ? -4.406  -11.998 8.936   1.00 51.68 ? 147 ASP A OD2 1 
ATOM   662  N N   . LYS A 1 83  ? -0.182  -11.357 5.524   1.00 42.01 ? 148 LYS A N   1 
ATOM   663  C CA  . LYS A 1 83  ? 0.511   -10.794 4.378   1.00 40.84 ? 148 LYS A CA  1 
ATOM   664  C C   . LYS A 1 83  ? -0.391  -10.876 3.144   1.00 40.49 ? 148 LYS A C   1 
ATOM   665  O O   . LYS A 1 83  ? -0.968  -11.927 2.855   1.00 40.63 ? 148 LYS A O   1 
ATOM   666  C CB  . LYS A 1 83  ? 1.807   -11.583 4.165   1.00 39.80 ? 148 LYS A CB  1 
ATOM   667  C CG  . LYS A 1 83  ? 2.569   -11.300 2.900   1.00 38.36 ? 148 LYS A CG  1 
ATOM   668  C CD  . LYS A 1 83  ? 3.764   -12.234 2.812   1.00 38.06 ? 148 LYS A CD  1 
ATOM   669  C CE  . LYS A 1 83  ? 4.471   -12.130 1.480   1.00 37.82 ? 148 LYS A CE  1 
ATOM   670  N NZ  . LYS A 1 83  ? 5.632   -13.053 1.426   1.00 39.33 ? 148 LYS A NZ  1 
ATOM   671  N N   . THR A 1 84  ? -0.530  -9.763  2.434   1.00 38.37 ? 149 THR A N   1 
ATOM   672  C CA  . THR A 1 84  ? -1.364  -9.736  1.243   1.00 38.01 ? 149 THR A CA  1 
ATOM   673  C C   . THR A 1 84  ? -0.832  -8.765  0.195   1.00 37.33 ? 149 THR A C   1 
ATOM   674  O O   . THR A 1 84  ? 0.111   -8.013  0.439   1.00 37.37 ? 149 THR A O   1 
ATOM   675  C CB  . THR A 1 84  ? -2.821  -9.362  1.582   1.00 38.84 ? 149 THR A CB  1 
ATOM   676  O OG1 . THR A 1 84  ? -3.634  -9.525  0.414   1.00 40.15 ? 149 THR A OG1 1 
ATOM   677  C CG2 . THR A 1 84  ? -2.911  -7.923  2.063   1.00 37.96 ? 149 THR A CG2 1 
ATOM   678  N N   . ALA A 1 85  ? -1.432  -8.792  -0.984  1.00 36.88 ? 150 ALA A N   1 
ATOM   679  C CA  . ALA A 1 85  ? -0.988  -7.921  -2.064  1.00 37.68 ? 150 ALA A CA  1 
ATOM   680  C C   . ALA A 1 85  ? -1.727  -6.595  -2.093  1.00 37.07 ? 150 ALA A C   1 
ATOM   681  O O   . ALA A 1 85  ? -2.792  -6.440  -1.494  1.00 36.92 ? 150 ALA A O   1 
ATOM   682  C CB  . ALA A 1 85  ? -1.169  -8.621  -3.406  1.00 38.68 ? 150 ALA A CB  1 
ATOM   683  N N   . THR A 1 86  ? -1.142  -5.633  -2.789  1.00 35.77 ? 151 THR A N   1 
ATOM   684  C CA  . THR A 1 86  ? -1.795  -4.350  -2.938  1.00 35.58 ? 151 THR A CA  1 
ATOM   685  C C   . THR A 1 86  ? -2.565  -4.466  -4.240  1.00 35.72 ? 151 THR A C   1 
ATOM   686  O O   . THR A 1 86  ? -2.056  -5.007  -5.220  1.00 35.28 ? 151 THR A O   1 
ATOM   687  C CB  . THR A 1 86  ? -0.791  -3.192  -3.060  1.00 34.52 ? 151 THR A CB  1 
ATOM   688  O OG1 . THR A 1 86  ? -0.386  -2.774  -1.753  1.00 35.05 ? 151 THR A OG1 1 
ATOM   689  C CG2 . THR A 1 86  ? -1.424  -2.018  -3.792  1.00 36.38 ? 151 THR A CG2 1 
ATOM   690  N N   . CYS A 1 87  ? -3.798  -3.986  -4.244  1.00 35.53 ? 152 CYS A N   1 
ATOM   691  C CA  . CYS A 1 87  ? -4.602  -4.031  -5.445  1.00 36.05 ? 152 CYS A CA  1 
ATOM   692  C C   . CYS A 1 87  ? -4.728  -2.642  -6.032  1.00 34.33 ? 152 CYS A C   1 
ATOM   693  O O   . CYS A 1 87  ? -4.984  -1.671  -5.319  1.00 32.89 ? 152 CYS A O   1 
ATOM   694  C CB  . CYS A 1 87  ? -5.981  -4.600  -5.145  1.00 38.98 ? 152 CYS A CB  1 
ATOM   695  S SG  . CYS A 1 87  ? -5.935  -6.342  -4.728  1.00 43.96 ? 152 CYS A SG  1 
ATOM   696  N N   . VAL A 1 88  ? -4.539  -2.571  -7.340  1.00 33.27 ? 153 VAL A N   1 
ATOM   697  C CA  . VAL A 1 88  ? -4.605  -1.328  -8.084  1.00 33.04 ? 153 VAL A CA  1 
ATOM   698  C C   . VAL A 1 88  ? -5.851  -1.290  -8.966  1.00 34.03 ? 153 VAL A C   1 
ATOM   699  O O   . VAL A 1 88  ? -5.913  -1.979  -9.982  1.00 33.32 ? 153 VAL A O   1 
ATOM   700  C CB  . VAL A 1 88  ? -3.359  -1.178  -8.990  1.00 31.43 ? 153 VAL A CB  1 
ATOM   701  C CG1 . VAL A 1 88  ? -3.395  0.145   -9.722  1.00 30.20 ? 153 VAL A CG1 1 
ATOM   702  C CG2 . VAL A 1 88  ? -2.090  -1.306  -8.156  1.00 30.25 ? 153 VAL A CG2 1 
ATOM   703  N N   . SER A 1 89  ? -6.838  -0.486  -8.583  1.00 33.52 ? 154 SER A N   1 
ATOM   704  C CA  . SER A 1 89  ? -8.057  -0.356  -9.380  1.00 33.79 ? 154 SER A CA  1 
ATOM   705  C C   . SER A 1 89  ? -8.191  1.099   -9.810  1.00 33.64 ? 154 SER A C   1 
ATOM   706  O O   . SER A 1 89  ? -7.385  1.938   -9.421  1.00 32.05 ? 154 SER A O   1 
ATOM   707  C CB  . SER A 1 89  ? -9.283  -0.731  -8.558  1.00 34.13 ? 154 SER A CB  1 
ATOM   708  O OG  . SER A 1 89  ? -9.521  0.243   -7.555  1.00 34.71 ? 154 SER A OG  1 
ATOM   709  N N   . HIS A 1 90  ? -9.215  1.395   -10.602 1.00 33.17 ? 155 HIS A N   1 
ATOM   710  C CA  . HIS A 1 90  ? -9.447  2.759   -11.062 1.00 32.07 ? 155 HIS A CA  1 
ATOM   711  C C   . HIS A 1 90  ? -9.861  3.612   -9.862  1.00 31.66 ? 155 HIS A C   1 
ATOM   712  O O   . HIS A 1 90  ? -9.660  4.821   -9.854  1.00 29.94 ? 155 HIS A O   1 
ATOM   713  C CB  . HIS A 1 90  ? -10.539 2.774   -12.137 1.00 33.52 ? 155 HIS A CB  1 
ATOM   714  C CG  . HIS A 1 90  ? -10.797 4.129   -12.721 1.00 34.53 ? 155 HIS A CG  1 
ATOM   715  N ND1 . HIS A 1 90  ? -11.760 4.982   -12.224 1.00 35.03 ? 155 HIS A ND1 1 
ATOM   716  C CD2 . HIS A 1 90  ? -10.196 4.791   -13.737 1.00 34.63 ? 155 HIS A CD2 1 
ATOM   717  C CE1 . HIS A 1 90  ? -11.739 6.111   -12.910 1.00 34.53 ? 155 HIS A CE1 1 
ATOM   718  N NE2 . HIS A 1 90  ? -10.799 6.023   -13.833 1.00 35.18 ? 155 HIS A NE2 1 
ATOM   719  N N   . ARG A 1 91  ? -10.418 2.970   -8.838  1.00 32.19 ? 156 ARG A N   1 
ATOM   720  C CA  . ARG A 1 91  ? -10.835 3.686   -7.638  1.00 32.47 ? 156 ARG A CA  1 
ATOM   721  C C   . ARG A 1 91  ? -9.665  4.084   -6.723  1.00 32.53 ? 156 ARG A C   1 
ATOM   722  O O   . ARG A 1 91  ? -9.742  5.083   -6.006  1.00 32.76 ? 156 ARG A O   1 
ATOM   723  C CB  . ARG A 1 91  ? -11.840 2.850   -6.838  1.00 33.52 ? 156 ARG A CB  1 
ATOM   724  C CG  . ARG A 1 91  ? -12.134 3.447   -5.467  1.00 37.47 ? 156 ARG A CG  1 
ATOM   725  C CD  . ARG A 1 91  ? -13.195 2.689   -4.687  1.00 41.20 ? 156 ARG A CD  1 
ATOM   726  N NE  . ARG A 1 91  ? -13.199 3.120   -3.291  1.00 45.18 ? 156 ARG A NE  1 
ATOM   727  C CZ  . ARG A 1 91  ? -13.984 2.615   -2.345  1.00 47.27 ? 156 ARG A CZ  1 
ATOM   728  N NH1 . ARG A 1 91  ? -14.847 1.650   -2.637  1.00 48.56 ? 156 ARG A NH1 1 
ATOM   729  N NH2 . ARG A 1 91  ? -13.896 3.068   -1.101  1.00 47.99 ? 156 ARG A NH2 1 
ATOM   730  N N   . GLY A 1 92  ? -8.589  3.304   -6.742  1.00 30.43 ? 157 GLY A N   1 
ATOM   731  C CA  . GLY A 1 92  ? -7.452  3.613   -5.896  1.00 29.77 ? 157 GLY A CA  1 
ATOM   732  C C   . GLY A 1 92  ? -6.645  2.381   -5.533  1.00 29.60 ? 157 GLY A C   1 
ATOM   733  O O   . GLY A 1 92  ? -6.761  1.343   -6.192  1.00 28.99 ? 157 GLY A O   1 
ATOM   734  N N   . LEU A 1 93  ? -5.820  2.490   -4.494  1.00 28.84 ? 158 LEU A N   1 
ATOM   735  C CA  . LEU A 1 93  ? -4.997  1.363   -4.053  1.00 28.62 ? 158 LEU A CA  1 
ATOM   736  C C   . LEU A 1 93  ? -5.567  0.790   -2.770  1.00 28.59 ? 158 LEU A C   1 
ATOM   737  O O   . LEU A 1 93  ? -5.917  1.527   -1.848  1.00 29.28 ? 158 LEU A O   1 
ATOM   738  C CB  . LEU A 1 93  ? -3.558  1.800   -3.802  1.00 27.65 ? 158 LEU A CB  1 
ATOM   739  C CG  . LEU A 1 93  ? -2.840  2.544   -4.928  1.00 27.63 ? 158 LEU A CG  1 
ATOM   740  C CD1 . LEU A 1 93  ? -1.396  2.798   -4.500  1.00 26.94 ? 158 LEU A CD1 1 
ATOM   741  C CD2 . LEU A 1 93  ? -2.887  1.735   -6.220  1.00 27.65 ? 158 LEU A CD2 1 
ATOM   742  N N   . TYR A 1 94  ? -5.664  -0.529  -2.706  1.00 28.48 ? 159 TYR A N   1 
ATOM   743  C CA  . TYR A 1 94  ? -6.195  -1.155  -1.515  1.00 29.01 ? 159 TYR A CA  1 
ATOM   744  C C   . TYR A 1 94  ? -5.563  -2.521  -1.284  1.00 30.01 ? 159 TYR A C   1 
ATOM   745  O O   . TYR A 1 94  ? -4.848  -3.049  -2.134  1.00 29.85 ? 159 TYR A O   1 
ATOM   746  C CB  . TYR A 1 94  ? -7.725  -1.297  -1.645  1.00 30.31 ? 159 TYR A CB  1 
ATOM   747  C CG  . TYR A 1 94  ? -8.202  -2.289  -2.701  1.00 31.83 ? 159 TYR A CG  1 
ATOM   748  C CD1 . TYR A 1 94  ? -8.459  -3.623  -2.373  1.00 34.07 ? 159 TYR A CD1 1 
ATOM   749  C CD2 . TYR A 1 94  ? -8.405  -1.892  -4.021  1.00 32.66 ? 159 TYR A CD2 1 
ATOM   750  C CE1 . TYR A 1 94  ? -8.911  -4.540  -3.333  1.00 34.35 ? 159 TYR A CE1 1 
ATOM   751  C CE2 . TYR A 1 94  ? -8.855  -2.793  -4.990  1.00 35.07 ? 159 TYR A CE2 1 
ATOM   752  C CZ  . TYR A 1 94  ? -9.106  -4.119  -4.636  1.00 35.65 ? 159 TYR A CZ  1 
ATOM   753  O OH  . TYR A 1 94  ? -9.542  -5.015  -5.588  1.00 35.02 ? 159 TYR A OH  1 
ATOM   754  N N   . TYR A 1 95  ? -5.810  -3.071  -0.108  1.00 29.04 ? 160 TYR A N   1 
ATOM   755  C CA  . TYR A 1 95  ? -5.346  -4.398  0.214   1.00 30.92 ? 160 TYR A CA  1 
ATOM   756  C C   . TYR A 1 95  ? -6.540  -5.019  0.924   1.00 32.40 ? 160 TYR A C   1 
ATOM   757  O O   . TYR A 1 95  ? -7.335  -4.307  1.543   1.00 31.94 ? 160 TYR A O   1 
ATOM   758  C CB  . TYR A 1 95  ? -4.100  -4.366  1.108   1.00 28.62 ? 160 TYR A CB  1 
ATOM   759  C CG  . TYR A 1 95  ? -4.259  -3.717  2.469   1.00 29.01 ? 160 TYR A CG  1 
ATOM   760  C CD1 . TYR A 1 95  ? -4.396  -4.492  3.622   1.00 28.95 ? 160 TYR A CD1 1 
ATOM   761  C CD2 . TYR A 1 95  ? -4.206  -2.331  2.612   1.00 28.79 ? 160 TYR A CD2 1 
ATOM   762  C CE1 . TYR A 1 95  ? -4.469  -3.903  4.882   1.00 28.72 ? 160 TYR A CE1 1 
ATOM   763  C CE2 . TYR A 1 95  ? -4.279  -1.732  3.859   1.00 27.98 ? 160 TYR A CE2 1 
ATOM   764  C CZ  . TYR A 1 95  ? -4.408  -2.520  4.990   1.00 28.92 ? 160 TYR A CZ  1 
ATOM   765  O OH  . TYR A 1 95  ? -4.466  -1.925  6.229   1.00 29.68 ? 160 TYR A OH  1 
ATOM   766  N N   . VAL A 1 96  ? -6.698  -6.331  0.800   1.00 33.32 ? 161 VAL A N   1 
ATOM   767  C CA  . VAL A 1 96  ? -7.821  -6.993  1.443   1.00 35.17 ? 161 VAL A CA  1 
ATOM   768  C C   . VAL A 1 96  ? -7.419  -7.276  2.876   1.00 35.27 ? 161 VAL A C   1 
ATOM   769  O O   . VAL A 1 96  ? -6.442  -7.979  3.124   1.00 33.97 ? 161 VAL A O   1 
ATOM   770  C CB  . VAL A 1 96  ? -8.179  -8.310  0.720   1.00 35.58 ? 161 VAL A CB  1 
ATOM   771  C CG1 . VAL A 1 96  ? -9.411  -8.937  1.352   1.00 37.06 ? 161 VAL A CG1 1 
ATOM   772  C CG2 . VAL A 1 96  ? -8.421  -8.033  -0.755  1.00 36.63 ? 161 VAL A CG2 1 
ATOM   773  N N   . LYS A 1 97  ? -8.160  -6.699  3.810   1.00 36.40 ? 162 LYS A N   1 
ATOM   774  C CA  . LYS A 1 97  ? -7.877  -6.888  5.219   1.00 39.69 ? 162 LYS A CA  1 
ATOM   775  C C   . LYS A 1 97  ? -8.998  -7.699  5.857   1.00 41.66 ? 162 LYS A C   1 
ATOM   776  O O   . LYS A 1 97  ? -10.098 -7.187  6.101   1.00 41.99 ? 162 LYS A O   1 
ATOM   777  C CB  . LYS A 1 97  ? -7.747  -5.537  5.916   1.00 39.63 ? 162 LYS A CB  1 
ATOM   778  C CG  . LYS A 1 97  ? -7.371  -5.642  7.380   1.00 41.40 ? 162 LYS A CG  1 
ATOM   779  C CD  . LYS A 1 97  ? -7.272  -4.271  8.023   1.00 43.07 ? 162 LYS A CD  1 
ATOM   780  C CE  . LYS A 1 97  ? -6.860  -4.373  9.481   1.00 44.32 ? 162 LYS A CE  1 
ATOM   781  N NZ  . LYS A 1 97  ? -6.787  -3.027  10.102  1.00 46.44 ? 162 LYS A NZ  1 
ATOM   782  N N   . GLU A 1 98  ? -8.714  -8.968  6.123   1.00 44.18 ? 163 GLU A N   1 
ATOM   783  C CA  . GLU A 1 98  ? -9.701  -9.854  6.717   1.00 46.50 ? 163 GLU A CA  1 
ATOM   784  C C   . GLU A 1 98  ? -10.939 -9.881  5.820   1.00 45.41 ? 163 GLU A C   1 
ATOM   785  O O   . GLU A 1 98  ? -12.058 -9.628  6.263   1.00 44.77 ? 163 GLU A O   1 
ATOM   786  C CB  . GLU A 1 98  ? -10.054 -9.376  8.133   1.00 49.07 ? 163 GLU A CB  1 
ATOM   787  C CG  . GLU A 1 98  ? -8.855  -9.379  9.094   1.00 52.94 ? 163 GLU A CG  1 
ATOM   788  C CD  . GLU A 1 98  ? -9.217  -8.962  10.514  1.00 54.87 ? 163 GLU A CD  1 
ATOM   789  O OE1 . GLU A 1 98  ? -9.993  -9.690  11.168  1.00 57.17 ? 163 GLU A OE1 1 
ATOM   790  O OE2 . GLU A 1 98  ? -8.727  -7.909  10.980  1.00 55.82 ? 163 GLU A OE2 1 
ATOM   791  N N   . GLY A 1 99  ? -10.703 -10.164 4.542   1.00 45.43 ? 164 GLY A N   1 
ATOM   792  C CA  . GLY A 1 99  ? -11.776 -10.254 3.566   1.00 44.32 ? 164 GLY A CA  1 
ATOM   793  C C   . GLY A 1 99  ? -12.351 -8.972  2.993   1.00 44.00 ? 164 GLY A C   1 
ATOM   794  O O   . GLY A 1 99  ? -13.157 -9.032  2.057   1.00 43.44 ? 164 GLY A O   1 
ATOM   795  N N   . TYR A 1 100 ? -11.954 -7.818  3.525   1.00 42.76 ? 165 TYR A N   1 
ATOM   796  C CA  . TYR A 1 100 ? -12.485 -6.548  3.032   1.00 41.94 ? 165 TYR A CA  1 
ATOM   797  C C   . TYR A 1 100 ? -11.480 -5.601  2.388   1.00 41.09 ? 165 TYR A C   1 
ATOM   798  O O   . TYR A 1 100 ? -10.403 -5.339  2.934   1.00 40.57 ? 165 TYR A O   1 
ATOM   799  C CB  . TYR A 1 100 ? -13.219 -5.815  4.155   1.00 43.10 ? 165 TYR A CB  1 
ATOM   800  C CG  . TYR A 1 100 ? -14.438 -6.559  4.631   1.00 46.03 ? 165 TYR A CG  1 
ATOM   801  C CD1 . TYR A 1 100 ? -14.319 -7.624  5.525   1.00 46.90 ? 165 TYR A CD1 1 
ATOM   802  C CD2 . TYR A 1 100 ? -15.707 -6.251  4.132   1.00 47.10 ? 165 TYR A CD2 1 
ATOM   803  C CE1 . TYR A 1 100 ? -15.435 -8.369  5.908   1.00 48.87 ? 165 TYR A CE1 1 
ATOM   804  C CE2 . TYR A 1 100 ? -16.830 -6.993  4.508   1.00 48.37 ? 165 TYR A CE2 1 
ATOM   805  C CZ  . TYR A 1 100 ? -16.684 -8.049  5.391   1.00 49.22 ? 165 TYR A CZ  1 
ATOM   806  O OH  . TYR A 1 100 ? -17.777 -8.810  5.742   1.00 51.13 ? 165 TYR A OH  1 
ATOM   807  N N   . ASN A 1 101 ? -11.847 -5.086  1.218   1.00 39.50 ? 166 ASN A N   1 
ATOM   808  C CA  . ASN A 1 101 ? -10.999 -4.151  0.495   1.00 38.97 ? 166 ASN A CA  1 
ATOM   809  C C   . ASN A 1 101 ? -10.765 -2.915  1.348   1.00 38.44 ? 166 ASN A C   1 
ATOM   810  O O   . ASN A 1 101 ? -11.708 -2.284  1.799   1.00 38.81 ? 166 ASN A O   1 
ATOM   811  C CB  . ASN A 1 101 ? -11.659 -3.743  -0.817  1.00 37.28 ? 166 ASN A CB  1 
ATOM   812  C CG  . ASN A 1 101 ? -11.833 -4.909  -1.773  1.00 38.48 ? 166 ASN A CG  1 
ATOM   813  O OD1 . ASN A 1 101 ? -11.271 -5.994  -1.564  1.00 33.28 ? 166 ASN A OD1 1 
ATOM   814  N ND2 . ASN A 1 101 ? -12.604 -4.690  -2.838  1.00 36.61 ? 166 ASN A ND2 1 
ATOM   815  N N   . THR A 1 102 ? -9.501  -2.575  1.564   1.00 37.87 ? 167 THR A N   1 
ATOM   816  C CA  . THR A 1 102 ? -9.146  -1.414  2.373   1.00 37.73 ? 167 THR A CA  1 
ATOM   817  C C   . THR A 1 102 ? -8.258  -0.469  1.568   1.00 37.05 ? 167 THR A C   1 
ATOM   818  O O   . THR A 1 102 ? -7.104  -0.784  1.284   1.00 36.93 ? 167 THR A O   1 
ATOM   819  C CB  . THR A 1 102 ? -8.388  -1.858  3.630   1.00 38.95 ? 167 THR A CB  1 
ATOM   820  O OG1 . THR A 1 102 ? -9.118  -2.919  4.258   1.00 40.64 ? 167 THR A OG1 1 
ATOM   821  C CG2 . THR A 1 102 ? -8.230  -0.699  4.614   1.00 37.61 ? 167 THR A CG2 1 
ATOM   822  N N   . PHE A 1 103 ? -8.798  0.685   1.197   1.00 35.28 ? 168 PHE A N   1 
ATOM   823  C CA  . PHE A 1 103 ? -8.035  1.658   0.421   1.00 34.96 ? 168 PHE A CA  1 
ATOM   824  C C   . PHE A 1 103 ? -7.099  2.516   1.263   1.00 34.08 ? 168 PHE A C   1 
ATOM   825  O O   . PHE A 1 103 ? -7.441  2.899   2.373   1.00 34.52 ? 168 PHE A O   1 
ATOM   826  C CB  . PHE A 1 103 ? -8.981  2.591   -0.346  1.00 33.11 ? 168 PHE A CB  1 
ATOM   827  C CG  . PHE A 1 103 ? -9.733  1.913   -1.439  1.00 32.49 ? 168 PHE A CG  1 
ATOM   828  C CD1 . PHE A 1 103 ? -10.826 1.110   -1.150  1.00 32.00 ? 168 PHE A CD1 1 
ATOM   829  C CD2 . PHE A 1 103 ? -9.313  2.036   -2.761  1.00 33.60 ? 168 PHE A CD2 1 
ATOM   830  C CE1 . PHE A 1 103 ? -11.493 0.430   -2.157  1.00 33.64 ? 168 PHE A CE1 1 
ATOM   831  C CE2 . PHE A 1 103 ? -9.968  1.364   -3.778  1.00 35.15 ? 168 PHE A CE2 1 
ATOM   832  C CZ  . PHE A 1 103 ? -11.066 0.554   -3.476  1.00 35.12 ? 168 PHE A CZ  1 
ATOM   833  N N   . TYR A 1 104 ? -5.912  2.802   0.741   1.00 34.52 ? 169 TYR A N   1 
ATOM   834  C CA  . TYR A 1 104 ? -4.990  3.683   1.446   1.00 36.14 ? 169 TYR A CA  1 
ATOM   835  C C   . TYR A 1 104 ? -4.653  4.872   0.543   1.00 37.15 ? 169 TYR A C   1 
ATOM   836  O O   . TYR A 1 104 ? -3.788  5.695   0.850   1.00 38.85 ? 169 TYR A O   1 
ATOM   837  C CB  . TYR A 1 104 ? -3.728  2.939   1.917   1.00 36.14 ? 169 TYR A CB  1 
ATOM   838  C CG  . TYR A 1 104 ? -2.884  2.255   0.868   1.00 35.08 ? 169 TYR A CG  1 
ATOM   839  C CD1 . TYR A 1 104 ? -1.878  2.944   0.198   1.00 34.75 ? 169 TYR A CD1 1 
ATOM   840  C CD2 . TYR A 1 104 ? -3.033  0.890   0.614   1.00 34.67 ? 169 TYR A CD2 1 
ATOM   841  C CE1 . TYR A 1 104 ? -1.024  2.291   -0.696  1.00 34.78 ? 169 TYR A CE1 1 
ATOM   842  C CE2 . TYR A 1 104 ? -2.190  0.225   -0.273  1.00 35.26 ? 169 TYR A CE2 1 
ATOM   843  C CZ  . TYR A 1 104 ? -1.184  0.930   -0.923  1.00 35.03 ? 169 TYR A CZ  1 
ATOM   844  O OH  . TYR A 1 104 ? -0.337  0.268   -1.780  1.00 34.28 ? 169 TYR A OH  1 
ATOM   845  N N   . ILE A 1 105 ? -5.359  4.931   -0.585  1.00 37.82 ? 170 ILE A N   1 
ATOM   846  C CA  . ILE A 1 105 ? -5.265  6.008   -1.567  1.00 37.61 ? 170 ILE A CA  1 
ATOM   847  C C   . ILE A 1 105 ? -6.521  5.936   -2.427  1.00 38.12 ? 170 ILE A C   1 
ATOM   848  O O   . ILE A 1 105 ? -6.810  4.909   -3.034  1.00 36.35 ? 170 ILE A O   1 
ATOM   849  C CB  . ILE A 1 105 ? -4.041  5.904   -2.493  1.00 37.25 ? 170 ILE A CB  1 
ATOM   850  C CG1 . ILE A 1 105 ? -2.772  6.297   -1.733  1.00 39.59 ? 170 ILE A CG1 1 
ATOM   851  C CG2 . ILE A 1 105 ? -4.213  6.848   -3.665  1.00 37.85 ? 170 ILE A CG2 1 
ATOM   852  C CD1 . ILE A 1 105 ? -1.568  6.533   -2.610  1.00 38.87 ? 170 ILE A CD1 1 
ATOM   853  N N   . GLU A 1 106 ? -7.280  7.026   -2.442  1.00 38.13 ? 171 GLU A N   1 
ATOM   854  C CA  . GLU A 1 106 ? -8.506  7.112   -3.224  1.00 38.32 ? 171 GLU A CA  1 
ATOM   855  C C   . GLU A 1 106 ? -8.208  8.078   -4.362  1.00 38.30 ? 171 GLU A C   1 
ATOM   856  O O   . GLU A 1 106 ? -7.898  9.250   -4.131  1.00 37.50 ? 171 GLU A O   1 
ATOM   857  C CB  . GLU A 1 106 ? -9.640  7.643   -2.349  1.00 40.34 ? 171 GLU A CB  1 
ATOM   858  C CG  . GLU A 1 106 ? -10.006 6.725   -1.189  1.00 43.50 ? 171 GLU A CG  1 
ATOM   859  C CD  . GLU A 1 106 ? -11.018 5.661   -1.580  1.00 45.73 ? 171 GLU A CD  1 
ATOM   860  O OE1 . GLU A 1 106 ? -11.205 5.426   -2.792  1.00 47.71 ? 171 GLU A OE1 1 
ATOM   861  O OE2 . GLU A 1 106 ? -11.628 5.050   -0.674  1.00 48.42 ? 171 GLU A OE2 1 
ATOM   862  N N   . PHE A 1 107 ? -8.282  7.578   -5.588  1.00 36.82 ? 172 PHE A N   1 
ATOM   863  C CA  . PHE A 1 107 ? -7.993  8.395   -6.754  1.00 36.43 ? 172 PHE A CA  1 
ATOM   864  C C   . PHE A 1 107 ? -9.034  9.480   -7.022  1.00 37.84 ? 172 PHE A C   1 
ATOM   865  O O   . PHE A 1 107 ? -8.743  10.451  -7.716  1.00 36.44 ? 172 PHE A O   1 
ATOM   866  C CB  . PHE A 1 107 ? -7.812  7.499   -7.983  1.00 36.29 ? 172 PHE A CB  1 
ATOM   867  C CG  . PHE A 1 107 ? -6.541  6.668   -7.950  1.00 36.23 ? 172 PHE A CG  1 
ATOM   868  C CD1 . PHE A 1 107 ? -6.472  5.445   -8.618  1.00 35.74 ? 172 PHE A CD1 1 
ATOM   869  C CD2 . PHE A 1 107 ? -5.408  7.124   -7.271  1.00 35.83 ? 172 PHE A CD2 1 
ATOM   870  C CE1 . PHE A 1 107 ? -5.296  4.683   -8.614  1.00 33.36 ? 172 PHE A CE1 1 
ATOM   871  C CE2 . PHE A 1 107 ? -4.230  6.371   -7.260  1.00 35.35 ? 172 PHE A CE2 1 
ATOM   872  C CZ  . PHE A 1 107 ? -4.175  5.145   -7.936  1.00 34.45 ? 172 PHE A CZ  1 
ATOM   873  N N   . LYS A 1 108 ? -10.239 9.329   -6.477  1.00 38.05 ? 173 LYS A N   1 
ATOM   874  C CA  . LYS A 1 108 ? -11.258 10.346  -6.687  1.00 40.10 ? 173 LYS A CA  1 
ATOM   875  C C   . LYS A 1 108 ? -10.899 11.585  -5.880  1.00 40.49 ? 173 LYS A C   1 
ATOM   876  O O   . LYS A 1 108 ? -11.002 12.708  -6.365  1.00 41.25 ? 173 LYS A O   1 
ATOM   877  C CB  . LYS A 1 108 ? -12.638 9.862   -6.261  1.00 40.93 ? 173 LYS A CB  1 
ATOM   878  C CG  . LYS A 1 108 ? -13.696 10.948  -6.410  1.00 43.13 ? 173 LYS A CG  1 
ATOM   879  C CD  . LYS A 1 108 ? -15.103 10.444  -6.129  1.00 45.37 ? 173 LYS A CD  1 
ATOM   880  C CE  . LYS A 1 108 ? -16.138 11.533  -6.410  1.00 47.58 ? 173 LYS A CE  1 
ATOM   881  N NZ  . LYS A 1 108 ? -17.531 11.113  -6.085  1.00 48.52 ? 173 LYS A NZ  1 
ATOM   882  N N   . SER A 1 109 ? -10.468 11.374  -4.648  1.00 40.81 ? 174 SER A N   1 
ATOM   883  C CA  . SER A 1 109 ? -10.099 12.485  -3.792  1.00 43.31 ? 174 SER A CA  1 
ATOM   884  C C   . SER A 1 109 ? -8.827  13.101  -4.353  1.00 43.95 ? 174 SER A C   1 
ATOM   885  O O   . SER A 1 109 ? -8.585  14.299  -4.231  1.00 45.17 ? 174 SER A O   1 
ATOM   886  C CB  . SER A 1 109 ? -9.862  11.998  -2.360  1.00 42.77 ? 174 SER A CB  1 
ATOM   887  O OG  . SER A 1 109 ? -8.497  11.683  -2.151  1.00 46.47 ? 174 SER A OG  1 
ATOM   888  N N   . GLU A 1 110 ? -8.016  12.268  -4.982  1.00 44.30 ? 175 GLU A N   1 
ATOM   889  C CA  . GLU A 1 110 ? -6.763  12.710  -5.563  1.00 44.07 ? 175 GLU A CA  1 
ATOM   890  C C   . GLU A 1 110 ? -6.991  13.558  -6.811  1.00 45.08 ? 175 GLU A C   1 
ATOM   891  O O   . GLU A 1 110 ? -6.194  14.444  -7.126  1.00 44.83 ? 175 GLU A O   1 
ATOM   892  C CB  . GLU A 1 110 ? -5.928  11.497  -5.927  1.00 44.14 ? 175 GLU A CB  1 
ATOM   893  C CG  . GLU A 1 110 ? -4.469  11.756  -5.967  1.00 44.70 ? 175 GLU A CG  1 
ATOM   894  C CD  . GLU A 1 110 ? -3.851  11.909  -4.588  1.00 44.11 ? 175 GLU A CD  1 
ATOM   895  O OE1 . GLU A 1 110 ? -4.516  11.605  -3.575  1.00 42.31 ? 175 GLU A OE1 1 
ATOM   896  O OE2 . GLU A 1 110 ? -2.682  12.328  -4.524  1.00 44.04 ? 175 GLU A OE2 1 
ATOM   897  N N   . CYS A 1 111 ? -8.074  13.277  -7.527  1.00 45.78 ? 176 CYS A N   1 
ATOM   898  C CA  . CYS A 1 111 ? -8.394  14.016  -8.740  1.00 48.26 ? 176 CYS A CA  1 
ATOM   899  C C   . CYS A 1 111 ? -8.930  15.391  -8.358  1.00 50.50 ? 176 CYS A C   1 
ATOM   900  O O   . CYS A 1 111 ? -8.806  16.356  -9.116  1.00 50.86 ? 176 CYS A O   1 
ATOM   901  C CB  . CYS A 1 111 ? -9.439  13.266  -9.560  1.00 48.04 ? 176 CYS A CB  1 
ATOM   902  S SG  . CYS A 1 111 ? -9.661  13.917  -11.238 1.00 50.60 ? 176 CYS A SG  1 
ATOM   903  N N   . GLU A 1 112 ? -9.530  15.473  -7.176  1.00 51.88 ? 177 GLU A N   1 
ATOM   904  C CA  . GLU A 1 112 ? -10.066 16.728  -6.687  1.00 53.43 ? 177 GLU A CA  1 
ATOM   905  C C   . GLU A 1 112 ? -8.909  17.677  -6.386  1.00 54.85 ? 177 GLU A C   1 
ATOM   906  O O   . GLU A 1 112 ? -9.101  18.887  -6.278  1.00 56.88 ? 177 GLU A O   1 
ATOM   907  C CB  . GLU A 1 112 ? -10.907 16.484  -5.433  1.00 52.23 ? 177 GLU A CB  1 
ATOM   908  C CG  . GLU A 1 112 ? -12.027 15.487  -5.666  1.00 52.33 ? 177 GLU A CG  1 
ATOM   909  C CD  . GLU A 1 112 ? -12.850 15.213  -4.425  1.00 52.23 ? 177 GLU A CD  1 
ATOM   910  O OE1 . GLU A 1 112 ? -12.266 15.043  -3.334  1.00 52.71 ? 177 GLU A OE1 1 
ATOM   911  O OE2 . GLU A 1 112 ? -14.090 15.156  -4.547  1.00 53.07 ? 177 GLU A OE2 1 
ATOM   912  N N   . LYS A 1 113 ? -7.707  17.123  -6.269  1.00 55.56 ? 178 LYS A N   1 
ATOM   913  C CA  . LYS A 1 113 ? -6.521  17.922  -5.999  1.00 56.70 ? 178 LYS A CA  1 
ATOM   914  C C   . LYS A 1 113 ? -5.891  18.401  -7.299  1.00 59.53 ? 178 LYS A C   1 
ATOM   915  O O   . LYS A 1 113 ? -5.289  19.473  -7.345  1.00 61.31 ? 178 LYS A O   1 
ATOM   916  C CB  . LYS A 1 113 ? -5.488  17.109  -5.224  1.00 54.52 ? 178 LYS A CB  1 
ATOM   917  C CG  . LYS A 1 113 ? -5.954  16.586  -3.887  1.00 51.61 ? 178 LYS A CG  1 
ATOM   918  C CD  . LYS A 1 113 ? -4.804  15.888  -3.183  1.00 50.04 ? 178 LYS A CD  1 
ATOM   919  C CE  . LYS A 1 113 ? -5.253  15.205  -1.908  1.00 48.41 ? 178 LYS A CE  1 
ATOM   920  N NZ  . LYS A 1 113 ? -4.098  14.595  -1.212  1.00 47.62 ? 178 LYS A NZ  1 
ATOM   921  N N   . TYR A 1 114 ? -6.010  17.596  -8.350  1.00 61.13 ? 179 TYR A N   1 
ATOM   922  C CA  . TYR A 1 114 ? -5.450  17.950  -9.651  1.00 62.46 ? 179 TYR A CA  1 
ATOM   923  C C   . TYR A 1 114 ? -6.286  17.331  -10.754 1.00 63.73 ? 179 TYR A C   1 
ATOM   924  O O   . TYR A 1 114 ? -6.261  16.121  -10.938 1.00 65.83 ? 179 TYR A O   1 
ATOM   925  C CB  . TYR A 1 114 ? -4.012  17.443  -9.785  1.00 61.75 ? 179 TYR A CB  1 
ATOM   926  C CG  . TYR A 1 114 ? -3.365  16.971  -8.503  1.00 60.84 ? 179 TYR A CG  1 
ATOM   927  C CD1 . TYR A 1 114 ? -3.601  15.693  -8.007  1.00 61.10 ? 179 TYR A CD1 1 
ATOM   928  C CD2 . TYR A 1 114 ? -2.494  17.797  -7.796  1.00 61.12 ? 179 TYR A CD2 1 
ATOM   929  C CE1 . TYR A 1 114 ? -2.976  15.248  -6.834  1.00 61.32 ? 179 TYR A CE1 1 
ATOM   930  C CE2 . TYR A 1 114 ? -1.868  17.366  -6.627  1.00 60.74 ? 179 TYR A CE2 1 
ATOM   931  C CZ  . TYR A 1 114 ? -2.112  16.094  -6.150  1.00 61.50 ? 179 TYR A CZ  1 
ATOM   932  O OH  . TYR A 1 114 ? -1.487  15.675  -4.995  1.00 61.26 ? 179 TYR A OH  1 
ATOM   933  N N   . GLY A 1 115 ? -7.024  18.149  -11.492 1.00 64.94 ? 180 GLY A N   1 
ATOM   934  C CA  . GLY A 1 115 ? -7.846  17.607  -12.558 1.00 67.44 ? 180 GLY A CA  1 
ATOM   935  C C   . GLY A 1 115 ? -9.301  18.013  -12.430 1.00 69.22 ? 180 GLY A C   1 
ATOM   936  O O   . GLY A 1 115 ? -10.114 17.313  -11.823 1.00 69.11 ? 180 GLY A O   1 
ATOM   937  N N   . ASN A 1 116 ? -9.623  19.152  -13.030 1.00 70.81 ? 181 ASN A N   1 
ATOM   938  C CA  . ASN A 1 116 ? -10.970 19.710  -12.998 1.00 71.87 ? 181 ASN A CA  1 
ATOM   939  C C   . ASN A 1 116 ? -11.989 18.839  -13.721 1.00 71.36 ? 181 ASN A C   1 
ATOM   940  O O   . ASN A 1 116 ? -13.185 18.906  -13.434 1.00 72.23 ? 181 ASN A O   1 
ATOM   941  C CB  . ASN A 1 116 ? -10.951 21.093  -13.640 1.00 73.26 ? 181 ASN A CB  1 
ATOM   942  C CG  . ASN A 1 116 ? -9.551  21.665  -13.732 1.00 74.76 ? 181 ASN A CG  1 
ATOM   943  O OD1 . ASN A 1 116 ? -8.923  21.968  -12.716 1.00 75.20 ? 181 ASN A OD1 1 
ATOM   944  N ND2 . ASN A 1 116 ? -9.047  21.800  -14.955 1.00 76.08 ? 181 ASN A ND2 1 
ATOM   945  N N   . THR A 1 117 ? -11.517 18.025  -14.659 1.00 69.84 ? 182 THR A N   1 
ATOM   946  C CA  . THR A 1 117 ? -12.407 17.164  -15.425 1.00 68.55 ? 182 THR A CA  1 
ATOM   947  C C   . THR A 1 117 ? -13.051 16.061  -14.585 1.00 67.12 ? 182 THR A C   1 
ATOM   948  O O   . THR A 1 117 ? -14.059 15.477  -14.988 1.00 67.74 ? 182 THR A O   1 
ATOM   949  C CB  . THR A 1 117 ? -11.663 16.521  -16.607 1.00 69.37 ? 182 THR A CB  1 
ATOM   950  O OG1 . THR A 1 117 ? -10.906 17.530  -17.288 1.00 70.39 ? 182 THR A OG1 1 
ATOM   951  C CG2 . THR A 1 117 ? -12.652 15.892  -17.593 1.00 68.77 ? 182 THR A CG2 1 
ATOM   952  N N   . GLY A 1 118 ? -12.482 15.784  -13.416 1.00 64.59 ? 183 GLY A N   1 
ATOM   953  C CA  . GLY A 1 118 ? -13.037 14.744  -12.567 1.00 60.96 ? 183 GLY A CA  1 
ATOM   954  C C   . GLY A 1 118 ? -12.839 13.374  -13.192 1.00 58.25 ? 183 GLY A C   1 
ATOM   955  O O   . GLY A 1 118 ? -13.449 12.386  -12.783 1.00 58.35 ? 183 GLY A O   1 
ATOM   956  N N   . THR A 1 119 ? -11.978 13.331  -14.201 1.00 55.58 ? 184 THR A N   1 
ATOM   957  C CA  . THR A 1 119 ? -11.660 12.103  -14.918 1.00 52.52 ? 184 THR A CA  1 
ATOM   958  C C   . THR A 1 119 ? -10.186 11.790  -14.711 1.00 49.72 ? 184 THR A C   1 
ATOM   959  O O   . THR A 1 119 ? -9.377  12.695  -14.519 1.00 48.41 ? 184 THR A O   1 
ATOM   960  C CB  . THR A 1 119 ? -11.940 12.269  -16.437 1.00 52.91 ? 184 THR A CB  1 
ATOM   961  O OG1 . THR A 1 119 ? -13.267 11.822  -16.724 1.00 53.99 ? 184 THR A OG1 1 
ATOM   962  C CG2 . THR A 1 119 ? -10.950 11.478  -17.282 1.00 53.95 ? 184 THR A CG2 1 
ATOM   963  N N   . TRP A 1 120 ? -9.841  10.509  -14.734 1.00 46.62 ? 185 TRP A N   1 
ATOM   964  C CA  . TRP A 1 120 ? -8.452  10.108  -14.578 1.00 43.66 ? 185 TRP A CA  1 
ATOM   965  C C   . TRP A 1 120 ? -8.246  8.724   -15.163 1.00 43.56 ? 185 TRP A C   1 
ATOM   966  O O   . TRP A 1 120 ? -9.190  7.943   -15.286 1.00 43.05 ? 185 TRP A O   1 
ATOM   967  C CB  . TRP A 1 120 ? -8.037  10.144  -13.102 1.00 40.66 ? 185 TRP A CB  1 
ATOM   968  C CG  . TRP A 1 120 ? -8.650  9.083   -12.252 1.00 37.68 ? 185 TRP A CG  1 
ATOM   969  C CD1 . TRP A 1 120 ? -8.176  7.818   -12.050 1.00 36.10 ? 185 TRP A CD1 1 
ATOM   970  C CD2 . TRP A 1 120 ? -9.848  9.191   -11.479 1.00 36.70 ? 185 TRP A CD2 1 
ATOM   971  N NE1 . TRP A 1 120 ? -9.002  7.136   -11.198 1.00 34.17 ? 185 TRP A NE1 1 
ATOM   972  C CE2 . TRP A 1 120 ? -10.038 7.953   -10.832 1.00 33.84 ? 185 TRP A CE2 1 
ATOM   973  C CE3 . TRP A 1 120 ? -10.785 10.215  -11.274 1.00 36.17 ? 185 TRP A CE3 1 
ATOM   974  C CZ2 . TRP A 1 120 ? -11.123 7.706   -9.993  1.00 34.07 ? 185 TRP A CZ2 1 
ATOM   975  C CZ3 . TRP A 1 120 ? -11.863 9.972   -10.443 1.00 35.88 ? 185 TRP A CZ3 1 
ATOM   976  C CH2 . TRP A 1 120 ? -12.025 8.724   -9.809  1.00 35.80 ? 185 TRP A CH2 1 
ATOM   977  N N   . GLU A 1 121 ? -7.004  8.435   -15.529 1.00 43.51 ? 186 GLU A N   1 
ATOM   978  C CA  . GLU A 1 121 ? -6.647  7.157   -16.121 1.00 44.62 ? 186 GLU A CA  1 
ATOM   979  C C   . GLU A 1 121 ? -5.539  6.524   -15.285 1.00 43.14 ? 186 GLU A C   1 
ATOM   980  O O   . GLU A 1 121 ? -4.567  7.188   -14.936 1.00 42.69 ? 186 GLU A O   1 
ATOM   981  C CB  . GLU A 1 121 ? -6.156  7.398   -17.547 1.00 47.74 ? 186 GLU A CB  1 
ATOM   982  C CG  . GLU A 1 121 ? -6.455  6.288   -18.531 1.00 53.23 ? 186 GLU A CG  1 
ATOM   983  C CD  . GLU A 1 121 ? -6.034  6.655   -19.946 1.00 55.99 ? 186 GLU A CD  1 
ATOM   984  O OE1 . GLU A 1 121 ? -4.810  6.757   -20.203 1.00 56.56 ? 186 GLU A OE1 1 
ATOM   985  O OE2 . GLU A 1 121 ? -6.928  6.853   -20.796 1.00 57.43 ? 186 GLU A OE2 1 
ATOM   986  N N   . VAL A 1 122 ? -5.684  5.244   -14.965 1.00 42.48 ? 187 VAL A N   1 
ATOM   987  C CA  . VAL A 1 122 ? -4.687  4.546   -14.157 1.00 41.76 ? 187 VAL A CA  1 
ATOM   988  C C   . VAL A 1 122 ? -3.837  3.575   -14.970 1.00 43.80 ? 187 VAL A C   1 
ATOM   989  O O   . VAL A 1 122 ? -4.361  2.735   -15.707 1.00 43.24 ? 187 VAL A O   1 
ATOM   990  C CB  . VAL A 1 122 ? -5.352  3.749   -13.009 1.00 39.04 ? 187 VAL A CB  1 
ATOM   991  C CG1 . VAL A 1 122 ? -4.290  3.161   -12.113 1.00 37.43 ? 187 VAL A CG1 1 
ATOM   992  C CG2 . VAL A 1 122 ? -6.284  4.648   -12.213 1.00 38.29 ? 187 VAL A CG2 1 
ATOM   993  N N   . HIS A 1 123 ? -2.521  3.693   -14.831 1.00 45.71 ? 188 HIS A N   1 
ATOM   994  C CA  . HIS A 1 123 ? -1.596  2.817   -15.528 1.00 48.39 ? 188 HIS A CA  1 
ATOM   995  C C   . HIS A 1 123 ? -0.724  2.080   -14.520 1.00 50.11 ? 188 HIS A C   1 
ATOM   996  O O   . HIS A 1 123 ? -0.157  2.683   -13.612 1.00 49.66 ? 188 HIS A O   1 
ATOM   997  C CB  . HIS A 1 123 ? -0.695  3.612   -16.477 1.00 50.14 ? 188 HIS A CB  1 
ATOM   998  C CG  . HIS A 1 123 ? -1.417  4.219   -17.640 1.00 52.80 ? 188 HIS A CG  1 
ATOM   999  N ND1 . HIS A 1 123 ? -0.758  4.709   -18.746 1.00 54.12 ? 188 HIS A ND1 1 
ATOM   1000 C CD2 . HIS A 1 123 ? -2.736  4.425   -17.865 1.00 53.93 ? 188 HIS A CD2 1 
ATOM   1001 C CE1 . HIS A 1 123 ? -1.640  5.189   -19.604 1.00 54.20 ? 188 HIS A CE1 1 
ATOM   1002 N NE2 . HIS A 1 123 ? -2.847  5.028   -19.095 1.00 54.91 ? 188 HIS A NE2 1 
ATOM   1003 N N   . PHE A 1 124 ? -0.627  0.767   -14.677 1.00 51.97 ? 189 PHE A N   1 
ATOM   1004 C CA  . PHE A 1 124 ? 0.198   -0.031  -13.788 1.00 54.43 ? 189 PHE A CA  1 
ATOM   1005 C C   . PHE A 1 124 ? 1.154   -0.811  -14.668 1.00 56.82 ? 189 PHE A C   1 
ATOM   1006 O O   . PHE A 1 124 ? 0.787   -1.834  -15.253 1.00 57.58 ? 189 PHE A O   1 
ATOM   1007 C CB  . PHE A 1 124 ? -0.656  -0.997  -12.967 1.00 53.32 ? 189 PHE A CB  1 
ATOM   1008 C CG  . PHE A 1 124 ? 0.084   -1.639  -11.823 1.00 53.67 ? 189 PHE A CG  1 
ATOM   1009 C CD1 . PHE A 1 124 ? -0.461  -2.728  -11.151 1.00 53.70 ? 189 PHE A CD1 1 
ATOM   1010 C CD2 . PHE A 1 124 ? 1.319   -1.151  -11.410 1.00 53.91 ? 189 PHE A CD2 1 
ATOM   1011 C CE1 . PHE A 1 124 ? 0.212   -3.320  -10.084 1.00 53.58 ? 189 PHE A CE1 1 
ATOM   1012 C CE2 . PHE A 1 124 ? 2.001   -1.739  -10.342 1.00 53.72 ? 189 PHE A CE2 1 
ATOM   1013 C CZ  . PHE A 1 124 ? 1.446   -2.825  -9.681  1.00 53.21 ? 189 PHE A CZ  1 
ATOM   1014 N N   . GLY A 1 125 ? 2.385   -0.320  -14.765 1.00 58.73 ? 190 GLY A N   1 
ATOM   1015 C CA  . GLY A 1 125 ? 3.365   -0.979  -15.600 1.00 61.18 ? 190 GLY A CA  1 
ATOM   1016 C C   . GLY A 1 125 ? 2.967   -0.819  -17.051 1.00 62.83 ? 190 GLY A C   1 
ATOM   1017 O O   . GLY A 1 125 ? 2.854   0.302   -17.551 1.00 62.73 ? 190 GLY A O   1 
ATOM   1018 N N   . ASN A 1 126 ? 2.724   -1.939  -17.721 1.00 64.47 ? 191 ASN A N   1 
ATOM   1019 C CA  . ASN A 1 126 ? 2.348   -1.925  -19.129 1.00 66.41 ? 191 ASN A CA  1 
ATOM   1020 C C   . ASN A 1 126 ? 0.842   -2.144  -19.314 1.00 66.56 ? 191 ASN A C   1 
ATOM   1021 O O   . ASN A 1 126 ? 0.377   -2.444  -20.415 1.00 67.23 ? 191 ASN A O   1 
ATOM   1022 C CB  . ASN A 1 126 ? 3.132   -3.015  -19.866 1.00 68.13 ? 191 ASN A CB  1 
ATOM   1023 C CG  . ASN A 1 126 ? 3.101   -2.846  -21.375 1.00 70.05 ? 191 ASN A CG  1 
ATOM   1024 O OD1 . ASN A 1 126 ? 3.624   -3.684  -22.113 1.00 71.41 ? 191 ASN A OD1 1 
ATOM   1025 N ND2 . ASN A 1 126 ? 2.495   -1.756  -21.841 1.00 70.72 ? 191 ASN A ND2 1 
ATOM   1026 N N   . ASN A 1 127 ? 0.078   -1.975  -18.240 1.00 66.40 ? 192 ASN A N   1 
ATOM   1027 C CA  . ASN A 1 127 ? -1.364  -2.187  -18.299 1.00 66.33 ? 192 ASN A CA  1 
ATOM   1028 C C   . ASN A 1 127 ? -2.186  -0.972  -17.883 1.00 66.13 ? 192 ASN A C   1 
ATOM   1029 O O   . ASN A 1 127 ? -1.848  -0.283  -16.920 1.00 66.42 ? 192 ASN A O   1 
ATOM   1030 C CB  . ASN A 1 127 ? -1.747  -3.355  -17.388 1.00 67.43 ? 192 ASN A CB  1 
ATOM   1031 C CG  . ASN A 1 127 ? -0.845  -4.561  -17.565 1.00 68.11 ? 192 ASN A CG  1 
ATOM   1032 O OD1 . ASN A 1 127 ? 0.358   -4.501  -17.292 1.00 68.43 ? 192 ASN A OD1 1 
ATOM   1033 N ND2 . ASN A 1 127 ? -1.422  -5.667  -18.021 1.00 68.40 ? 192 ASN A ND2 1 
ATOM   1034 N N   . VAL A 1 128 ? -3.268  -0.711  -18.605 1.00 65.39 ? 193 VAL A N   1 
ATOM   1035 C CA  . VAL A 1 128 ? -4.147  0.397   -18.258 1.00 64.98 ? 193 VAL A CA  1 
ATOM   1036 C C   . VAL A 1 128 ? -5.263  -0.207  -17.428 1.00 65.24 ? 193 VAL A C   1 
ATOM   1037 O O   . VAL A 1 128 ? -5.997  -1.068  -17.903 1.00 64.20 ? 193 VAL A O   1 
ATOM   1038 C CB  . VAL A 1 128 ? -4.747  1.077   -19.500 1.00 65.04 ? 193 VAL A CB  1 
ATOM   1039 C CG1 . VAL A 1 128 ? -5.942  1.929   -19.099 1.00 64.79 ? 193 VAL A CG1 1 
ATOM   1040 C CG2 . VAL A 1 128 ? -3.697  1.955   -20.161 1.00 64.74 ? 193 VAL A CG2 1 
ATOM   1041 N N   . ILE A 1 129 ? -5.385  0.243   -16.186 1.00 66.21 ? 194 ILE A N   1 
ATOM   1042 C CA  . ILE A 1 129 ? -6.400  -0.292  -15.295 1.00 67.20 ? 194 ILE A CA  1 
ATOM   1043 C C   . ILE A 1 129 ? -7.674  0.528   -15.228 1.00 69.26 ? 194 ILE A C   1 
ATOM   1044 O O   . ILE A 1 129 ? -7.801  1.439   -14.413 1.00 69.93 ? 194 ILE A O   1 
ATOM   1045 C CB  . ILE A 1 129 ? -5.841  -0.462  -13.873 1.00 65.71 ? 194 ILE A CB  1 
ATOM   1046 C CG1 . ILE A 1 129 ? -4.653  -1.422  -13.909 1.00 64.87 ? 194 ILE A CG1 1 
ATOM   1047 C CG2 . ILE A 1 129 ? -6.921  -0.984  -12.943 1.00 65.09 ? 194 ILE A CG2 1 
ATOM   1048 C CD1 . ILE A 1 129 ? -4.141  -1.813  -12.556 1.00 65.69 ? 194 ILE A CD1 1 
ATOM   1049 N N   . ASP A 1 130 ? -8.617  0.201   -16.101 1.00 71.94 ? 195 ASP A N   1 
ATOM   1050 C CA  . ASP A 1 130 ? -9.906  0.877   -16.127 1.00 74.92 ? 195 ASP A CA  1 
ATOM   1051 C C   . ASP A 1 130 ? -10.921 -0.151  -15.644 1.00 75.94 ? 195 ASP A C   1 
ATOM   1052 O O   . ASP A 1 130 ? -10.803 -0.665  -14.531 1.00 76.26 ? 195 ASP A O   1 
ATOM   1053 C CB  . ASP A 1 130 ? -10.245 1.345   -17.550 1.00 76.22 ? 195 ASP A CB  1 
ATOM   1054 C CG  . ASP A 1 130 ? -9.996  0.271   -18.598 1.00 77.71 ? 195 ASP A CG  1 
ATOM   1055 O OD1 . ASP A 1 130 ? -10.478 -0.868  -18.415 1.00 79.11 ? 195 ASP A OD1 1 
ATOM   1056 O OD2 . ASP A 1 130 ? -9.322  0.574   -19.610 1.00 78.63 ? 195 ASP A OD2 1 
ATOM   1057 N N   . CYS A 1 131 ? -11.910 -0.448  -16.482 1.00 77.01 ? 196 CYS A N   1 
ATOM   1058 C CA  . CYS A 1 131 ? -12.929 -1.439  -16.156 1.00 77.64 ? 196 CYS A CA  1 
ATOM   1059 C C   . CYS A 1 131 ? -13.296 -1.463  -14.673 1.00 76.50 ? 196 CYS A C   1 
ATOM   1060 O O   . CYS A 1 131 ? -13.232 -0.443  -13.982 1.00 76.91 ? 196 CYS A O   1 
ATOM   1061 C CB  . CYS A 1 131 ? -12.435 -2.823  -16.586 1.00 79.11 ? 196 CYS A CB  1 
ATOM   1062 S SG  . CYS A 1 131 ? -10.786 -3.254  -15.939 1.00 84.51 ? 196 CYS A SG  1 
ATOM   1063 N N   . ASN A 1 132 ? -13.693 -2.639  -14.198 1.00 74.71 ? 197 ASN A N   1 
ATOM   1064 C CA  . ASN A 1 132 ? -14.060 -2.824  -12.805 1.00 72.99 ? 197 ASN A CA  1 
ATOM   1065 C C   . ASN A 1 132 ? -13.083 -3.795  -12.175 1.00 70.94 ? 197 ASN A C   1 
ATOM   1066 O O   . ASN A 1 132 ? -13.297 -4.278  -11.062 1.00 70.96 ? 197 ASN A O   1 
ATOM   1067 C CB  . ASN A 1 132 ? -15.482 -3.373  -12.693 1.00 74.24 ? 197 ASN A CB  1 
ATOM   1068 C CG  . ASN A 1 132 ? -16.531 -2.317  -12.957 1.00 75.85 ? 197 ASN A CG  1 
ATOM   1069 O OD1 . ASN A 1 132 ? -16.506 -1.646  -13.990 1.00 76.72 ? 197 ASN A OD1 1 
ATOM   1070 N ND2 . ASN A 1 132 ? -17.467 -2.162  -12.022 1.00 77.11 ? 197 ASN A ND2 1 
ATOM   1071 N N   . ASP A 1 133 ? -12.008 -4.085  -12.898 1.00 68.34 ? 198 ASP A N   1 
ATOM   1072 C CA  . ASP A 1 133 ? -10.997 -4.998  -12.401 1.00 66.37 ? 198 ASP A CA  1 
ATOM   1073 C C   . ASP A 1 133 ? -9.856  -4.233  -11.776 1.00 64.60 ? 198 ASP A C   1 
ATOM   1074 O O   . ASP A 1 133 ? -9.967  -3.045  -11.487 1.00 64.55 ? 198 ASP A O   1 
ATOM   1075 C CB  . ASP A 1 133 ? -10.451 -5.878  -13.526 1.00 66.80 ? 198 ASP A CB  1 
ATOM   1076 C CG  . ASP A 1 133 ? -11.491 -6.829  -14.078 1.00 67.41 ? 198 ASP A CG  1 
ATOM   1077 O OD1 . ASP A 1 133 ? -12.154 -7.523  -13.271 1.00 68.10 ? 198 ASP A OD1 1 
ATOM   1078 O OD2 . ASP A 1 133 ? -11.637 -6.885  -15.317 1.00 66.64 ? 198 ASP A OD2 1 
ATOM   1079 N N   . SER A 1 134 ? -8.755  -4.931  -11.562 1.00 62.83 ? 199 SER A N   1 
ATOM   1080 C CA  . SER A 1 134 ? -7.578  -4.326  -10.978 1.00 61.32 ? 199 SER A CA  1 
ATOM   1081 C C   . SER A 1 134 ? -6.457  -5.344  -10.986 1.00 59.97 ? 199 SER A C   1 
ATOM   1082 O O   . SER A 1 134 ? -6.700  -6.545  -11.063 1.00 59.46 ? 199 SER A O   1 
ATOM   1083 C CB  . SER A 1 134 ? -7.862  -3.892  -9.542  1.00 61.49 ? 199 SER A CB  1 
ATOM   1084 O OG  . SER A 1 134 ? -7.958  -5.009  -8.684  1.00 60.80 ? 199 SER A OG  1 
ATOM   1085 N N   . MET A 1 135 ? -5.228  -4.858  -10.928 1.00 59.17 ? 200 MET A N   1 
ATOM   1086 C CA  . MET A 1 135 ? -4.084  -5.741  -10.904 1.00 58.91 ? 200 MET A CA  1 
ATOM   1087 C C   . MET A 1 135 ? -3.545  -5.761  -9.485  1.00 57.96 ? 200 MET A C   1 
ATOM   1088 O O   . MET A 1 135 ? -3.837  -4.870  -8.687  1.00 57.64 ? 200 MET A O   1 
ATOM   1089 C CB  . MET A 1 135 ? -3.001  -5.250  -11.861 1.00 61.53 ? 200 MET A CB  1 
ATOM   1090 C CG  . MET A 1 135 ? -3.375  -5.309  -13.334 1.00 65.18 ? 200 MET A CG  1 
ATOM   1091 S SD  . MET A 1 135 ? -2.084  -6.120  -14.344 1.00 70.41 ? 200 MET A SD  1 
ATOM   1092 C CE  . MET A 1 135 ? -0.655  -5.050  -14.045 1.00 68.94 ? 200 MET A CE  1 
ATOM   1093 N N   . CYS A 1 136 ? -2.770  -6.789  -9.169  1.00 56.61 ? 201 CYS A N   1 
ATOM   1094 C CA  . CYS A 1 136 ? -2.174  -6.925  -7.849  1.00 55.81 ? 201 CYS A CA  1 
ATOM   1095 C C   . CYS A 1 136 ? -1.085  -7.958  -7.930  1.00 54.03 ? 201 CYS A C   1 
ATOM   1096 O O   . CYS A 1 136 ? -1.060  -8.768  -8.851  1.00 53.95 ? 201 CYS A O   1 
ATOM   1097 C CB  . CYS A 1 136 ? -3.205  -7.381  -6.810  1.00 57.56 ? 201 CYS A CB  1 
ATOM   1098 S SG  . CYS A 1 136 ? -4.859  -7.765  -7.447  1.00 62.32 ? 201 CYS A SG  1 
ATOM   1099 N N   . SER A 1 137 ? -0.172  -7.915  -6.973  1.00 52.66 ? 202 SER A N   1 
ATOM   1100 C CA  . SER A 1 137 ? 0.902   -8.886  -6.920  1.00 51.76 ? 202 SER A CA  1 
ATOM   1101 C C   . SER A 1 137 ? 0.231   -10.214 -6.587  1.00 50.40 ? 202 SER A C   1 
ATOM   1102 O O   . SER A 1 137 ? -0.965  -10.256 -6.282  1.00 49.29 ? 202 SER A O   1 
ATOM   1103 C CB  . SER A 1 137 ? 1.888   -8.512  -5.817  1.00 53.12 ? 202 SER A CB  1 
ATOM   1104 O OG  . SER A 1 137 ? 2.915   -9.482  -5.697  1.00 55.86 ? 202 SER A OG  1 
ATOM   1105 N N   . THR A 1 138 ? 0.992   -11.296 -6.647  1.00 49.70 ? 203 THR A N   1 
ATOM   1106 C CA  . THR A 1 138 ? 0.459   -12.615 -6.335  1.00 48.28 ? 203 THR A CA  1 
ATOM   1107 C C   . THR A 1 138 ? 0.648   -12.941 -4.846  1.00 47.74 ? 203 THR A C   1 
ATOM   1108 O O   . THR A 1 138 ? 0.202   -13.980 -4.371  1.00 48.02 ? 203 THR A O   1 
ATOM   1109 C CB  . THR A 1 138 ? 1.151   -13.694 -7.189  1.00 48.76 ? 203 THR A CB  1 
ATOM   1110 O OG1 . THR A 1 138 ? 2.568   -13.608 -7.011  1.00 49.64 ? 203 THR A OG1 1 
ATOM   1111 C CG2 . THR A 1 138 ? 0.837   -13.491 -8.655  1.00 48.16 ? 203 THR A CG2 1 
ATOM   1112 N N   . SER A 1 139 ? 1.299   -12.037 -4.118  1.00 45.96 ? 204 SER A N   1 
ATOM   1113 C CA  . SER A 1 139 ? 1.546   -12.211 -2.689  1.00 46.11 ? 204 SER A CA  1 
ATOM   1114 C C   . SER A 1 139 ? 0.317   -12.607 -1.876  1.00 46.00 ? 204 SER A C   1 
ATOM   1115 O O   . SER A 1 139 ? -0.767  -12.039 -2.048  1.00 44.40 ? 204 SER A O   1 
ATOM   1116 C CB  . SER A 1 139 ? 2.119   -10.923 -2.083  1.00 46.18 ? 204 SER A CB  1 
ATOM   1117 O OG  . SER A 1 139 ? 3.403   -10.621 -2.597  1.00 45.65 ? 204 SER A OG  1 
ATOM   1118 N N   . ASP A 1 140 ? 0.501   -13.583 -0.987  1.00 45.98 ? 205 ASP A N   1 
ATOM   1119 C CA  . ASP A 1 140 ? -0.565  -14.042 -0.101  1.00 47.07 ? 205 ASP A CA  1 
ATOM   1120 C C   . ASP A 1 140 ? 0.062   -14.377 1.258   1.00 48.35 ? 205 ASP A C   1 
ATOM   1121 O O   . ASP A 1 140 ? 1.232   -14.068 1.487   1.00 47.46 ? 205 ASP A O   1 
ATOM   1122 C CB  . ASP A 1 140 ? -1.300  -15.252 -0.698  1.00 46.15 ? 205 ASP A CB  1 
ATOM   1123 C CG  . ASP A 1 140 ? -0.418  -16.485 -0.828  1.00 46.93 ? 205 ASP A CG  1 
ATOM   1124 O OD1 . ASP A 1 140 ? 0.793   -16.405 -0.514  1.00 45.35 ? 205 ASP A OD1 1 
ATOM   1125 O OD2 . ASP A 1 140 ? -0.949  -17.544 -1.255  1.00 44.21 ? 205 ASP A OD2 1 
ATOM   1126 N N   . ASP A 1 141 ? -0.702  -14.995 2.156   1.00 50.12 ? 206 ASP A N   1 
ATOM   1127 C CA  . ASP A 1 141 ? -0.186  -15.338 3.483   1.00 51.71 ? 206 ASP A CA  1 
ATOM   1128 C C   . ASP A 1 141 ? 1.107   -16.155 3.476   1.00 52.25 ? 206 ASP A C   1 
ATOM   1129 O O   . ASP A 1 141 ? 1.799   -16.228 4.489   1.00 51.66 ? 206 ASP A O   1 
ATOM   1130 C CB  . ASP A 1 141 ? -1.240  -16.091 4.298   1.00 52.73 ? 206 ASP A CB  1 
ATOM   1131 C CG  . ASP A 1 141 ? -2.336  -15.182 4.819   1.00 54.23 ? 206 ASP A CG  1 
ATOM   1132 O OD1 . ASP A 1 141 ? -2.035  -14.028 5.194   1.00 54.31 ? 206 ASP A OD1 1 
ATOM   1133 O OD2 . ASP A 1 141 ? -3.501  -15.630 4.872   1.00 56.21 ? 206 ASP A OD2 1 
ATOM   1134 N N   . THR A 1 142 ? 1.428   -16.764 2.340   1.00 53.09 ? 207 THR A N   1 
ATOM   1135 C CA  . THR A 1 142 ? 2.636   -17.571 2.214   1.00 54.26 ? 207 THR A CA  1 
ATOM   1136 C C   . THR A 1 142 ? 3.898   -16.745 2.461   1.00 55.43 ? 207 THR A C   1 
ATOM   1137 O O   . THR A 1 142 ? 4.003   -15.603 2.006   1.00 53.88 ? 207 THR A O   1 
ATOM   1138 C CB  . THR A 1 142 ? 2.744   -18.200 0.804   1.00 54.81 ? 207 THR A CB  1 
ATOM   1139 O OG1 . THR A 1 142 ? 1.621   -19.057 0.574   1.00 54.90 ? 207 THR A OG1 1 
ATOM   1140 C CG2 . THR A 1 142 ? 4.027   -19.010 0.673   1.00 55.23 ? 207 THR A CG2 1 
ATOM   1141 N N   . VAL A 1 143 ? 4.847   -17.336 3.185   1.00 56.82 ? 208 VAL A N   1 
ATOM   1142 C CA  . VAL A 1 143 ? 6.118   -16.686 3.481   1.00 58.67 ? 208 VAL A CA  1 
ATOM   1143 C C   . VAL A 1 143 ? 7.016   -16.787 2.251   1.00 60.00 ? 208 VAL A C   1 
ATOM   1144 O O   . VAL A 1 143 ? 6.969   -17.779 1.519   1.00 60.38 ? 208 VAL A O   1 
ATOM   1145 C CB  . VAL A 1 143 ? 6.831   -17.365 4.674   1.00 59.04 ? 208 VAL A CB  1 
ATOM   1146 C CG1 . VAL A 1 143 ? 8.200   -16.734 4.904   1.00 60.06 ? 208 VAL A CG1 1 
ATOM   1147 C CG2 . VAL A 1 143 ? 5.983   -17.234 5.923   1.00 60.05 ? 208 VAL A CG2 1 
ATOM   1148 N N   . SER A 1 144 ? 7.826   -15.757 2.023   1.00 61.36 ? 209 SER A N   1 
ATOM   1149 C CA  . SER A 1 144 ? 8.736   -15.733 0.881   1.00 62.87 ? 209 SER A CA  1 
ATOM   1150 C C   . SER A 1 144 ? 9.932   -16.657 1.082   1.00 63.44 ? 209 SER A C   1 
ATOM   1151 O O   . SER A 1 144 ? 10.202  -17.468 0.170   1.00 63.92 ? 209 SER A O   1 
ATOM   1152 C CB  . SER A 1 144 ? 9.230   -14.307 0.624   1.00 63.47 ? 209 SER A CB  1 
ATOM   1153 O OG  . SER A 1 144 ? 8.176   -13.481 0.163   1.00 65.46 ? 209 SER A OG  1 
ATOM   1154 O OXT . SER A 1 144 ? 10.593  -16.553 2.137   1.00 63.98 ? 209 SER A OXT 1 
HETATM 1155 O O   . HOH B 2 .   ? -4.921  -7.664  -0.745  1.00 34.82 ? 300 HOH A O   1 
HETATM 1156 O O   . HOH B 2 .   ? 9.808   -1.495  1.822   1.00 32.84 ? 301 HOH A O   1 
HETATM 1157 O O   . HOH B 2 .   ? -13.486 4.822   -9.888  1.00 44.34 ? 302 HOH A O   1 
HETATM 1158 O O   . HOH B 2 .   ? 13.492  0.106   12.571  1.00 43.26 ? 303 HOH A O   1 
HETATM 1159 O O   . HOH B 2 .   ? 3.066   -14.670 -0.488  1.00 35.68 ? 304 HOH A O   1 
HETATM 1160 O O   . HOH B 2 .   ? 11.286  -3.600  -0.504  1.00 49.68 ? 305 HOH A O   1 
HETATM 1161 O O   . HOH B 2 .   ? -10.852 -0.579  -11.854 1.00 41.29 ? 306 HOH A O   1 
HETATM 1162 O O   . HOH B 2 .   ? 8.513   0.585   8.594   1.00 32.80 ? 307 HOH A O   1 
HETATM 1163 O O   . HOH B 2 .   ? -4.094  -2.374  8.976   1.00 36.90 ? 308 HOH A O   1 
HETATM 1164 O O   . HOH B 2 .   ? 15.745  5.169   8.385   1.00 33.15 ? 309 HOH A O   1 
HETATM 1165 O O   . HOH B 2 .   ? -11.648 6.899   -5.972  1.00 33.49 ? 310 HOH A O   1 
HETATM 1166 O O   . HOH B 2 .   ? 16.353  -9.760  7.248   1.00 30.01 ? 311 HOH A O   1 
HETATM 1167 O O   . HOH B 2 .   ? 10.617  -10.727 1.176   1.00 46.61 ? 312 HOH A O   1 
HETATM 1168 O O   . HOH B 2 .   ? -12.442 19.805  -6.309  1.00 41.51 ? 313 HOH A O   1 
HETATM 1169 O O   . HOH B 2 .   ? 11.759  -6.874  17.235  1.00 41.68 ? 314 HOH A O   1 
HETATM 1170 O O   . HOH B 2 .   ? -2.059  -3.313  10.336  1.00 35.73 ? 315 HOH A O   1 
HETATM 1171 O O   . HOH B 2 .   ? 10.793  -3.079  -5.830  1.00 52.53 ? 316 HOH A O   1 
HETATM 1172 O O   . HOH B 2 .   ? -5.762  -9.384  -2.709  1.00 43.00 ? 317 HOH A O   1 
HETATM 1173 O O   . HOH B 2 .   ? 15.411  0.718   10.437  1.00 34.54 ? 318 HOH A O   1 
HETATM 1174 O O   . HOH B 2 .   ? 2.977   6.544   -3.174  1.00 44.71 ? 319 HOH A O   1 
HETATM 1175 O O   . HOH B 2 .   ? 13.342  6.461   8.985   1.00 45.32 ? 320 HOH A O   1 
HETATM 1176 O O   . HOH B 2 .   ? -7.845  3.935   -16.037 1.00 41.80 ? 321 HOH A O   1 
HETATM 1177 O O   . HOH B 2 .   ? 0.989   4.900   -2.334  1.00 37.21 ? 322 HOH A O   1 
HETATM 1178 O O   . HOH B 2 .   ? -16.835 1.615   0.146   1.00 52.79 ? 323 HOH A O   1 
HETATM 1179 O O   . HOH B 2 .   ? 2.350   -1.209  17.506  1.00 41.31 ? 324 HOH A O   1 
HETATM 1180 O O   . HOH B 2 .   ? -5.818  9.114   -1.107  1.00 50.29 ? 325 HOH A O   1 
HETATM 1181 O O   . HOH B 2 .   ? -1.057  10.268  -0.810  1.00 60.36 ? 326 HOH A O   1 
HETATM 1182 O O   . HOH B 2 .   ? -6.055  21.457  -13.294 1.00 61.22 ? 327 HOH A O   1 
HETATM 1183 O O   . HOH B 2 .   ? -11.501 1.226   2.277   1.00 41.81 ? 328 HOH A O   1 
HETATM 1184 O O   . HOH B 2 .   ? 15.562  -4.929  9.386   1.00 60.05 ? 329 HOH A O   1 
HETATM 1185 O O   . HOH B 2 .   ? -0.880  13.299  -3.221  1.00 42.30 ? 330 HOH A O   1 
HETATM 1186 O O   . HOH B 2 .   ? 10.977  0.594   0.553   1.00 43.76 ? 331 HOH A O   1 
HETATM 1187 O O   . HOH B 2 .   ? 5.839   -15.106 20.828  1.00 64.74 ? 332 HOH A O   1 
HETATM 1188 O O   . HOH B 2 .   ? -12.722 -11.444 0.314   1.00 37.96 ? 333 HOH A O   1 
HETATM 1189 O O   . HOH B 2 .   ? -4.834  -13.816 6.211   1.00 44.75 ? 334 HOH A O   1 
HETATM 1190 O O   . HOH B 2 .   ? 1.446   -3.877  18.564  1.00 56.13 ? 335 HOH A O   1 
HETATM 1191 O O   . HOH B 2 .   ? -13.823 6.246   -7.810  1.00 37.31 ? 336 HOH A O   1 
HETATM 1192 O O   . HOH B 2 .   ? 10.983  -1.940  -3.344  1.00 55.83 ? 337 HOH A O   1 
HETATM 1193 O O   . HOH B 2 .   ? 2.276   9.219   -3.815  1.00 52.73 ? 338 HOH A O   1 
HETATM 1194 O O   . HOH B 2 .   ? 0.471   -5.419  -5.204  1.00 56.66 ? 339 HOH A O   1 
HETATM 1195 O O   . HOH B 2 .   ? -0.520  -17.027 13.289  1.00 51.24 ? 340 HOH A O   1 
HETATM 1196 O O   . HOH B 2 .   ? 12.560  -4.935  19.609  1.00 63.26 ? 341 HOH A O   1 
HETATM 1197 O O   . HOH B 2 .   ? 2.611   -0.242  -23.899 1.00 75.92 ? 342 HOH A O   1 
HETATM 1198 O O   . HOH B 2 .   ? 13.258  -13.682 14.602  1.00 47.94 ? 343 HOH A O   1 
HETATM 1199 O O   . HOH B 2 .   ? -13.393 3.714   2.437   1.00 51.74 ? 344 HOH A O   1 
HETATM 1200 O O   . HOH B 2 .   ? 12.315  -12.680 1.901   1.00 41.86 ? 345 HOH A O   1 
HETATM 1201 O O   . HOH B 2 .   ? -10.816 5.311   1.727   1.00 59.18 ? 346 HOH A O   1 
HETATM 1202 O O   . HOH B 2 .   ? -12.876 0.247   -9.172  1.00 52.18 ? 347 HOH A O   1 
HETATM 1203 O O   . HOH B 2 .   ? 18.099  -0.622  4.134   1.00 50.24 ? 348 HOH A O   1 
HETATM 1204 O O   . HOH B 2 .   ? -10.399 23.975  -12.371 1.00 55.57 ? 349 HOH A O   1 
HETATM 1205 O O   . HOH B 2 .   ? -11.344 -8.289  -2.894  1.00 37.85 ? 350 HOH A O   1 
HETATM 1206 O O   . HOH B 2 .   ? -14.438 2.628   -10.284 1.00 57.34 ? 351 HOH A O   1 
HETATM 1207 O O   . HOH B 2 .   ? 14.653  -11.482 10.135  1.00 45.91 ? 352 HOH A O   1 
HETATM 1208 O O   . HOH B 2 .   ? 6.363   0.230   7.142   1.00 49.10 ? 353 HOH A O   1 
HETATM 1209 O O   . HOH B 2 .   ? 1.550   -13.223 13.763  1.00 41.79 ? 354 HOH A O   1 
HETATM 1210 O O   . HOH B 2 .   ? 14.581  -3.011  12.617  0.50 88.92 ? 355 HOH A O   1 
HETATM 1211 O O   . HOH B 2 .   ? -3.810  -11.673 -5.317  1.00 47.85 ? 356 HOH A O   1 
HETATM 1212 O O   . HOH B 2 .   ? 11.490  -5.586  -3.207  1.00 49.71 ? 357 HOH A O   1 
HETATM 1213 O O   . HOH B 2 .   ? -6.644  -13.962 13.257  1.00 58.42 ? 358 HOH A O   1 
HETATM 1214 O O   . HOH B 2 .   ? -12.123 -12.542 6.748   1.00 54.28 ? 359 HOH A O   1 
HETATM 1215 O O   . HOH B 2 .   ? -0.745  18.838  -10.545 1.00 49.50 ? 360 HOH A O   1 
HETATM 1216 O O   . HOH B 2 .   ? 9.902   -10.703 -1.694  1.00 67.42 ? 361 HOH A O   1 
HETATM 1217 O O   . HOH B 2 .   ? 1.896   3.851   11.808  1.00 63.36 ? 362 HOH A O   1 
HETATM 1218 O O   . HOH B 2 .   ? 18.000  6.723   8.375   1.00 43.66 ? 363 HOH A O   1 
HETATM 1219 O O   . HOH B 2 .   ? -9.219  -13.860 5.424   0.50 76.62 ? 364 HOH A O   1 
HETATM 1220 O O   . HOH B 2 .   ? 1.470   8.285   3.053   1.00 48.70 ? 365 HOH A O   1 
HETATM 1221 O O   . HOH B 2 .   ? -3.957  -9.757  -8.773  1.00 91.79 ? 366 HOH A O   1 
HETATM 1222 O O   . HOH B 2 .   ? 2.480   4.427   -0.083  1.00 48.26 ? 367 HOH A O   1 
HETATM 1223 O O   . HOH B 2 .   ? 1.813   -18.143 -8.080  1.00 58.57 ? 368 HOH A O   1 
HETATM 1224 O O   . HOH B 2 .   ? -5.781  3.562   8.235   1.00 52.69 ? 369 HOH A O   1 
HETATM 1225 O O   . HOH B 2 .   ? 5.759   5.614   14.248  1.00 78.71 ? 370 HOH A O   1 
HETATM 1226 O O   . HOH B 2 .   ? 15.401  -16.678 1.696   1.00 57.87 ? 371 HOH A O   1 
HETATM 1227 O O   . HOH B 2 .   ? 7.957   -2.613  5.574   1.00 45.03 ? 372 HOH A O   1 
HETATM 1228 O O   . HOH B 2 .   ? -4.150  -12.015 -0.703  1.00 41.83 ? 373 HOH A O   1 
HETATM 1229 O O   . HOH B 2 .   ? 7.406   -8.143  -1.790  1.00 46.80 ? 374 HOH A O   1 
HETATM 1230 O O   . HOH B 2 .   ? -13.685 7.414   -3.787  1.00 47.43 ? 375 HOH A O   1 
HETATM 1231 O O   . HOH B 2 .   ? 4.612   -9.514  20.323  1.00 52.89 ? 376 HOH A O   1 
HETATM 1232 O O   . HOH B 2 .   ? -14.278 12.641  -9.965  1.00 62.87 ? 377 HOH A O   1 
HETATM 1233 O O   . HOH B 2 .   ? 6.327   8.971   7.063   1.00 53.74 ? 378 HOH A O   1 
HETATM 1234 O O   . HOH B 2 .   ? 2.690   -4.138  -6.430  1.00 41.33 ? 379 HOH A O   1 
HETATM 1235 O O   . HOH B 2 .   ? -16.502 13.784  -17.465 1.00 67.13 ? 380 HOH A O   1 
HETATM 1236 O O   . HOH B 2 .   ? -14.782 -1.479  -1.273  1.00 61.31 ? 381 HOH A O   1 
HETATM 1237 O O   . HOH B 2 .   ? 13.894  -19.543 11.625  1.00 60.99 ? 382 HOH A O   1 
HETATM 1238 O O   . HOH B 2 .   ? -5.351  13.075  0.957   1.00 50.27 ? 383 HOH A O   1 
HETATM 1239 O O   . HOH B 2 .   ? 8.370   0.592   -9.701  1.00 58.52 ? 384 HOH A O   1 
HETATM 1240 O O   . HOH B 2 .   ? -6.098  10.561  -19.031 1.00 54.36 ? 385 HOH A O   1 
HETATM 1241 O O   . HOH B 2 .   ? -1.549  -6.773  19.688  1.00 75.45 ? 386 HOH A O   1 
HETATM 1242 O O   . HOH B 2 .   ? -3.798  -2.892  12.799  1.00 63.54 ? 387 HOH A O   1 
HETATM 1243 O O   . HOH B 2 .   ? -0.929  2.276   18.849  1.00 61.52 ? 388 HOH A O   1 
HETATM 1244 O O   . HOH B 2 .   ? -6.602  21.387  -16.234 1.00 63.44 ? 389 HOH A O   1 
HETATM 1245 O O   . HOH B 2 .   ? 3.379   -15.178 -4.267  1.00 67.45 ? 390 HOH A O   1 
HETATM 1246 O O   . HOH B 2 .   ? 9.996   -15.662 17.481  1.00 50.73 ? 391 HOH A O   1 
HETATM 1247 O O   . HOH B 2 .   ? -0.638  -15.474 7.860   1.00 54.36 ? 392 HOH A O   1 
HETATM 1248 O O   . HOH B 2 .   ? 8.427   -14.167 -4.384  1.00 61.86 ? 393 HOH A O   1 
HETATM 1249 O O   . HOH B 2 .   ? 9.984   -7.498  -4.789  1.00 60.27 ? 394 HOH A O   1 
HETATM 1250 O O   . HOH B 2 .   ? -6.264  -10.652 2.985   1.00 51.10 ? 395 HOH A O   1 
HETATM 1251 O O   . HOH B 2 .   ? 13.757  -16.070 11.568  1.00 62.27 ? 396 HOH A O   1 
HETATM 1252 O O   . HOH B 2 .   ? 11.431  -17.107 4.553   1.00 62.93 ? 397 HOH A O   1 
HETATM 1253 O O   . HOH B 2 .   ? -1.070  6.544   15.876  1.00 61.46 ? 398 HOH A O   1 
HETATM 1254 O O   . HOH B 2 .   ? -0.052  4.778   -22.628 1.00 70.40 ? 399 HOH A O   1 
HETATM 1255 O O   . HOH B 2 .   ? 13.144  -0.347  15.620  0.50 78.28 ? 400 HOH A O   1 
HETATM 1256 O O   . HOH B 2 .   ? -16.086 5.009   -5.945  1.00 52.37 ? 401 HOH A O   1 
HETATM 1257 O O   . HOH B 2 .   ? 12.793  -17.159 0.443   1.00 53.62 ? 402 HOH A O   1 
HETATM 1258 O O   . HOH B 2 .   ? -8.151  19.669  -17.464 1.00 64.70 ? 403 HOH A O   1 
HETATM 1259 O O   . HOH B 2 .   ? -12.058 8.710   -14.611 1.00 50.11 ? 404 HOH A O   1 
HETATM 1260 O O   . HOH B 2 .   ? -2.192  13.536  -15.288 1.00 52.41 ? 405 HOH A O   1 
HETATM 1261 O O   . HOH B 2 .   ? -6.186  12.791  4.030   1.00 56.29 ? 406 HOH A O   1 
HETATM 1262 O O   . HOH B 2 .   ? -14.613 3.703   -13.876 1.00 68.42 ? 407 HOH A O   1 
HETATM 1263 O O   . HOH B 2 .   ? 0.754   9.443   5.146   1.00 65.61 ? 408 HOH A O   1 
HETATM 1264 O O   . HOH B 2 .   ? -12.547 2.093   -15.177 1.00 67.62 ? 409 HOH A O   1 
HETATM 1265 O O   . HOH B 2 .   ? -16.468 9.871   -3.032  1.00 59.58 ? 410 HOH A O   1 
HETATM 1266 O O   . HOH B 2 .   ? 2.510   15.653  -11.281 1.00 61.25 ? 411 HOH A O   1 
HETATM 1267 O O   . HOH B 2 .   ? 0.524   7.173   -24.458 1.00 65.08 ? 412 HOH A O   1 
HETATM 1268 O O   . HOH B 2 .   ? -9.384  18.764  -19.885 1.00 57.82 ? 413 HOH A O   1 
HETATM 1269 O O   . HOH B 2 .   ? 1.510   -21.923 1.677   1.00 57.49 ? 414 HOH A O   1 
HETATM 1270 O O   . HOH B 2 .   ? -10.022 -5.910  10.135  1.00 67.17 ? 415 HOH A O   1 
HETATM 1271 O O   . HOH B 2 .   ? -2.420  12.580  -23.233 1.00 70.89 ? 416 HOH A O   1 
HETATM 1272 O O   . HOH B 2 .   ? -18.098 -8.902  8.915   1.00 67.33 ? 417 HOH A O   1 
HETATM 1273 O O   . HOH B 2 .   ? 15.888  4.376   12.606  1.00 75.76 ? 418 HOH A O   1 
HETATM 1274 O O   . HOH B 2 .   ? 15.363  -19.332 -0.573  1.00 60.20 ? 419 HOH A O   1 
HETATM 1275 O O   . HOH B 2 .   ? -6.085  -5.228  17.054  1.00 70.57 ? 420 HOH A O   1 
HETATM 1276 O O   . HOH B 2 .   ? 4.184   -19.084 -5.951  1.00 59.84 ? 421 HOH A O   1 
HETATM 1277 O O   . HOH B 2 .   ? 3.039   12.006  -7.203  1.00 56.80 ? 422 HOH A O   1 
HETATM 1278 O O   . HOH B 2 .   ? -5.601  6.644   3.317   1.00 66.26 ? 423 HOH A O   1 
HETATM 1279 O O   . HOH B 2 .   ? 4.860   15.164  14.645  1.00 75.80 ? 424 HOH A O   1 
HETATM 1280 O O   . HOH B 2 .   ? 2.552   4.848   -18.876 1.00 58.08 ? 425 HOH A O   1 
HETATM 1281 O O   . HOH B 2 .   ? -3.152  8.352   1.226   1.00 64.92 ? 426 HOH A O   1 
HETATM 1282 O O   . HOH B 2 .   ? -14.009 5.855   -15.719 1.00 64.66 ? 427 HOH A O   1 
HETATM 1283 O O   . HOH B 2 .   ? -3.228  -4.394  -19.542 0.50 57.74 ? 428 HOH A O   1 
HETATM 1284 O O   . HOH B 2 .   ? -10.183 -4.586  -8.218  1.00 75.73 ? 429 HOH A O   1 
HETATM 1285 O O   . HOH B 2 .   ? -8.781  -11.982 12.759  1.00 67.20 ? 430 HOH A O   1 
HETATM 1286 O O   . HOH B 2 .   ? 11.172  0.047   -6.000  1.00 59.37 ? 431 HOH A O   1 
HETATM 1287 O O   . HOH B 2 .   ? -10.369 21.973  -19.886 1.00 64.04 ? 432 HOH A O   1 
HETATM 1288 O O   . HOH B 2 .   ? 8.121   13.106  23.780  1.00 60.88 ? 433 HOH A O   1 
HETATM 1289 O O   . HOH B 2 .   ? 4.219   -17.116 -8.252  1.00 77.72 ? 434 HOH A O   1 
HETATM 1290 O O   . HOH B 2 .   ? -3.532  14.989  1.842   1.00 58.59 ? 435 HOH A O   1 
HETATM 1291 O O   . HOH B 2 .   ? -8.763  -10.354 14.689  1.00 73.76 ? 436 HOH A O   1 
HETATM 1292 O O   . HOH B 2 .   ? 15.649  -16.739 -1.640  1.00 58.61 ? 437 HOH A O   1 
HETATM 1293 O O   . HOH B 2 .   ? -13.667 11.172  -19.591 1.00 69.48 ? 438 HOH A O   1 
HETATM 1294 O O   . HOH B 2 .   ? 3.181   -11.900 16.173  1.00 59.02 ? 439 HOH A O   1 
HETATM 1295 O O   . HOH B 2 .   ? 6.609   -21.703 1.913   1.00 61.65 ? 440 HOH A O   1 
HETATM 1296 O O   . HOH B 2 .   ? -14.137 4.069   7.420   1.00 65.33 ? 441 HOH A O   1 
# 
